data_3GE1
#
_entry.id   3GE1
#
_cell.length_a   63.412
_cell.length_b   193.651
_cell.length_c   91.844
_cell.angle_alpha   90.00
_cell.angle_beta   106.01
_cell.angle_gamma   90.00
#
_symmetry.space_group_name_H-M   'P 1 21 1'
#
loop_
_entity.id
_entity.type
_entity.pdbx_description
1 polymer 'Glycerol kinase'
2 non-polymer "ADENOSINE-5'-DIPHOSPHATE"
3 non-polymer GLYCEROL
4 non-polymer 'PHOSPHATE ION'
5 non-polymer 'CHLORIDE ION'
6 water water
#
_entity_poly.entity_id   1
_entity_poly.type   'polypeptide(L)'
_entity_poly.pdbx_seq_one_letter_code
;SNA(MSE)EKYILSIDQGTTSSRAILFNQKGEIAGVAQREFKQYFPQSGWVEHDANEIWTSVLAV(MSE)TEVINENDVR
ADQIAGIGITNQRETTVVWDKHTGRPIYHAIVWQSRQTQSICSELKQQGYEQTFRDKTGLLLDPYFAGTKVKWILDNVEG
AREKAENGDLLFGTIDTWLVWKLSGKAAHITDYSNASRTL(MSE)FNIHDLEWDDELLELLTVPKN(MSE)LPEVKASSE
VYGKTIDYHFYGQEVPIAGVAGDQQAALFGQACFERGDVKNTYGTGGF(MSE)L(MSE)NTGDKAVKSESGLLTTIAYGI
DGKVNYALEGSIFVSGSAIQWLRDGLR(MSE)INSAPQSESYATRVDSTEGVYVVPAFVGLGTPYWDSEARGAIFGLTRG
TEKEHFIRATLESLCYQTRDV(MSE)EA(MSE)SKDSGIDVQSLRVDGGAVKNNFI(MSE)QFQADIVNTSVERPEIQET
TALGAAFLAGLAVGFWESKDDIAKNWKLEEKFDPK(MSE)DEGEREKLYRGWKKAVEATQVFKTE
;
_entity_poly.pdbx_strand_id   A,B,C,D
#
# COMPACT_ATOMS: atom_id res chain seq x y z
N ALA A 3 -8.08 9.06 46.04
CA ALA A 3 -6.71 9.53 46.09
C ALA A 3 -6.04 9.03 47.35
N GLU A 5 -7.08 5.43 47.81
CA GLU A 5 -7.40 4.05 47.55
C GLU A 5 -6.12 3.33 47.20
N LYS A 6 -6.19 2.01 47.25
CA LYS A 6 -5.07 1.17 46.95
C LYS A 6 -5.45 0.43 45.72
N TYR A 7 -4.48 -0.21 45.08
CA TYR A 7 -4.74 -0.98 43.88
C TYR A 7 -3.88 -2.24 43.87
N ILE A 8 -4.25 -3.19 43.02
CA ILE A 8 -3.47 -4.40 42.84
C ILE A 8 -2.87 -4.34 41.46
N LEU A 9 -1.56 -4.46 41.36
CA LEU A 9 -0.89 -4.44 40.07
C LEU A 9 -0.81 -5.86 39.52
N SER A 10 -1.28 -6.03 38.28
CA SER A 10 -1.20 -7.33 37.60
C SER A 10 -0.24 -7.20 36.43
N ILE A 11 0.63 -8.19 36.30
CA ILE A 11 1.56 -8.22 35.18
C ILE A 11 1.32 -9.48 34.38
N ASP A 12 0.92 -9.31 33.12
CA ASP A 12 0.71 -10.44 32.23
C ASP A 12 1.82 -10.43 31.20
N GLN A 13 2.84 -11.26 31.41
CA GLN A 13 3.95 -11.34 30.47
C GLN A 13 3.60 -12.39 29.45
N GLY A 14 2.93 -11.94 28.39
CA GLY A 14 2.49 -12.82 27.30
C GLY A 14 3.60 -13.13 26.29
N THR A 15 3.27 -14.00 25.34
CA THR A 15 4.23 -14.47 24.35
C THR A 15 4.71 -13.36 23.41
N THR A 16 3.81 -12.45 23.06
CA THR A 16 4.18 -11.38 22.12
C THR A 16 4.17 -9.98 22.72
N SER A 17 3.65 -9.83 23.94
CA SER A 17 3.64 -8.52 24.60
C SER A 17 3.50 -8.63 26.10
N SER A 18 3.98 -7.62 26.81
CA SER A 18 3.89 -7.56 28.26
C SER A 18 2.84 -6.51 28.62
N ARG A 19 2.11 -6.75 29.70
CA ARG A 19 1.04 -5.85 30.10
C ARG A 19 0.99 -5.65 31.60
N ALA A 20 0.66 -4.42 32.00
CA ALA A 20 0.52 -4.07 33.41
C ALA A 20 -0.87 -3.45 33.61
N ILE A 21 -1.66 -4.03 34.51
CA ILE A 21 -3.03 -3.56 34.71
C ILE A 21 -3.35 -3.29 36.17
N LEU A 22 -3.89 -2.10 36.44
CA LEU A 22 -4.28 -1.71 37.81
C LEU A 22 -5.74 -2.07 38.09
N PHE A 23 -6.03 -2.48 39.32
CA PHE A 23 -7.40 -2.84 39.72
C PHE A 23 -7.84 -2.22 41.04
N ASN A 24 -8.98 -1.54 41.03
CA ASN A 24 -9.52 -0.93 42.23
C ASN A 24 -10.37 -1.94 43.03
N GLN A 25 -10.71 -1.58 44.26
CA GLN A 25 -11.53 -2.44 45.10
C GLN A 25 -12.70 -3.04 44.33
N LYS A 26 -13.36 -2.21 43.53
CA LYS A 26 -14.55 -2.63 42.78
C LYS A 26 -14.26 -3.63 41.64
N GLY A 27 -12.98 -3.96 41.45
CA GLY A 27 -12.58 -4.92 40.42
C GLY A 27 -12.57 -4.34 39.01
N GLU A 28 -12.36 -3.04 38.92
CA GLU A 28 -12.34 -2.34 37.64
C GLU A 28 -10.91 -1.96 37.24
N ILE A 29 -10.70 -1.70 35.96
CA ILE A 29 -9.39 -1.35 35.47
C ILE A 29 -9.13 0.13 35.72
N ALA A 30 -8.08 0.41 36.48
CA ALA A 30 -7.71 1.76 36.80
C ALA A 30 -6.62 2.25 35.87
N GLY A 31 -6.18 1.38 34.96
CA GLY A 31 -5.12 1.72 34.01
C GLY A 31 -4.51 0.51 33.33
N VAL A 32 -4.02 0.69 32.11
CA VAL A 32 -3.42 -0.39 31.32
C VAL A 32 -2.21 0.09 30.52
N ALA A 33 -1.16 -0.72 30.51
CA ALA A 33 0.07 -0.37 29.76
C ALA A 33 0.63 -1.62 29.10
N GLN A 34 0.84 -1.54 27.79
CA GLN A 34 1.33 -2.66 27.03
C GLN A 34 2.62 -2.33 26.28
N ARG A 35 3.38 -3.36 25.98
CA ARG A 35 4.62 -3.18 25.29
C ARG A 35 4.97 -4.50 24.65
N GLU A 36 5.47 -4.47 23.42
CA GLU A 36 5.86 -5.71 22.73
C GLU A 36 7.36 -5.94 22.83
N PHE A 37 7.80 -7.13 22.44
CA PHE A 37 9.23 -7.47 22.44
C PHE A 37 9.53 -8.40 21.28
N LYS A 38 10.75 -8.35 20.78
CA LYS A 38 11.14 -9.11 19.60
C LYS A 38 10.98 -10.62 19.73
N GLN A 39 10.43 -11.20 18.67
CA GLN A 39 10.23 -12.63 18.56
C GLN A 39 11.30 -13.10 17.61
N TYR A 40 12.20 -13.96 18.08
CA TYR A 40 13.28 -14.46 17.24
C TYR A 40 12.93 -15.81 16.65
N PHE A 41 13.20 -15.95 15.35
CA PHE A 41 12.96 -17.20 14.64
C PHE A 41 14.26 -17.57 13.89
N PRO A 42 15.30 -18.00 14.64
CA PRO A 42 16.60 -18.33 14.04
C PRO A 42 16.52 -19.41 12.96
N GLN A 43 15.62 -20.37 13.12
CA GLN A 43 15.44 -21.45 12.16
C GLN A 43 13.97 -21.81 12.14
N SER A 44 13.57 -22.61 11.15
CA SER A 44 12.18 -23.04 11.04
C SER A 44 11.72 -23.82 12.25
N GLY A 45 10.66 -23.35 12.89
CA GLY A 45 10.11 -24.02 14.05
C GLY A 45 10.67 -23.50 15.35
N TRP A 46 11.85 -22.90 15.27
CA TRP A 46 12.48 -22.31 16.45
C TRP A 46 11.75 -21.02 16.82
N VAL A 47 11.61 -20.78 18.12
CA VAL A 47 10.99 -19.56 18.62
C VAL A 47 11.72 -19.21 19.92
N GLU A 48 12.29 -18.02 19.98
CA GLU A 48 13.05 -17.60 21.15
C GLU A 48 12.80 -16.12 21.50
N HIS A 49 12.89 -15.81 22.79
CA HIS A 49 12.82 -14.44 23.26
C HIS A 49 14.16 -14.12 23.93
N ASP A 50 14.41 -12.83 24.14
CA ASP A 50 15.57 -12.38 24.89
C ASP A 50 15.06 -12.10 26.31
N ALA A 51 15.42 -12.96 27.25
CA ALA A 51 14.96 -12.84 28.64
C ALA A 51 15.15 -11.42 29.17
N ASN A 52 16.32 -10.85 28.93
CA ASN A 52 16.59 -9.49 29.34
C ASN A 52 15.52 -8.54 28.80
N GLU A 53 15.21 -8.69 27.52
CA GLU A 53 14.22 -7.85 26.88
C GLU A 53 12.83 -8.02 27.51
N ILE A 54 12.56 -9.21 28.01
CA ILE A 54 11.30 -9.47 28.67
C ILE A 54 11.27 -8.73 30.00
N TRP A 55 12.38 -8.78 30.72
CA TRP A 55 12.47 -8.11 32.00
C TRP A 55 12.28 -6.61 31.81
N THR A 56 13.06 -6.03 30.91
CA THR A 56 12.95 -4.60 30.66
C THR A 56 11.54 -4.21 30.16
N SER A 57 10.84 -5.12 29.49
CA SER A 57 9.48 -4.82 29.01
C SER A 57 8.48 -4.81 30.17
N VAL A 58 8.67 -5.72 31.11
CA VAL A 58 7.82 -5.78 32.30
C VAL A 58 8.06 -4.53 33.14
N LEU A 59 9.33 -4.18 33.23
CA LEU A 59 9.76 -3.03 34.00
C LEU A 59 9.17 -1.76 33.33
N ALA A 60 8.99 -1.83 32.02
CA ALA A 60 8.44 -0.69 31.24
C ALA A 60 6.96 -0.47 31.48
N VAL A 61 6.16 -1.53 31.32
CA VAL A 61 4.72 -1.41 31.50
C VAL A 61 4.36 -0.97 32.91
N THR A 63 6.24 0.99 35.06
CA THR A 63 6.56 2.41 35.12
C THR A 63 5.48 3.21 34.42
N GLU A 64 5.06 2.68 33.28
CA GLU A 64 4.07 3.31 32.45
C GLU A 64 2.68 3.41 33.10
N VAL A 65 2.15 2.28 33.56
CA VAL A 65 0.80 2.25 34.13
C VAL A 65 0.56 3.18 35.34
N ILE A 66 1.55 3.26 36.25
CA ILE A 66 1.40 4.12 37.43
C ILE A 66 1.64 5.61 37.12
N ASN A 67 2.65 5.89 36.30
CA ASN A 67 2.97 7.27 35.94
C ASN A 67 1.94 7.96 35.08
N GLU A 68 1.12 7.18 34.37
CA GLU A 68 0.14 7.78 33.46
C GLU A 68 -1.30 7.47 33.80
N ASN A 69 -1.55 7.18 35.08
CA ASN A 69 -2.89 6.94 35.58
C ASN A 69 -3.03 7.61 36.93
N ASP A 70 -2.07 8.46 37.25
CA ASP A 70 -2.08 9.19 38.50
C ASP A 70 -2.33 8.23 39.67
N VAL A 71 -1.38 7.32 39.88
CA VAL A 71 -1.45 6.37 40.98
C VAL A 71 -0.04 6.16 41.48
N ARG A 72 0.20 6.50 42.74
CA ARG A 72 1.52 6.36 43.33
C ARG A 72 1.85 4.92 43.63
N ALA A 73 3.16 4.61 43.68
CA ALA A 73 3.62 3.27 43.97
C ALA A 73 3.22 2.85 45.39
N ASP A 74 3.11 3.82 46.27
CA ASP A 74 2.75 3.53 47.66
C ASP A 74 1.27 3.16 47.82
N GLN A 75 0.51 3.14 46.72
CA GLN A 75 -0.91 2.76 46.78
C GLN A 75 -1.11 1.35 46.24
N ILE A 76 -0.02 0.68 45.92
CA ILE A 76 -0.08 -0.69 45.37
C ILE A 76 -0.03 -1.70 46.52
N ALA A 77 -1.19 -2.27 46.83
CA ALA A 77 -1.31 -3.24 47.92
C ALA A 77 -0.62 -4.56 47.62
N GLY A 78 -0.45 -4.88 46.34
CA GLY A 78 0.19 -6.14 45.98
C GLY A 78 0.45 -6.29 44.49
N ILE A 79 1.21 -7.31 44.12
CA ILE A 79 1.55 -7.56 42.74
C ILE A 79 1.20 -8.98 42.32
N GLY A 80 0.50 -9.10 41.19
CA GLY A 80 0.13 -10.39 40.64
C GLY A 80 0.93 -10.63 39.36
N ILE A 81 1.56 -11.80 39.24
CA ILE A 81 2.38 -12.10 38.06
C ILE A 81 1.93 -13.39 37.36
N THR A 82 1.27 -13.23 36.22
CA THR A 82 0.80 -14.36 35.39
C THR A 82 1.58 -14.33 34.08
N ASN A 83 1.81 -15.47 33.45
CA ASN A 83 2.73 -15.47 32.28
C ASN A 83 2.61 -16.55 31.21
N GLN A 84 3.38 -16.37 30.13
CA GLN A 84 3.50 -17.37 29.09
C GLN A 84 4.19 -18.57 29.73
N ARG A 85 3.58 -19.75 29.61
CA ARG A 85 4.12 -20.96 30.21
C ARG A 85 5.21 -21.65 29.38
N GLU A 86 5.84 -22.64 30.00
CA GLU A 86 6.89 -23.43 29.35
C GLU A 86 8.13 -22.64 28.96
N THR A 87 7.95 -21.40 28.50
CA THR A 87 9.11 -20.59 28.13
C THR A 87 10.17 -20.74 29.23
N THR A 88 11.31 -21.29 28.85
CA THR A 88 12.37 -21.58 29.80
C THR A 88 13.47 -20.55 29.80
N VAL A 89 13.95 -20.19 31.00
CA VAL A 89 15.07 -19.26 31.13
C VAL A 89 16.11 -19.87 32.07
N VAL A 90 17.38 -19.83 31.65
CA VAL A 90 18.49 -20.35 32.45
C VAL A 90 19.49 -19.23 32.62
N TRP A 91 19.72 -18.82 33.87
CA TRP A 91 20.63 -17.70 34.15
C TRP A 91 21.60 -17.97 35.29
N ASP A 92 22.68 -17.20 35.29
CA ASP A 92 23.70 -17.30 36.33
C ASP A 92 23.20 -16.60 37.60
N LYS A 93 23.02 -17.36 38.67
CA LYS A 93 22.55 -16.80 39.94
C LYS A 93 23.32 -15.55 40.32
N HIS A 94 24.64 -15.58 40.13
CA HIS A 94 25.52 -14.47 40.50
C HIS A 94 25.33 -13.24 39.61
N THR A 95 25.72 -13.35 38.34
CA THR A 95 25.58 -12.21 37.42
C THR A 95 24.13 -11.78 37.28
N GLY A 96 23.22 -12.75 37.36
CA GLY A 96 21.81 -12.46 37.25
C GLY A 96 21.31 -12.35 35.84
N ARG A 97 22.13 -12.75 34.87
CA ARG A 97 21.69 -12.71 33.47
C ARG A 97 21.74 -14.07 32.75
N PRO A 98 20.77 -14.30 31.84
CA PRO A 98 20.63 -15.55 31.11
C PRO A 98 21.85 -15.94 30.31
N ILE A 99 22.10 -17.24 30.23
CA ILE A 99 23.24 -17.79 29.49
C ILE A 99 22.87 -18.02 28.02
N TYR A 100 21.59 -17.79 27.69
CA TYR A 100 21.08 -18.00 26.34
C TYR A 100 19.65 -17.44 26.24
N HIS A 101 19.18 -17.17 25.02
CA HIS A 101 17.81 -16.69 24.86
C HIS A 101 16.84 -17.63 25.56
N ALA A 102 15.69 -17.12 25.98
CA ALA A 102 14.67 -17.96 26.55
C ALA A 102 14.10 -18.76 25.38
N ILE A 103 13.89 -20.06 25.59
CA ILE A 103 13.30 -20.91 24.55
C ILE A 103 11.78 -20.92 24.74
N VAL A 104 11.07 -20.23 23.85
CA VAL A 104 9.62 -20.08 23.95
C VAL A 104 8.92 -21.42 23.89
N TRP A 105 7.71 -21.48 24.45
CA TRP A 105 6.93 -22.71 24.48
C TRP A 105 6.59 -23.26 23.11
N GLN A 106 6.55 -22.42 22.10
CA GLN A 106 6.24 -22.86 20.76
C GLN A 106 7.44 -23.52 20.08
N SER A 107 8.64 -23.14 20.47
CA SER A 107 9.84 -23.64 19.81
C SER A 107 9.80 -25.15 19.56
N ARG A 108 10.43 -25.58 18.48
CA ARG A 108 10.51 -26.99 18.14
C ARG A 108 11.99 -27.40 18.06
N GLN A 109 12.87 -26.59 18.66
CA GLN A 109 14.32 -26.84 18.57
C GLN A 109 14.82 -27.99 19.44
N THR A 110 13.96 -28.45 20.34
CA THR A 110 14.31 -29.53 21.25
C THR A 110 13.76 -30.86 20.77
N GLN A 111 13.23 -30.87 19.54
CA GLN A 111 12.59 -32.07 18.96
C GLN A 111 13.37 -33.35 19.14
N SER A 112 14.62 -33.35 18.69
CA SER A 112 15.47 -34.54 18.76
C SER A 112 15.49 -35.12 20.17
N ILE A 113 15.61 -34.25 21.16
CA ILE A 113 15.60 -34.67 22.55
C ILE A 113 14.31 -35.44 22.85
N CYS A 114 13.16 -34.88 22.47
CA CYS A 114 11.88 -35.55 22.69
C CYS A 114 11.87 -36.91 22.01
N SER A 115 12.41 -36.96 20.80
CA SER A 115 12.47 -38.19 20.04
C SER A 115 13.30 -39.23 20.79
N GLU A 116 14.49 -38.83 21.24
CA GLU A 116 15.37 -39.73 21.95
C GLU A 116 14.68 -40.39 23.12
N LEU A 117 14.02 -39.58 23.93
CA LEU A 117 13.31 -40.11 25.08
C LEU A 117 12.22 -41.07 24.64
N LYS A 118 11.46 -40.69 23.61
CA LYS A 118 10.41 -41.57 23.08
C LYS A 118 10.97 -42.93 22.67
N GLN A 119 12.10 -42.90 21.96
CA GLN A 119 12.70 -44.12 21.41
C GLN A 119 13.28 -45.01 22.50
N GLN A 120 13.42 -44.45 23.69
CA GLN A 120 13.90 -45.20 24.84
C GLN A 120 12.68 -45.63 25.66
N GLY A 121 11.49 -45.31 25.14
CA GLY A 121 10.22 -45.71 25.73
C GLY A 121 9.90 -45.06 27.06
N TYR A 122 10.04 -43.74 27.12
CA TYR A 122 9.79 -43.00 28.36
C TYR A 122 8.54 -42.15 28.32
N GLU A 123 7.95 -42.00 27.15
CA GLU A 123 6.77 -41.13 27.02
C GLU A 123 5.65 -41.50 27.99
N GLN A 124 5.44 -42.79 28.20
CA GLN A 124 4.38 -43.21 29.11
C GLN A 124 4.68 -42.77 30.54
N THR A 125 5.96 -42.81 30.91
CA THR A 125 6.39 -42.40 32.24
C THR A 125 5.99 -40.95 32.52
N PHE A 126 6.42 -40.05 31.64
CA PHE A 126 6.14 -38.63 31.77
C PHE A 126 4.67 -38.31 31.83
N ARG A 127 3.84 -39.13 31.18
CA ARG A 127 2.40 -38.91 31.18
C ARG A 127 1.81 -39.18 32.55
N ASP A 128 2.13 -40.34 33.11
CA ASP A 128 1.63 -40.74 34.42
C ASP A 128 2.10 -39.80 35.52
N LYS A 129 3.27 -39.22 35.32
CA LYS A 129 3.86 -38.32 36.31
C LYS A 129 3.51 -36.85 36.11
N THR A 130 3.73 -36.32 34.90
CA THR A 130 3.48 -34.89 34.62
C THR A 130 2.11 -34.58 34.04
N GLY A 131 1.45 -35.57 33.45
CA GLY A 131 0.15 -35.37 32.82
C GLY A 131 0.30 -34.71 31.45
N LEU A 132 1.54 -34.68 30.97
CA LEU A 132 1.83 -34.06 29.69
C LEU A 132 2.24 -35.14 28.68
N LEU A 133 3.33 -34.90 27.96
CA LEU A 133 3.82 -35.86 26.97
C LEU A 133 5.17 -35.36 26.42
N LEU A 134 5.85 -36.16 25.60
CA LEU A 134 7.19 -35.76 25.06
C LEU A 134 7.12 -34.91 23.80
N ASP A 135 6.64 -33.69 23.95
CA ASP A 135 6.54 -32.74 22.86
C ASP A 135 7.51 -31.62 23.21
N PRO A 136 8.07 -30.94 22.19
CA PRO A 136 8.99 -29.82 22.48
C PRO A 136 8.31 -28.66 23.19
N TYR A 137 7.02 -28.81 23.45
CA TYR A 137 6.17 -27.79 24.05
C TYR A 137 6.49 -27.44 25.51
N PHE A 138 7.03 -28.38 26.27
CA PHE A 138 7.26 -28.18 27.70
C PHE A 138 8.73 -27.87 28.09
N ALA A 139 8.89 -27.25 29.25
CA ALA A 139 10.19 -26.73 29.71
C ALA A 139 11.36 -27.73 29.81
N GLY A 140 11.13 -28.85 30.48
CA GLY A 140 12.17 -29.86 30.67
C GLY A 140 13.20 -29.93 29.54
N THR A 141 12.75 -30.38 28.37
CA THR A 141 13.62 -30.54 27.20
C THR A 141 14.38 -29.28 26.82
N LYS A 142 13.75 -28.13 27.01
CA LYS A 142 14.38 -26.86 26.72
C LYS A 142 15.60 -26.68 27.62
N VAL A 143 15.46 -27.02 28.89
CA VAL A 143 16.56 -26.92 29.83
C VAL A 143 17.73 -27.76 29.33
N LYS A 144 17.53 -29.08 29.22
CA LYS A 144 18.58 -29.98 28.74
C LYS A 144 19.21 -29.42 27.48
N TRP A 145 18.38 -28.90 26.59
CA TRP A 145 18.86 -28.34 25.34
C TRP A 145 19.96 -27.32 25.61
N ILE A 146 19.69 -26.40 26.53
CA ILE A 146 20.66 -25.37 26.87
C ILE A 146 21.90 -25.97 27.51
N LEU A 147 21.68 -26.87 28.47
CA LEU A 147 22.77 -27.51 29.18
C LEU A 147 23.65 -28.31 28.23
N ASP A 148 23.06 -28.80 27.14
CA ASP A 148 23.77 -29.62 26.16
C ASP A 148 24.37 -28.83 24.99
N ASN A 149 23.73 -27.75 24.57
CA ASN A 149 24.16 -27.02 23.38
C ASN A 149 24.85 -25.68 23.64
N VAL A 150 24.83 -25.20 24.89
CA VAL A 150 25.47 -23.93 25.21
C VAL A 150 26.83 -24.19 25.83
N GLU A 151 27.88 -23.68 25.19
CA GLU A 151 29.25 -23.89 25.65
C GLU A 151 29.41 -23.50 27.12
N GLY A 152 29.95 -24.43 27.92
CA GLY A 152 30.18 -24.18 29.35
C GLY A 152 28.95 -24.31 30.23
N ALA A 153 27.79 -24.55 29.62
CA ALA A 153 26.53 -24.67 30.35
C ALA A 153 26.58 -25.76 31.41
N ARG A 154 27.11 -26.91 31.07
CA ARG A 154 27.21 -28.03 32.00
C ARG A 154 28.19 -27.79 33.13
N GLU A 155 29.40 -27.33 32.82
CA GLU A 155 30.38 -27.07 33.87
C GLU A 155 29.74 -26.23 34.97
N LYS A 156 29.03 -25.18 34.57
CA LYS A 156 28.42 -24.27 35.53
C LYS A 156 27.18 -24.84 36.20
N ALA A 157 26.32 -25.51 35.44
CA ALA A 157 25.10 -26.11 36.00
C ALA A 157 25.44 -27.08 37.12
N GLU A 158 26.60 -27.72 37.02
CA GLU A 158 27.02 -28.70 38.01
C GLU A 158 27.90 -28.09 39.09
N ASN A 159 27.89 -26.77 39.20
CA ASN A 159 28.61 -26.06 40.26
C ASN A 159 27.64 -25.22 41.07
N GLY A 160 26.34 -25.36 40.78
CA GLY A 160 25.30 -24.60 41.46
C GLY A 160 25.23 -23.16 40.98
N ASP A 161 26.02 -22.85 39.95
CA ASP A 161 26.10 -21.49 39.42
C ASP A 161 24.89 -21.08 38.57
N LEU A 162 24.00 -22.01 38.29
CA LEU A 162 22.85 -21.71 37.43
C LEU A 162 21.48 -21.91 38.10
N LEU A 163 20.49 -21.20 37.58
CA LEU A 163 19.12 -21.31 38.05
C LEU A 163 18.15 -21.43 36.89
N PHE A 164 17.33 -22.46 36.91
CA PHE A 164 16.29 -22.63 35.91
C PHE A 164 15.09 -21.84 36.36
N GLY A 165 14.20 -21.56 35.42
CA GLY A 165 12.97 -20.88 35.75
C GLY A 165 12.12 -20.59 34.55
N THR A 166 10.82 -20.80 34.72
CA THR A 166 9.86 -20.41 33.72
C THR A 166 9.68 -18.91 34.00
N ILE A 167 9.03 -18.18 33.11
CA ILE A 167 8.88 -16.72 33.29
C ILE A 167 8.47 -16.23 34.68
N ASP A 168 7.53 -16.91 35.33
CA ASP A 168 7.13 -16.49 36.68
C ASP A 168 8.36 -16.40 37.57
N THR A 169 9.12 -17.49 37.60
CA THR A 169 10.32 -17.58 38.42
C THR A 169 11.32 -16.49 38.07
N TRP A 170 11.46 -16.21 36.79
CA TRP A 170 12.39 -15.20 36.33
C TRP A 170 11.98 -13.82 36.81
N LEU A 171 10.69 -13.50 36.66
CA LEU A 171 10.18 -12.20 37.07
C LEU A 171 10.27 -12.00 38.58
N VAL A 172 9.67 -12.91 39.34
CA VAL A 172 9.70 -12.79 40.78
C VAL A 172 11.13 -12.70 41.31
N TRP A 173 12.04 -13.47 40.73
CA TRP A 173 13.43 -13.46 41.17
C TRP A 173 14.07 -12.09 40.97
N LYS A 174 14.01 -11.58 39.75
CA LYS A 174 14.57 -10.27 39.42
C LYS A 174 13.91 -9.14 40.24
N LEU A 175 12.57 -9.11 40.19
CA LEU A 175 11.79 -8.09 40.86
C LEU A 175 11.97 -8.10 42.38
N SER A 176 12.15 -9.28 42.96
CA SER A 176 12.37 -9.40 44.39
C SER A 176 13.83 -9.18 44.75
N GLY A 177 14.65 -8.81 43.77
CA GLY A 177 16.07 -8.59 44.01
C GLY A 177 16.81 -9.86 44.42
N LYS A 178 16.39 -10.99 43.84
CA LYS A 178 17.00 -12.31 44.10
C LYS A 178 16.59 -12.91 45.43
N ALA A 179 15.56 -12.35 46.05
CA ALA A 179 15.10 -12.83 47.36
C ALA A 179 14.29 -14.11 47.21
N ALA A 180 13.55 -14.24 46.12
CA ALA A 180 12.71 -15.42 45.90
C ALA A 180 12.98 -16.10 44.57
N HIS A 181 13.24 -17.39 44.64
CA HIS A 181 13.42 -18.19 43.45
C HIS A 181 12.38 -19.29 43.57
N ILE A 182 11.13 -18.92 43.29
CA ILE A 182 10.02 -19.83 43.46
C ILE A 182 9.12 -19.89 42.22
N THR A 183 8.13 -20.77 42.29
CA THR A 183 7.13 -20.91 41.24
C THR A 183 5.91 -21.47 41.93
N ASP A 184 4.79 -21.55 41.22
CA ASP A 184 3.61 -22.12 41.83
C ASP A 184 3.28 -23.43 41.15
N TYR A 185 2.25 -24.10 41.62
CA TYR A 185 1.87 -25.40 41.10
C TYR A 185 1.50 -25.36 39.62
N SER A 186 0.68 -24.39 39.22
CA SER A 186 0.25 -24.29 37.83
C SER A 186 1.42 -24.20 36.86
N ASN A 187 2.37 -23.31 37.14
CA ASN A 187 3.56 -23.17 36.31
C ASN A 187 4.43 -24.43 36.36
N ALA A 188 4.64 -24.96 37.56
CA ALA A 188 5.48 -26.14 37.76
C ALA A 188 5.00 -27.34 36.95
N SER A 189 3.68 -27.54 36.90
CA SER A 189 3.11 -28.69 36.20
C SER A 189 3.33 -28.68 34.70
N ARG A 190 3.89 -27.58 34.19
CA ARG A 190 4.14 -27.43 32.75
C ARG A 190 5.62 -27.54 32.43
N THR A 191 6.42 -27.94 33.41
CA THR A 191 7.88 -28.03 33.26
C THR A 191 8.33 -29.41 32.80
N LEU A 192 7.47 -30.40 33.02
CA LEU A 192 7.76 -31.78 32.62
C LEU A 192 8.74 -32.44 33.61
N PHE A 194 7.99 -31.82 37.11
CA PHE A 194 7.22 -31.77 38.33
C PHE A 194 6.15 -32.84 38.30
N ASN A 195 6.09 -33.64 39.37
CA ASN A 195 5.10 -34.70 39.50
C ASN A 195 3.80 -34.10 40.03
N ILE A 196 2.80 -34.03 39.17
CA ILE A 196 1.50 -33.42 39.52
C ILE A 196 0.63 -34.25 40.46
N HIS A 197 1.07 -35.47 40.77
CA HIS A 197 0.32 -36.34 41.68
C HIS A 197 0.96 -36.33 43.08
N ASP A 198 2.29 -36.28 43.12
CA ASP A 198 3.02 -36.18 44.39
C ASP A 198 3.29 -34.71 44.72
N LEU A 199 2.90 -33.83 43.79
CA LEU A 199 3.08 -32.40 43.97
C LEU A 199 4.50 -32.09 44.42
N GLU A 200 5.47 -32.60 43.67
CA GLU A 200 6.88 -32.38 43.99
C GLU A 200 7.73 -32.68 42.77
N TRP A 201 8.94 -32.09 42.71
CA TRP A 201 9.84 -32.37 41.62
C TRP A 201 10.10 -33.86 41.57
N ASP A 202 10.14 -34.43 40.38
CA ASP A 202 10.35 -35.88 40.24
C ASP A 202 11.82 -36.17 39.93
N ASP A 203 12.49 -36.80 40.90
CA ASP A 203 13.91 -37.13 40.80
C ASP A 203 14.27 -37.95 39.58
N GLU A 204 13.35 -38.79 39.13
CA GLU A 204 13.59 -39.62 37.97
C GLU A 204 13.54 -38.78 36.70
N LEU A 205 12.46 -38.02 36.54
CA LEU A 205 12.29 -37.16 35.37
C LEU A 205 13.50 -36.24 35.22
N LEU A 206 13.99 -35.71 36.32
CA LEU A 206 15.16 -34.84 36.30
C LEU A 206 16.41 -35.55 35.75
N GLU A 207 16.59 -36.81 36.15
CA GLU A 207 17.75 -37.60 35.69
C GLU A 207 17.67 -37.86 34.20
N LEU A 208 16.47 -38.16 33.72
CA LEU A 208 16.27 -38.41 32.30
C LEU A 208 16.59 -37.15 31.53
N LEU A 209 16.15 -36.01 32.07
CA LEU A 209 16.40 -34.72 31.45
C LEU A 209 17.81 -34.21 31.79
N THR A 210 18.53 -34.98 32.60
CA THR A 210 19.89 -34.62 33.04
C THR A 210 19.94 -33.19 33.58
N VAL A 211 18.91 -32.81 34.34
CA VAL A 211 18.83 -31.48 34.94
C VAL A 211 19.01 -31.58 36.46
N PRO A 212 20.09 -30.98 36.98
CA PRO A 212 20.38 -30.97 38.42
C PRO A 212 19.26 -30.37 39.25
N LYS A 213 18.99 -30.95 40.41
CA LYS A 213 17.90 -30.49 41.28
C LYS A 213 18.23 -29.14 41.94
N ASN A 214 19.47 -28.70 41.82
CA ASN A 214 19.91 -27.44 42.44
C ASN A 214 19.51 -26.21 41.64
N LEU A 216 16.51 -25.96 40.23
CA LEU A 216 15.08 -25.83 40.41
C LEU A 216 14.68 -24.88 41.54
N PRO A 217 13.57 -24.15 41.35
CA PRO A 217 12.99 -23.26 42.35
C PRO A 217 12.03 -24.07 43.20
N GLU A 218 11.57 -23.51 44.31
CA GLU A 218 10.63 -24.24 45.15
C GLU A 218 9.19 -23.89 44.77
N VAL A 219 8.39 -24.93 44.56
CA VAL A 219 6.99 -24.78 44.21
C VAL A 219 6.23 -24.24 45.41
N LYS A 220 5.24 -23.40 45.15
CA LYS A 220 4.43 -22.79 46.19
C LYS A 220 2.98 -22.72 45.74
N ALA A 221 2.09 -22.26 46.62
CA ALA A 221 0.69 -22.10 46.27
C ALA A 221 0.60 -20.95 45.31
N SER A 222 -0.57 -20.76 44.71
CA SER A 222 -0.77 -19.69 43.74
C SER A 222 -1.08 -18.34 44.41
N SER A 223 -1.77 -18.40 45.55
CA SER A 223 -2.13 -17.19 46.31
C SER A 223 -1.36 -17.18 47.63
N GLU A 224 -0.23 -16.49 47.64
CA GLU A 224 0.65 -16.46 48.80
C GLU A 224 1.72 -15.38 48.64
N VAL A 225 1.99 -14.63 49.71
CA VAL A 225 3.00 -13.59 49.64
C VAL A 225 4.38 -14.24 49.56
N TYR A 226 4.92 -14.31 48.36
CA TYR A 226 6.22 -14.94 48.14
C TYR A 226 7.37 -14.07 48.61
N GLY A 227 7.09 -12.78 48.81
CA GLY A 227 8.10 -11.81 49.24
C GLY A 227 7.71 -10.41 48.82
N LYS A 228 8.65 -9.48 48.93
CA LYS A 228 8.41 -8.09 48.56
C LYS A 228 9.35 -7.61 47.45
N THR A 229 8.86 -6.71 46.62
CA THR A 229 9.66 -6.14 45.54
C THR A 229 10.76 -5.32 46.18
N ILE A 230 11.99 -5.46 45.70
CA ILE A 230 13.06 -4.63 46.24
C ILE A 230 12.78 -3.21 45.84
N ASP A 231 13.17 -2.30 46.72
CA ASP A 231 12.97 -0.87 46.50
C ASP A 231 13.31 -0.35 45.11
N TYR A 232 14.54 -0.55 44.66
CA TYR A 232 14.97 0.03 43.38
C TYR A 232 14.23 -0.45 42.13
N HIS A 233 13.60 -1.62 42.18
CA HIS A 233 12.83 -2.09 41.02
C HIS A 233 11.35 -1.76 41.17
N PHE A 234 11.02 -0.92 42.15
CA PHE A 234 9.64 -0.50 42.31
C PHE A 234 9.50 0.87 42.99
N TYR A 235 10.30 1.82 42.52
CA TYR A 235 10.16 3.23 42.91
C TYR A 235 10.28 3.48 44.42
N GLY A 236 11.30 2.90 45.02
CA GLY A 236 11.57 3.10 46.45
C GLY A 236 10.63 2.40 47.39
N GLN A 237 9.73 1.57 46.85
CA GLN A 237 8.78 0.86 47.67
C GLN A 237 9.10 -0.61 47.74
N GLU A 238 8.63 -1.24 48.81
CA GLU A 238 8.80 -2.67 48.99
C GLU A 238 7.42 -3.29 49.03
N VAL A 239 6.79 -3.37 47.87
CA VAL A 239 5.46 -3.91 47.71
C VAL A 239 5.50 -5.44 47.67
N PRO A 240 4.51 -6.10 48.29
CA PRO A 240 4.47 -7.55 48.32
C PRO A 240 4.07 -8.19 47.00
N ILE A 241 4.80 -9.23 46.61
CA ILE A 241 4.48 -10.00 45.41
C ILE A 241 3.70 -11.19 45.96
N ALA A 242 2.38 -11.20 45.76
CA ALA A 242 1.54 -12.24 46.37
C ALA A 242 0.68 -13.07 45.42
N GLY A 243 1.13 -13.25 44.19
CA GLY A 243 0.35 -14.03 43.22
C GLY A 243 1.13 -14.48 41.99
N VAL A 244 1.11 -15.77 41.74
CA VAL A 244 1.74 -16.34 40.55
C VAL A 244 0.86 -17.47 40.05
N ALA A 245 0.82 -17.65 38.73
CA ALA A 245 0.02 -18.69 38.13
C ALA A 245 0.08 -18.56 36.60
N GLY A 246 0.18 -19.70 35.91
CA GLY A 246 0.20 -19.70 34.45
C GLY A 246 -0.89 -18.81 33.88
N ASP A 247 -0.58 -18.10 32.81
CA ASP A 247 -1.53 -17.18 32.20
C ASP A 247 -2.91 -17.80 31.93
N GLN A 248 -2.94 -19.01 31.38
CA GLN A 248 -4.21 -19.65 31.02
C GLN A 248 -5.01 -20.04 32.26
N GLN A 249 -4.32 -20.54 33.28
CA GLN A 249 -4.98 -20.88 34.52
C GLN A 249 -5.57 -19.62 35.10
N ALA A 250 -4.79 -18.55 35.13
CA ALA A 250 -5.26 -17.27 35.63
C ALA A 250 -6.57 -16.94 34.93
N ALA A 251 -6.57 -17.06 33.62
CA ALA A 251 -7.75 -16.79 32.84
C ALA A 251 -8.92 -17.63 33.37
N LEU A 252 -8.63 -18.87 33.71
CA LEU A 252 -9.64 -19.79 34.23
C LEU A 252 -10.19 -19.26 35.56
N PHE A 253 -9.29 -18.78 36.40
CA PHE A 253 -9.65 -18.25 37.71
C PHE A 253 -10.46 -16.95 37.57
N GLY A 254 -10.01 -16.08 36.66
CA GLY A 254 -10.66 -14.80 36.41
C GLY A 254 -12.01 -14.95 35.74
N GLN A 255 -12.27 -16.14 35.20
CA GLN A 255 -13.55 -16.41 34.57
C GLN A 255 -14.53 -17.00 35.59
N ALA A 256 -14.04 -17.20 36.82
CA ALA A 256 -14.87 -17.75 37.89
C ALA A 256 -15.10 -19.25 37.73
N CYS A 257 -14.15 -19.92 37.06
CA CYS A 257 -14.23 -21.36 36.86
C CYS A 257 -13.56 -22.06 38.02
N PHE A 258 -14.17 -21.92 39.19
CA PHE A 258 -13.61 -22.49 40.40
C PHE A 258 -14.03 -23.94 40.61
N GLU A 259 -15.30 -24.23 40.38
CA GLU A 259 -15.83 -25.57 40.59
C GLU A 259 -15.54 -26.51 39.40
N ARG A 260 -15.85 -27.79 39.59
CA ARG A 260 -15.64 -28.80 38.56
C ARG A 260 -16.58 -28.64 37.38
N GLY A 261 -16.11 -29.02 36.19
CA GLY A 261 -16.91 -28.96 34.97
C GLY A 261 -16.87 -27.62 34.28
N ASP A 262 -16.27 -26.62 34.93
CA ASP A 262 -16.18 -25.28 34.36
C ASP A 262 -15.14 -25.21 33.24
N VAL A 263 -15.51 -24.53 32.16
CA VAL A 263 -14.65 -24.43 30.99
C VAL A 263 -14.62 -23.03 30.39
N LYS A 264 -13.46 -22.63 29.89
CA LYS A 264 -13.30 -21.33 29.23
C LYS A 264 -12.27 -21.51 28.12
N ASN A 265 -12.28 -20.60 27.16
CA ASN A 265 -11.30 -20.66 26.09
C ASN A 265 -10.67 -19.29 25.87
N THR A 266 -9.34 -19.27 25.81
CA THR A 266 -8.63 -18.02 25.58
C THR A 266 -8.08 -17.97 24.16
N TYR A 267 -8.30 -16.84 23.49
CA TYR A 267 -7.80 -16.63 22.14
C TYR A 267 -6.68 -15.60 22.18
N GLY A 268 -5.45 -16.07 22.30
CA GLY A 268 -4.28 -15.19 22.30
C GLY A 268 -3.30 -15.70 21.27
N THR A 269 -2.00 -15.54 21.54
CA THR A 269 -0.98 -16.06 20.64
C THR A 269 -1.41 -17.47 20.26
N GLY A 270 -1.85 -18.22 21.27
CA GLY A 270 -2.37 -19.57 21.08
C GLY A 270 -3.81 -19.65 21.55
N GLY A 271 -4.43 -20.81 21.38
CA GLY A 271 -5.81 -21.03 21.80
C GLY A 271 -5.85 -22.11 22.86
N PHE A 272 -6.14 -21.74 24.10
CA PHE A 272 -6.12 -22.69 25.19
C PHE A 272 -7.46 -22.85 25.91
N LEU A 274 -9.11 -24.61 29.03
CA LEU A 274 -8.95 -25.28 30.32
C LEU A 274 -10.31 -25.58 30.96
N ASN A 276 -11.66 -26.83 34.73
CA ASN A 276 -11.38 -27.20 36.10
C ASN A 276 -12.05 -28.53 36.43
N THR A 277 -11.22 -29.55 36.64
CA THR A 277 -11.70 -30.88 36.98
C THR A 277 -11.80 -31.05 38.50
N GLY A 278 -11.96 -29.94 39.19
CA GLY A 278 -12.02 -29.97 40.64
C GLY A 278 -10.65 -30.21 41.23
N ASP A 279 -10.54 -31.21 42.09
CA ASP A 279 -9.28 -31.55 42.75
C ASP A 279 -8.91 -33.02 42.49
N LYS A 280 -9.29 -33.53 41.33
CA LYS A 280 -9.02 -34.91 40.95
C LYS A 280 -8.54 -34.93 39.50
N ALA A 281 -7.22 -35.02 39.33
CA ALA A 281 -6.61 -35.03 38.00
C ALA A 281 -7.24 -36.09 37.10
N VAL A 282 -8.06 -35.64 36.14
CA VAL A 282 -8.71 -36.56 35.21
C VAL A 282 -7.75 -36.94 34.08
N LYS A 283 -7.72 -38.23 33.76
CA LYS A 283 -6.86 -38.73 32.71
C LYS A 283 -7.56 -38.58 31.38
N SER A 284 -6.81 -38.16 30.36
CA SER A 284 -7.37 -37.95 29.04
C SER A 284 -6.89 -39.00 28.03
N GLU A 285 -7.73 -39.27 27.04
CA GLU A 285 -7.43 -40.24 26.00
C GLU A 285 -7.86 -39.70 24.64
N SER A 286 -8.01 -38.37 24.55
CA SER A 286 -8.42 -37.73 23.31
C SER A 286 -7.42 -36.66 22.87
N GLY A 287 -6.28 -36.58 23.56
CA GLY A 287 -5.25 -35.60 23.20
C GLY A 287 -5.21 -34.36 24.09
N LEU A 288 -5.94 -34.39 25.20
CA LEU A 288 -5.96 -33.26 26.14
C LEU A 288 -4.90 -33.48 27.20
N LEU A 289 -4.44 -32.39 27.81
CA LEU A 289 -3.41 -32.46 28.84
C LEU A 289 -4.03 -32.45 30.24
N THR A 290 -3.23 -32.90 31.21
CA THR A 290 -3.65 -32.92 32.61
C THR A 290 -2.67 -32.07 33.40
N THR A 291 -3.14 -30.96 33.96
CA THR A 291 -2.26 -30.05 34.69
C THR A 291 -2.96 -29.37 35.86
N ILE A 292 -2.18 -28.72 36.72
CA ILE A 292 -2.70 -28.03 37.90
C ILE A 292 -3.37 -26.70 37.56
N ALA A 293 -4.58 -26.51 38.05
CA ALA A 293 -5.31 -25.26 37.85
C ALA A 293 -4.67 -24.19 38.74
N TYR A 294 -4.73 -24.40 40.05
CA TYR A 294 -4.15 -23.46 40.99
C TYR A 294 -4.02 -24.06 42.38
N GLY A 295 -3.31 -23.36 43.25
CA GLY A 295 -3.12 -23.78 44.64
C GLY A 295 -3.56 -22.65 45.54
N ILE A 296 -4.70 -22.81 46.19
CA ILE A 296 -5.25 -21.75 47.02
C ILE A 296 -6.14 -22.29 48.14
N ASP A 297 -6.08 -21.63 49.29
CA ASP A 297 -6.86 -22.01 50.46
C ASP A 297 -6.43 -23.38 50.98
N GLY A 298 -5.15 -23.70 50.82
CA GLY A 298 -4.61 -24.97 51.28
C GLY A 298 -5.00 -26.13 50.38
N LYS A 299 -5.69 -25.82 49.28
CA LYS A 299 -6.12 -26.84 48.34
C LYS A 299 -5.40 -26.72 46.99
N VAL A 300 -5.53 -27.75 46.16
CA VAL A 300 -4.92 -27.77 44.84
C VAL A 300 -5.93 -28.33 43.84
N ASN A 301 -6.30 -27.52 42.87
CA ASN A 301 -7.23 -27.93 41.83
C ASN A 301 -6.50 -28.34 40.56
N TYR A 302 -7.11 -29.26 39.83
CA TYR A 302 -6.57 -29.76 38.59
C TYR A 302 -7.47 -29.30 37.45
N ALA A 303 -7.11 -29.66 36.23
CA ALA A 303 -7.91 -29.30 35.07
C ALA A 303 -7.40 -29.97 33.80
N LEU A 304 -8.28 -30.11 32.82
CA LEU A 304 -7.93 -30.67 31.52
C LEU A 304 -7.70 -29.51 30.56
N GLU A 305 -6.65 -29.59 29.77
CA GLU A 305 -6.34 -28.51 28.87
C GLU A 305 -6.24 -28.95 27.43
N GLY A 306 -6.79 -28.12 26.54
CA GLY A 306 -6.70 -28.32 25.11
C GLY A 306 -5.84 -27.19 24.61
N SER A 307 -4.73 -27.51 23.96
CA SER A 307 -3.78 -26.49 23.51
C SER A 307 -3.70 -26.35 22.00
N ILE A 308 -3.57 -25.10 21.56
CA ILE A 308 -3.41 -24.78 20.13
C ILE A 308 -2.26 -23.81 20.01
N PHE A 309 -1.16 -24.28 19.44
CA PHE A 309 0.05 -23.47 19.33
C PHE A 309 -0.18 -22.13 18.64
N VAL A 310 -0.95 -22.14 17.56
CA VAL A 310 -1.18 -20.91 16.80
C VAL A 310 -2.65 -20.57 16.60
N SER A 311 -3.06 -19.44 17.13
CA SER A 311 -4.45 -18.97 17.01
C SER A 311 -4.46 -17.51 16.51
N GLY A 312 -4.39 -16.56 17.44
CA GLY A 312 -4.35 -15.13 17.08
C GLY A 312 -3.01 -14.80 16.46
N SER A 313 -2.05 -15.68 16.71
CA SER A 313 -0.71 -15.55 16.17
C SER A 313 -0.73 -15.70 14.63
N ALA A 314 -1.80 -16.30 14.12
CA ALA A 314 -1.97 -16.47 12.69
C ALA A 314 -2.41 -15.14 12.07
N ILE A 315 -3.27 -14.43 12.78
CA ILE A 315 -3.73 -13.13 12.33
C ILE A 315 -2.56 -12.17 12.41
N GLN A 316 -1.77 -12.35 13.44
CA GLN A 316 -0.57 -11.56 13.63
C GLN A 316 0.45 -11.88 12.54
N TRP A 317 0.37 -13.09 11.98
CA TRP A 317 1.29 -13.47 10.91
C TRP A 317 0.88 -12.80 9.60
N LEU A 318 -0.42 -12.57 9.42
CA LEU A 318 -0.88 -11.88 8.23
C LEU A 318 -0.28 -10.49 8.23
N ARG A 319 -0.15 -9.91 9.42
CA ARG A 319 0.32 -8.55 9.57
C ARG A 319 1.84 -8.42 9.46
N ASP A 320 2.56 -9.19 10.27
CA ASP A 320 4.02 -9.13 10.28
C ASP A 320 4.69 -9.97 9.19
N GLY A 321 4.12 -11.15 8.90
CA GLY A 321 4.70 -12.06 7.92
C GLY A 321 4.47 -11.70 6.47
N LEU A 322 3.21 -11.78 6.03
CA LEU A 322 2.86 -11.48 4.65
C LEU A 322 2.62 -9.99 4.44
N ARG A 323 2.73 -9.21 5.52
CA ARG A 323 2.50 -7.77 5.44
C ARG A 323 1.27 -7.52 4.61
N ILE A 325 -2.04 -7.15 6.06
CA ILE A 325 -3.00 -6.27 6.73
C ILE A 325 -2.27 -5.28 7.64
N ASN A 326 -2.89 -4.12 7.86
CA ASN A 326 -2.27 -3.08 8.69
C ASN A 326 -2.31 -3.43 10.16
N SER A 327 -3.48 -3.89 10.63
CA SER A 327 -3.66 -4.24 12.04
C SER A 327 -4.48 -5.50 12.15
N ALA A 328 -4.43 -6.14 13.31
CA ALA A 328 -5.20 -7.35 13.55
C ALA A 328 -6.68 -7.15 13.27
N PRO A 329 -7.29 -6.13 13.89
CA PRO A 329 -8.72 -5.85 13.70
C PRO A 329 -9.09 -5.47 12.27
N GLN A 330 -8.11 -5.17 11.43
CA GLN A 330 -8.42 -4.83 10.04
C GLN A 330 -8.74 -6.07 9.23
N SER A 331 -8.58 -7.24 9.84
CA SER A 331 -8.87 -8.49 9.17
C SER A 331 -10.38 -8.73 9.08
N GLU A 332 -11.12 -8.31 10.11
CA GLU A 332 -12.55 -8.49 10.13
C GLU A 332 -13.16 -7.84 8.91
N SER A 333 -12.62 -6.66 8.56
CA SER A 333 -13.08 -5.91 7.38
C SER A 333 -13.14 -6.76 6.12
N TYR A 334 -12.06 -7.48 5.86
CA TYR A 334 -11.96 -8.34 4.70
C TYR A 334 -12.86 -9.56 4.81
N ALA A 335 -12.77 -10.26 5.94
CA ALA A 335 -13.59 -11.45 6.15
C ALA A 335 -15.08 -11.22 5.84
N THR A 336 -15.65 -10.15 6.38
CA THR A 336 -17.08 -9.85 6.19
C THR A 336 -17.42 -9.32 4.80
N ARG A 337 -16.40 -9.05 4.00
CA ARG A 337 -16.59 -8.53 2.67
C ARG A 337 -17.04 -9.61 1.68
N VAL A 338 -16.68 -10.86 1.96
CA VAL A 338 -17.03 -11.98 1.09
C VAL A 338 -17.78 -13.03 1.91
N ASP A 339 -18.84 -13.58 1.33
CA ASP A 339 -19.70 -14.53 2.05
C ASP A 339 -19.05 -15.83 2.53
N SER A 340 -18.07 -16.35 1.79
CA SER A 340 -17.41 -17.59 2.21
C SER A 340 -15.94 -17.60 1.79
N THR A 341 -15.23 -18.64 2.21
CA THR A 341 -13.83 -18.80 1.87
C THR A 341 -13.71 -19.47 0.51
N GLU A 342 -14.85 -19.99 0.03
CA GLU A 342 -14.91 -20.67 -1.26
C GLU A 342 -13.88 -21.80 -1.44
N GLY A 343 -13.92 -22.77 -0.52
CA GLY A 343 -13.04 -23.93 -0.61
C GLY A 343 -11.70 -23.78 0.07
N VAL A 344 -11.31 -22.55 0.39
CA VAL A 344 -10.01 -22.32 0.99
C VAL A 344 -9.98 -22.54 2.51
N TYR A 345 -8.92 -23.20 2.98
CA TYR A 345 -8.69 -23.48 4.40
C TYR A 345 -7.24 -23.19 4.77
N VAL A 346 -7.05 -22.68 5.98
CA VAL A 346 -5.72 -22.38 6.47
C VAL A 346 -5.42 -23.16 7.76
N VAL A 347 -4.37 -23.97 7.72
CA VAL A 347 -3.95 -24.76 8.88
C VAL A 347 -2.65 -24.18 9.40
N PRO A 348 -2.74 -23.29 10.42
CA PRO A 348 -1.57 -22.62 10.99
C PRO A 348 -0.72 -23.48 11.94
N ALA A 349 -0.26 -24.63 11.46
CA ALA A 349 0.60 -25.49 12.27
C ALA A 349 2.05 -24.99 12.16
N PHE A 350 2.24 -23.67 12.30
CA PHE A 350 3.57 -23.06 12.17
C PHE A 350 4.63 -23.79 13.00
N VAL A 351 4.21 -24.24 14.19
CA VAL A 351 5.07 -24.98 15.11
C VAL A 351 4.35 -26.29 15.49
N GLY A 352 3.77 -26.94 14.49
CA GLY A 352 3.12 -28.23 14.69
C GLY A 352 1.68 -28.13 15.16
N LEU A 353 1.11 -29.29 15.50
CA LEU A 353 -0.26 -29.36 15.98
C LEU A 353 -0.32 -29.84 17.44
N GLY A 354 -1.23 -29.25 18.20
CA GLY A 354 -1.44 -29.63 19.57
C GLY A 354 -2.68 -30.48 19.65
N THR A 355 -3.46 -30.28 20.69
CA THR A 355 -4.69 -31.05 20.89
C THR A 355 -5.59 -30.94 19.67
N PRO A 356 -6.07 -32.10 19.15
CA PRO A 356 -5.80 -33.44 19.62
C PRO A 356 -4.86 -34.25 18.74
N TYR A 357 -4.13 -33.60 17.86
CA TYR A 357 -3.25 -34.31 16.94
C TYR A 357 -1.89 -34.58 17.54
N TRP A 358 -1.29 -33.56 18.12
CA TRP A 358 0.05 -33.65 18.70
C TRP A 358 1.06 -34.15 17.68
N ASP A 359 1.35 -33.27 16.72
CA ASP A 359 2.26 -33.56 15.63
C ASP A 359 3.33 -32.45 15.50
N SER A 360 4.44 -32.64 16.20
CA SER A 360 5.53 -31.67 16.20
C SER A 360 6.08 -31.38 14.82
N GLU A 361 6.06 -32.38 13.95
CA GLU A 361 6.64 -32.26 12.61
C GLU A 361 5.77 -31.49 11.62
N ALA A 362 4.48 -31.38 11.89
CA ALA A 362 3.57 -30.68 11.00
C ALA A 362 3.92 -29.20 10.91
N ARG A 363 3.57 -28.59 9.78
CA ARG A 363 3.81 -27.17 9.54
C ARG A 363 2.59 -26.53 8.91
N GLY A 364 2.60 -25.21 8.80
CA GLY A 364 1.49 -24.48 8.23
C GLY A 364 1.26 -24.82 6.76
N ALA A 365 -0.01 -24.88 6.37
CA ALA A 365 -0.38 -25.17 5.00
C ALA A 365 -1.73 -24.54 4.65
N ILE A 366 -1.94 -24.30 3.36
CA ILE A 366 -3.18 -23.69 2.88
C ILE A 366 -3.69 -24.52 1.70
N PHE A 367 -5.00 -24.70 1.64
CA PHE A 367 -5.60 -25.53 0.61
C PHE A 367 -6.83 -24.88 -0.01
N GLY A 368 -7.34 -25.49 -1.07
CA GLY A 368 -8.55 -25.03 -1.74
C GLY A 368 -8.37 -23.83 -2.65
N LEU A 369 -7.12 -23.47 -2.92
CA LEU A 369 -6.83 -22.30 -3.73
C LEU A 369 -7.23 -22.46 -5.19
N THR A 370 -7.67 -21.35 -5.79
CA THR A 370 -8.03 -21.28 -7.19
C THR A 370 -7.64 -19.88 -7.67
N ARG A 371 -7.70 -19.63 -8.97
CA ARG A 371 -7.41 -18.31 -9.52
C ARG A 371 -8.40 -17.29 -8.97
N GLY A 372 -9.61 -17.74 -8.67
CA GLY A 372 -10.67 -16.87 -8.14
C GLY A 372 -10.46 -16.52 -6.69
N THR A 373 -9.49 -17.17 -6.05
CA THR A 373 -9.21 -16.90 -4.64
C THR A 373 -8.64 -15.51 -4.45
N GLU A 374 -9.43 -14.68 -3.76
CA GLU A 374 -9.05 -13.30 -3.52
C GLU A 374 -8.47 -13.11 -2.12
N LYS A 375 -7.84 -11.96 -1.91
CA LYS A 375 -7.21 -11.61 -0.64
C LYS A 375 -8.18 -11.77 0.53
N GLU A 376 -9.42 -11.32 0.34
CA GLU A 376 -10.46 -11.45 1.37
C GLU A 376 -10.60 -12.90 1.81
N HIS A 377 -10.86 -13.78 0.85
CA HIS A 377 -11.06 -15.21 1.12
C HIS A 377 -9.90 -15.80 1.93
N PHE A 378 -8.69 -15.41 1.58
CA PHE A 378 -7.45 -15.89 2.22
C PHE A 378 -7.40 -15.51 3.71
N ILE A 379 -7.78 -14.27 4.00
CA ILE A 379 -7.79 -13.76 5.37
C ILE A 379 -8.93 -14.42 6.15
N ARG A 380 -10.11 -14.45 5.55
CA ARG A 380 -11.27 -15.09 6.16
C ARG A 380 -10.93 -16.53 6.55
N ALA A 381 -10.21 -17.22 5.66
CA ALA A 381 -9.79 -18.61 5.91
C ALA A 381 -8.85 -18.68 7.12
N THR A 382 -8.11 -17.61 7.35
CA THR A 382 -7.20 -17.57 8.47
C THR A 382 -8.01 -17.29 9.72
N LEU A 383 -8.90 -16.32 9.64
CA LEU A 383 -9.77 -16.02 10.77
C LEU A 383 -10.58 -17.25 11.18
N GLU A 384 -11.09 -17.99 10.21
CA GLU A 384 -11.91 -19.17 10.52
C GLU A 384 -11.12 -20.29 11.21
N SER A 385 -9.82 -20.41 10.90
CA SER A 385 -9.02 -21.51 11.49
C SER A 385 -8.99 -21.45 13.01
N LEU A 386 -9.04 -20.25 13.57
CA LEU A 386 -9.11 -20.11 15.02
C LEU A 386 -10.32 -20.90 15.53
N CYS A 387 -11.41 -20.89 14.78
CA CYS A 387 -12.64 -21.58 15.18
C CYS A 387 -12.58 -23.07 14.99
N TYR A 388 -12.23 -23.51 13.79
CA TYR A 388 -12.09 -24.92 13.51
C TYR A 388 -11.21 -25.56 14.59
N GLN A 389 -10.04 -24.97 14.82
CA GLN A 389 -9.13 -25.48 15.84
C GLN A 389 -9.80 -25.55 17.19
N THR A 390 -10.64 -24.57 17.51
CA THR A 390 -11.37 -24.59 18.78
C THR A 390 -12.29 -25.81 18.84
N ARG A 391 -12.97 -26.08 17.75
CA ARG A 391 -13.88 -27.23 17.72
C ARG A 391 -13.14 -28.56 17.93
N ASP A 392 -11.99 -28.73 17.26
CA ASP A 392 -11.17 -29.95 17.40
C ASP A 392 -10.89 -30.24 18.86
N VAL A 393 -10.49 -29.19 19.59
CA VAL A 393 -10.20 -29.30 21.01
C VAL A 393 -11.47 -29.57 21.79
N GLU A 395 -14.43 -31.05 20.88
CA GLU A 395 -15.01 -32.39 20.78
C GLU A 395 -14.18 -33.38 21.56
N ALA A 396 -12.86 -33.22 21.55
CA ALA A 396 -11.96 -34.11 22.28
C ALA A 396 -12.25 -34.06 23.77
N SER A 398 -15.18 -33.03 25.10
CA SER A 398 -16.54 -33.48 25.35
C SER A 398 -16.54 -34.97 25.65
N LYS A 399 -15.57 -35.68 25.08
CA LYS A 399 -15.43 -37.13 25.29
C LYS A 399 -14.80 -37.41 26.65
N ASP A 400 -13.60 -36.89 26.85
CA ASP A 400 -12.84 -37.12 28.09
C ASP A 400 -13.60 -36.71 29.34
N SER A 401 -14.55 -35.80 29.19
CA SER A 401 -15.36 -35.35 30.31
C SER A 401 -16.77 -35.89 30.22
N GLY A 402 -17.18 -36.24 29.00
CA GLY A 402 -18.53 -36.73 28.78
C GLY A 402 -19.55 -35.62 28.92
N ILE A 403 -19.09 -34.47 29.39
CA ILE A 403 -19.96 -33.30 29.56
C ILE A 403 -20.16 -32.60 28.22
N ASP A 404 -21.26 -31.89 28.09
CA ASP A 404 -21.58 -31.17 26.86
C ASP A 404 -21.74 -29.68 27.14
N VAL A 405 -20.84 -28.88 26.58
CA VAL A 405 -20.90 -27.43 26.75
C VAL A 405 -22.08 -26.90 25.94
N GLN A 406 -22.91 -26.07 26.57
CA GLN A 406 -24.06 -25.46 25.88
C GLN A 406 -23.80 -23.96 25.65
N SER A 407 -22.87 -23.41 26.42
CA SER A 407 -22.49 -22.01 26.33
C SER A 407 -21.09 -21.86 26.87
N LEU A 408 -20.16 -21.52 25.99
CA LEU A 408 -18.76 -21.37 26.35
C LEU A 408 -18.38 -19.92 26.62
N ARG A 409 -17.67 -19.70 27.73
CA ARG A 409 -17.15 -18.38 28.05
C ARG A 409 -15.82 -18.25 27.33
N VAL A 410 -15.50 -17.04 26.89
CA VAL A 410 -14.27 -16.81 26.14
C VAL A 410 -13.59 -15.53 26.55
N ASP A 411 -12.33 -15.39 26.18
CA ASP A 411 -11.54 -14.21 26.50
C ASP A 411 -10.25 -14.22 25.67
N GLY A 412 -9.51 -13.12 25.72
CA GLY A 412 -8.27 -13.02 24.95
C GLY A 412 -8.29 -11.82 24.03
N GLY A 413 -7.16 -11.55 23.39
CA GLY A 413 -7.04 -10.40 22.48
C GLY A 413 -7.95 -10.47 21.26
N ALA A 414 -8.22 -11.68 20.77
CA ALA A 414 -9.01 -11.85 19.55
C ALA A 414 -10.53 -11.85 19.76
N VAL A 415 -10.99 -12.03 20.99
CA VAL A 415 -12.44 -12.09 21.24
C VAL A 415 -13.21 -10.84 20.78
N LYS A 416 -12.47 -9.74 20.59
CA LYS A 416 -13.06 -8.48 20.13
C LYS A 416 -13.66 -8.62 18.74
N ASN A 417 -12.98 -9.39 17.90
CA ASN A 417 -13.41 -9.59 16.52
C ASN A 417 -14.71 -10.37 16.45
N ASN A 418 -15.81 -9.67 16.14
CA ASN A 418 -17.14 -10.29 16.10
C ASN A 418 -17.28 -11.44 15.13
N PHE A 419 -16.70 -11.29 13.95
CA PHE A 419 -16.78 -12.35 12.94
C PHE A 419 -16.30 -13.68 13.50
N ILE A 420 -15.15 -13.65 14.18
CA ILE A 420 -14.58 -14.87 14.74
C ILE A 420 -15.51 -15.46 15.78
N GLN A 422 -18.92 -15.09 16.06
CA GLN A 422 -20.09 -15.65 15.43
C GLN A 422 -19.78 -16.98 14.77
N PHE A 423 -18.70 -17.00 14.02
CA PHE A 423 -18.30 -18.21 13.31
C PHE A 423 -18.01 -19.35 14.28
N GLN A 424 -17.48 -19.01 15.45
CA GLN A 424 -17.20 -20.03 16.45
C GLN A 424 -18.53 -20.63 16.89
N ALA A 425 -19.45 -19.74 17.26
CA ALA A 425 -20.76 -20.15 17.72
C ALA A 425 -21.45 -21.02 16.68
N ASP A 426 -21.20 -20.72 15.40
CA ASP A 426 -21.82 -21.44 14.31
C ASP A 426 -21.15 -22.79 14.03
N ILE A 427 -19.84 -22.78 13.87
CA ILE A 427 -19.11 -24.01 13.52
C ILE A 427 -19.14 -25.04 14.64
N VAL A 428 -19.22 -24.57 15.89
CA VAL A 428 -19.31 -25.45 17.05
C VAL A 428 -20.77 -25.68 17.46
N ASN A 429 -21.67 -24.84 16.95
CA ASN A 429 -23.10 -24.94 17.23
C ASN A 429 -23.40 -24.75 18.71
N THR A 430 -22.63 -23.88 19.36
CA THR A 430 -22.80 -23.59 20.77
C THR A 430 -22.81 -22.09 20.96
N SER A 431 -23.35 -21.63 22.08
CA SER A 431 -23.38 -20.21 22.37
C SER A 431 -22.03 -19.79 22.93
N VAL A 432 -21.57 -18.62 22.49
CA VAL A 432 -20.31 -18.10 22.95
C VAL A 432 -20.60 -16.86 23.78
N GLU A 433 -20.01 -16.80 24.97
CA GLU A 433 -20.21 -15.68 25.87
C GLU A 433 -18.94 -14.85 26.04
N ARG A 434 -19.04 -13.57 25.67
CA ARG A 434 -17.93 -12.65 25.76
C ARG A 434 -18.17 -11.68 26.91
N PRO A 435 -17.29 -11.71 27.92
CA PRO A 435 -17.44 -10.86 29.10
C PRO A 435 -17.07 -9.42 28.83
N GLU A 436 -17.56 -8.53 29.67
CA GLU A 436 -17.29 -7.10 29.52
C GLU A 436 -15.80 -6.82 29.76
N ILE A 437 -15.22 -7.48 30.75
CA ILE A 437 -13.77 -7.34 31.01
C ILE A 437 -13.08 -8.60 30.47
N GLN A 438 -12.61 -8.49 29.23
CA GLN A 438 -12.04 -9.61 28.49
C GLN A 438 -10.63 -10.02 28.92
N GLU A 439 -9.92 -9.15 29.64
CA GLU A 439 -8.55 -9.46 30.07
C GLU A 439 -8.54 -10.21 31.41
N THR A 440 -9.37 -11.25 31.47
CA THR A 440 -9.51 -12.07 32.65
C THR A 440 -8.18 -12.63 33.17
N THR A 441 -7.22 -12.84 32.27
CA THR A 441 -5.93 -13.41 32.67
C THR A 441 -5.20 -12.53 33.70
N ALA A 442 -5.21 -11.23 33.46
CA ALA A 442 -4.58 -10.30 34.39
C ALA A 442 -5.48 -10.12 35.60
N LEU A 443 -6.79 -10.19 35.38
CA LEU A 443 -7.76 -10.08 36.48
C LEU A 443 -7.57 -11.22 37.46
N GLY A 444 -7.28 -12.40 36.91
CA GLY A 444 -7.03 -13.58 37.74
C GLY A 444 -5.83 -13.36 38.62
N ALA A 445 -4.71 -12.99 38.01
CA ALA A 445 -3.48 -12.74 38.75
C ALA A 445 -3.71 -11.68 39.83
N ALA A 446 -4.58 -10.73 39.51
CA ALA A 446 -4.92 -9.68 40.45
C ALA A 446 -5.47 -10.30 41.71
N PHE A 447 -6.52 -11.10 41.57
CA PHE A 447 -7.16 -11.72 42.73
C PHE A 447 -6.26 -12.65 43.53
N LEU A 448 -5.42 -13.42 42.85
CA LEU A 448 -4.50 -14.31 43.55
C LEU A 448 -3.66 -13.47 44.52
N ALA A 449 -3.20 -12.32 44.04
CA ALA A 449 -2.41 -11.41 44.87
C ALA A 449 -3.32 -10.81 45.94
N GLY A 450 -4.36 -10.11 45.47
CA GLY A 450 -5.32 -9.45 46.34
C GLY A 450 -5.84 -10.31 47.48
N LEU A 451 -6.32 -11.51 47.15
CA LEU A 451 -6.82 -12.40 48.18
C LEU A 451 -5.70 -12.75 49.18
N ALA A 452 -4.47 -12.83 48.70
CA ALA A 452 -3.34 -13.12 49.57
C ALA A 452 -3.16 -11.97 50.58
N VAL A 453 -2.89 -10.79 50.06
CA VAL A 453 -2.68 -9.62 50.91
C VAL A 453 -3.97 -9.10 51.56
N GLY A 454 -5.06 -9.84 51.39
CA GLY A 454 -6.34 -9.45 51.99
C GLY A 454 -6.92 -8.17 51.43
N PHE A 455 -6.83 -8.00 50.12
CA PHE A 455 -7.38 -6.83 49.45
C PHE A 455 -8.84 -7.13 49.15
N TRP A 456 -9.15 -8.42 49.04
CA TRP A 456 -10.53 -8.87 48.86
C TRP A 456 -10.81 -10.01 49.82
N GLU A 457 -12.06 -10.08 50.26
CA GLU A 457 -12.48 -11.10 51.21
C GLU A 457 -12.48 -12.49 50.58
N SER A 458 -13.27 -12.67 49.52
CA SER A 458 -13.43 -13.95 48.87
C SER A 458 -13.23 -13.86 47.37
N LYS A 459 -13.02 -15.01 46.74
CA LYS A 459 -12.84 -15.09 45.30
C LYS A 459 -14.19 -14.92 44.63
N ASP A 460 -15.25 -15.13 45.40
CA ASP A 460 -16.62 -15.00 44.91
C ASP A 460 -16.80 -13.72 44.14
N ASP A 461 -16.19 -12.64 44.63
CA ASP A 461 -16.28 -11.33 43.98
C ASP A 461 -16.11 -11.43 42.45
N ILE A 462 -15.17 -12.27 42.00
CA ILE A 462 -14.92 -12.45 40.56
C ILE A 462 -16.17 -12.90 39.81
N ALA A 463 -17.01 -13.68 40.47
CA ALA A 463 -18.22 -14.20 39.85
C ALA A 463 -19.37 -13.17 39.89
N LYS A 464 -19.54 -12.51 41.03
CA LYS A 464 -20.61 -11.54 41.21
C LYS A 464 -20.37 -10.30 40.37
N ASN A 465 -19.09 -10.01 40.11
CA ASN A 465 -18.68 -8.83 39.39
C ASN A 465 -18.64 -9.07 37.88
N TRP A 466 -18.57 -10.34 37.48
CA TRP A 466 -18.52 -10.72 36.06
C TRP A 466 -19.82 -10.32 35.37
N LYS A 467 -19.72 -9.69 34.21
CA LYS A 467 -20.90 -9.26 33.46
C LYS A 467 -20.73 -9.51 31.97
N LEU A 468 -21.74 -10.14 31.38
CA LEU A 468 -21.73 -10.49 29.96
C LEU A 468 -21.74 -9.26 29.05
N GLU A 469 -20.91 -9.29 28.01
CA GLU A 469 -20.84 -8.21 27.03
C GLU A 469 -21.73 -8.55 25.82
N GLU A 470 -21.71 -9.82 25.42
CA GLU A 470 -22.56 -10.30 24.32
C GLU A 470 -22.48 -11.81 24.12
N LYS A 471 -23.62 -12.43 23.90
CA LYS A 471 -23.69 -13.87 23.67
C LYS A 471 -23.97 -14.16 22.20
N PHE A 472 -23.06 -14.88 21.55
CA PHE A 472 -23.19 -15.25 20.16
C PHE A 472 -23.90 -16.61 20.07
N ASP A 473 -24.90 -16.69 19.21
CA ASP A 473 -25.69 -17.93 19.08
C ASP A 473 -25.60 -18.50 17.67
N PRO A 474 -25.44 -19.83 17.55
CA PRO A 474 -25.33 -20.50 16.26
C PRO A 474 -26.32 -19.97 15.22
N LYS A 475 -25.92 -19.94 13.96
CA LYS A 475 -26.81 -19.44 12.90
C LYS A 475 -26.47 -20.00 11.50
N ASP A 477 -27.04 -23.96 9.02
CA ASP A 477 -27.59 -25.31 8.95
C ASP A 477 -26.58 -26.39 9.28
N GLU A 478 -27.11 -27.59 9.52
CA GLU A 478 -26.31 -28.75 9.86
C GLU A 478 -25.42 -29.12 8.68
N GLY A 479 -26.01 -29.18 7.49
CA GLY A 479 -25.28 -29.53 6.28
C GLY A 479 -24.03 -28.68 6.11
N GLU A 480 -24.22 -27.37 6.13
CA GLU A 480 -23.13 -26.44 5.95
C GLU A 480 -22.08 -26.58 7.05
N ARG A 481 -22.53 -26.86 8.27
CA ARG A 481 -21.61 -27.00 9.39
C ARG A 481 -20.62 -28.12 9.12
N GLU A 482 -21.13 -29.34 8.96
CA GLU A 482 -20.27 -30.49 8.76
C GLU A 482 -19.50 -30.42 7.45
N LYS A 483 -20.08 -29.80 6.44
CA LYS A 483 -19.41 -29.69 5.16
C LYS A 483 -18.08 -28.97 5.38
N LEU A 484 -18.18 -27.84 6.06
CA LEU A 484 -17.02 -27.02 6.36
C LEU A 484 -16.02 -27.78 7.22
N TYR A 485 -16.53 -28.42 8.28
CA TYR A 485 -15.68 -29.14 9.22
C TYR A 485 -15.02 -30.38 8.57
N ARG A 486 -15.69 -30.94 7.58
CA ARG A 486 -15.17 -32.10 6.88
C ARG A 486 -13.97 -31.64 6.06
N GLY A 487 -14.11 -30.45 5.47
CA GLY A 487 -13.03 -29.85 4.70
C GLY A 487 -11.88 -29.50 5.61
N TRP A 488 -12.22 -29.02 6.81
CA TRP A 488 -11.20 -28.67 7.78
C TRP A 488 -10.33 -29.87 8.07
N LYS A 489 -10.96 -30.98 8.43
CA LYS A 489 -10.21 -32.19 8.77
C LYS A 489 -9.40 -32.68 7.58
N LYS A 490 -9.94 -32.51 6.37
CA LYS A 490 -9.19 -32.85 5.18
C LYS A 490 -7.94 -31.98 5.06
N ALA A 491 -8.07 -30.69 5.37
CA ALA A 491 -6.94 -29.77 5.33
C ALA A 491 -5.90 -30.25 6.32
N VAL A 492 -6.36 -30.55 7.53
CA VAL A 492 -5.49 -31.04 8.57
C VAL A 492 -4.83 -32.33 8.08
N GLU A 493 -5.65 -33.27 7.65
CA GLU A 493 -5.16 -34.56 7.16
C GLU A 493 -4.01 -34.40 6.14
N ALA A 494 -4.19 -33.50 5.18
CA ALA A 494 -3.19 -33.29 4.17
C ALA A 494 -1.96 -32.63 4.79
N THR A 495 -2.19 -31.68 5.70
CA THR A 495 -1.11 -30.97 6.36
C THR A 495 -0.11 -31.91 7.02
N GLN A 496 -0.61 -33.00 7.60
CA GLN A 496 0.24 -33.95 8.30
C GLN A 496 1.01 -34.84 7.33
N VAL A 497 0.56 -34.88 6.08
CA VAL A 497 1.24 -35.68 5.06
C VAL A 497 2.55 -35.03 4.59
N PHE A 498 2.63 -33.70 4.65
CA PHE A 498 3.84 -33.00 4.21
C PHE A 498 4.87 -32.96 5.33
N LYS A 499 5.91 -33.79 5.20
CA LYS A 499 6.95 -33.85 6.21
C LYS A 499 8.32 -34.22 5.62
N THR A 500 9.18 -33.21 5.49
CA THR A 500 10.51 -33.39 4.91
C THR A 500 11.47 -34.07 5.88
N GLU A 501 12.56 -34.62 5.35
CA GLU A 501 13.56 -35.26 6.21
C GLU A 501 14.74 -34.31 6.46
N ALA B 3 9.94 2.75 -48.01
CA ALA B 3 9.67 2.55 -49.48
C ALA B 3 8.44 1.67 -49.68
N GLU B 5 7.75 -1.35 -48.87
CA GLU B 5 8.05 -2.44 -47.98
C GLU B 5 6.79 -3.14 -47.44
N LYS B 6 6.81 -4.47 -47.49
CA LYS B 6 5.73 -5.32 -47.00
C LYS B 6 5.97 -5.81 -45.57
N TYR B 7 4.92 -6.37 -44.97
CA TYR B 7 4.97 -6.90 -43.62
C TYR B 7 4.03 -8.09 -43.48
N ILE B 8 4.25 -8.89 -42.43
CA ILE B 8 3.36 -10.00 -42.10
C ILE B 8 2.81 -9.77 -40.71
N LEU B 9 1.49 -9.57 -40.61
CA LEU B 9 0.85 -9.35 -39.33
C LEU B 9 0.58 -10.68 -38.65
N SER B 10 0.97 -10.79 -37.39
CA SER B 10 0.76 -12.00 -36.63
C SER B 10 -0.12 -11.70 -35.42
N ILE B 11 -1.20 -12.47 -35.25
CA ILE B 11 -2.05 -12.31 -34.09
C ILE B 11 -1.85 -13.47 -33.14
N ASP B 12 -1.59 -13.14 -31.88
CA ASP B 12 -1.43 -14.15 -30.87
C ASP B 12 -2.50 -13.92 -29.85
N GLN B 13 -3.60 -14.66 -29.99
CA GLN B 13 -4.69 -14.55 -29.07
C GLN B 13 -4.37 -15.48 -27.90
N GLY B 14 -3.82 -14.92 -26.83
CA GLY B 14 -3.42 -15.68 -25.64
C GLY B 14 -4.52 -15.82 -24.60
N THR B 15 -4.22 -16.51 -23.51
CA THR B 15 -5.21 -16.76 -22.47
C THR B 15 -5.63 -15.50 -21.71
N THR B 16 -4.69 -14.58 -21.51
CA THR B 16 -5.00 -13.36 -20.76
C THR B 16 -4.85 -12.05 -21.54
N SER B 17 -4.35 -12.12 -22.77
CA SER B 17 -4.27 -10.93 -23.61
C SER B 17 -4.12 -11.30 -25.09
N SER B 18 -4.44 -10.33 -25.94
CA SER B 18 -4.32 -10.48 -27.40
C SER B 18 -3.16 -9.61 -27.84
N ARG B 19 -2.42 -10.07 -28.84
CA ARG B 19 -1.25 -9.35 -29.31
C ARG B 19 -1.17 -9.33 -30.82
N ALA B 20 -0.73 -8.19 -31.36
CA ALA B 20 -0.53 -8.04 -32.79
C ALA B 20 0.96 -7.70 -33.02
N ILE B 21 1.63 -8.40 -33.91
CA ILE B 21 3.04 -8.13 -34.17
C ILE B 21 3.36 -8.12 -35.67
N LEU B 22 4.14 -7.13 -36.08
CA LEU B 22 4.51 -6.98 -37.46
C LEU B 22 5.96 -7.46 -37.71
N PHE B 23 6.14 -8.27 -38.74
CA PHE B 23 7.48 -8.76 -39.07
C PHE B 23 7.93 -8.31 -40.46
N ASN B 24 9.07 -7.63 -40.52
CA ASN B 24 9.59 -7.18 -41.80
C ASN B 24 10.23 -8.36 -42.52
N GLN B 25 10.71 -8.11 -43.72
CA GLN B 25 11.36 -9.16 -44.51
C GLN B 25 12.48 -9.84 -43.74
N LYS B 26 13.22 -9.08 -42.94
CA LYS B 26 14.34 -9.61 -42.16
C LYS B 26 13.90 -10.46 -40.95
N GLY B 27 12.61 -10.44 -40.61
CA GLY B 27 12.10 -11.21 -39.48
C GLY B 27 12.21 -10.46 -38.17
N GLU B 28 12.31 -9.14 -38.25
CA GLU B 28 12.38 -8.29 -37.06
C GLU B 28 10.99 -7.76 -36.72
N ILE B 29 10.78 -7.41 -35.47
CA ILE B 29 9.51 -6.87 -35.03
C ILE B 29 9.37 -5.42 -35.48
N ALA B 30 8.37 -5.15 -36.30
CA ALA B 30 8.14 -3.81 -36.81
C ALA B 30 7.09 -3.10 -35.95
N GLY B 31 6.53 -3.82 -34.98
CA GLY B 31 5.54 -3.24 -34.11
C GLY B 31 4.83 -4.26 -33.25
N VAL B 32 4.45 -3.84 -32.06
CA VAL B 32 3.76 -4.73 -31.15
C VAL B 32 2.59 -4.01 -30.48
N ALA B 33 1.48 -4.70 -30.32
CA ALA B 33 0.31 -4.13 -29.66
C ALA B 33 -0.35 -5.20 -28.81
N GLN B 34 -0.65 -4.88 -27.56
CA GLN B 34 -1.23 -5.83 -26.63
C GLN B 34 -2.48 -5.26 -25.94
N ARG B 35 -3.46 -6.12 -25.66
CA ARG B 35 -4.68 -5.65 -25.02
C ARG B 35 -5.32 -6.75 -24.20
N GLU B 36 -5.23 -6.66 -22.88
CA GLU B 36 -5.81 -7.68 -22.02
C GLU B 36 -7.32 -7.66 -22.12
N PHE B 37 -7.92 -8.80 -21.78
CA PHE B 37 -9.37 -8.93 -21.74
C PHE B 37 -9.70 -9.65 -20.44
N LYS B 38 -10.92 -9.47 -19.98
CA LYS B 38 -11.35 -10.01 -18.71
C LYS B 38 -11.30 -11.53 -18.61
N GLN B 39 -11.10 -12.00 -17.38
CA GLN B 39 -11.08 -13.41 -17.07
C GLN B 39 -12.22 -13.56 -16.06
N TYR B 40 -13.12 -14.52 -16.29
CA TYR B 40 -14.24 -14.75 -15.39
C TYR B 40 -14.07 -16.04 -14.60
N PHE B 41 -14.26 -15.97 -13.28
CA PHE B 41 -14.18 -17.17 -12.45
C PHE B 41 -15.49 -17.34 -11.68
N PRO B 42 -16.60 -17.51 -12.42
CA PRO B 42 -17.94 -17.66 -11.86
C PRO B 42 -18.04 -18.56 -10.62
N GLN B 43 -17.40 -19.72 -10.67
CA GLN B 43 -17.41 -20.67 -9.55
C GLN B 43 -16.05 -21.30 -9.45
N SER B 44 -15.66 -21.74 -8.26
CA SER B 44 -14.35 -22.33 -8.06
C SER B 44 -14.03 -23.35 -9.15
N GLY B 45 -12.87 -23.20 -9.79
CA GLY B 45 -12.43 -24.11 -10.84
C GLY B 45 -12.85 -23.67 -12.25
N TRP B 46 -13.89 -22.86 -12.34
CA TRP B 46 -14.39 -22.38 -13.62
C TRP B 46 -13.53 -21.22 -14.15
N VAL B 47 -13.32 -21.23 -15.46
CA VAL B 47 -12.60 -20.17 -16.14
C VAL B 47 -13.30 -19.97 -17.47
N GLU B 48 -13.66 -18.73 -17.78
CA GLU B 48 -14.36 -18.43 -19.02
C GLU B 48 -13.94 -17.06 -19.59
N HIS B 49 -14.09 -16.91 -20.90
CA HIS B 49 -13.86 -15.62 -21.55
C HIS B 49 -15.09 -15.24 -22.33
N ASP B 50 -15.21 -13.96 -22.66
CA ASP B 50 -16.31 -13.47 -23.46
C ASP B 50 -15.84 -13.40 -24.93
N ALA B 51 -16.30 -14.37 -25.72
CA ALA B 51 -15.94 -14.49 -27.13
C ALA B 51 -15.94 -13.17 -27.87
N ASN B 52 -16.95 -12.35 -27.59
CA ASN B 52 -17.05 -11.06 -28.24
C ASN B 52 -15.92 -10.13 -27.82
N GLU B 53 -15.58 -10.14 -26.54
CA GLU B 53 -14.51 -9.29 -26.03
C GLU B 53 -13.16 -9.74 -26.62
N ILE B 54 -13.03 -11.04 -26.86
CA ILE B 54 -11.83 -11.58 -27.45
C ILE B 54 -11.68 -11.04 -28.86
N TRP B 55 -12.78 -11.09 -29.61
CA TRP B 55 -12.78 -10.57 -30.97
C TRP B 55 -12.45 -9.09 -30.98
N THR B 56 -13.20 -8.30 -30.24
CA THR B 56 -12.97 -6.86 -30.19
C THR B 56 -11.54 -6.55 -29.75
N SER B 57 -10.92 -7.45 -28.98
CA SER B 57 -9.52 -7.23 -28.53
C SER B 57 -8.53 -7.45 -29.70
N VAL B 58 -8.74 -8.54 -30.42
CA VAL B 58 -7.90 -8.89 -31.54
C VAL B 58 -8.02 -7.85 -32.63
N LEU B 59 -9.22 -7.30 -32.73
CA LEU B 59 -9.53 -6.30 -33.72
C LEU B 59 -8.83 -5.01 -33.28
N ALA B 60 -8.71 -4.84 -31.97
CA ALA B 60 -8.07 -3.65 -31.39
C ALA B 60 -6.55 -3.68 -31.62
N VAL B 61 -5.90 -4.76 -31.22
CA VAL B 61 -4.46 -4.90 -31.37
C VAL B 61 -4.04 -4.67 -32.82
N THR B 63 -5.57 -2.77 -35.22
CA THR B 63 -5.67 -1.33 -35.48
C THR B 63 -4.50 -0.57 -34.90
N GLU B 64 -4.20 -0.86 -33.63
CA GLU B 64 -3.09 -0.22 -32.93
C GLU B 64 -1.74 -0.41 -33.59
N VAL B 65 -1.37 -1.67 -33.82
CA VAL B 65 -0.05 -1.98 -34.37
C VAL B 65 0.17 -1.27 -35.71
N ILE B 66 -0.89 -1.20 -36.51
CA ILE B 66 -0.83 -0.53 -37.80
C ILE B 66 -0.63 0.97 -37.67
N ASN B 67 -1.45 1.65 -36.86
CA ASN B 67 -1.29 3.09 -36.66
C ASN B 67 -0.01 3.43 -35.93
N GLU B 68 0.07 3.06 -34.66
CA GLU B 68 1.23 3.41 -33.83
C GLU B 68 2.56 3.19 -34.57
N ASN B 69 2.60 2.22 -35.48
CA ASN B 69 3.85 1.92 -36.19
C ASN B 69 3.92 2.45 -37.61
N ASP B 70 3.08 3.45 -37.91
CA ASP B 70 3.04 4.08 -39.21
C ASP B 70 3.19 3.16 -40.42
N VAL B 71 2.32 2.16 -40.50
CA VAL B 71 2.33 1.20 -41.60
C VAL B 71 0.96 1.08 -42.21
N ARG B 72 0.89 1.08 -43.53
CA ARG B 72 -0.39 0.95 -44.23
C ARG B 72 -0.94 -0.46 -44.20
N ALA B 73 -2.26 -0.55 -44.28
CA ALA B 73 -2.94 -1.84 -44.28
C ALA B 73 -2.63 -2.59 -45.57
N ASP B 74 -2.36 -1.85 -46.64
CA ASP B 74 -2.05 -2.45 -47.92
C ASP B 74 -0.58 -2.89 -48.00
N GLN B 75 0.13 -2.81 -46.89
CA GLN B 75 1.51 -3.26 -46.85
C GLN B 75 1.59 -4.63 -46.22
N ILE B 76 0.45 -5.20 -45.88
CA ILE B 76 0.41 -6.51 -45.22
C ILE B 76 0.31 -7.64 -46.24
N ALA B 77 1.40 -8.37 -46.38
CA ALA B 77 1.47 -9.47 -47.31
C ALA B 77 0.58 -10.61 -46.88
N GLY B 78 0.44 -10.79 -45.58
CA GLY B 78 -0.37 -11.87 -45.04
C GLY B 78 -0.56 -11.83 -43.52
N ILE B 79 -1.56 -12.58 -43.07
CA ILE B 79 -1.90 -12.64 -41.67
C ILE B 79 -1.77 -14.06 -41.13
N GLY B 80 -1.20 -14.17 -39.93
CA GLY B 80 -1.04 -15.45 -39.25
C GLY B 80 -1.77 -15.40 -37.92
N ILE B 81 -2.50 -16.45 -37.60
CA ILE B 81 -3.24 -16.50 -36.35
C ILE B 81 -2.83 -17.71 -35.54
N THR B 82 -2.42 -17.45 -34.32
CA THR B 82 -2.05 -18.49 -33.39
C THR B 82 -2.88 -18.19 -32.14
N ASN B 83 -3.16 -19.20 -31.31
CA ASN B 83 -4.08 -18.98 -30.22
C ASN B 83 -4.00 -19.90 -29.02
N GLN B 84 -4.73 -19.50 -27.96
CA GLN B 84 -4.89 -20.34 -26.78
C GLN B 84 -5.68 -21.55 -27.25
N ARG B 85 -5.14 -22.74 -26.99
CA ARG B 85 -5.77 -23.95 -27.46
C ARG B 85 -6.95 -24.39 -26.57
N GLU B 86 -7.67 -25.40 -27.04
CA GLU B 86 -8.81 -26.00 -26.35
C GLU B 86 -9.97 -25.05 -26.07
N THR B 87 -9.68 -23.83 -25.63
CA THR B 87 -10.74 -22.86 -25.35
C THR B 87 -11.80 -22.96 -26.43
N THR B 88 -13.03 -23.29 -26.02
CA THR B 88 -14.14 -23.52 -26.96
C THR B 88 -15.09 -22.34 -27.12
N VAL B 89 -15.61 -22.20 -28.33
CA VAL B 89 -16.60 -21.15 -28.65
C VAL B 89 -17.68 -21.73 -29.55
N VAL B 90 -18.94 -21.43 -29.20
CA VAL B 90 -20.10 -21.88 -29.96
C VAL B 90 -20.97 -20.67 -30.26
N TRP B 91 -21.23 -20.42 -31.54
CA TRP B 91 -22.02 -19.26 -31.92
C TRP B 91 -23.13 -19.54 -32.91
N ASP B 92 -23.93 -18.52 -33.20
CA ASP B 92 -25.01 -18.66 -34.17
C ASP B 92 -24.48 -18.36 -35.56
N LYS B 93 -24.61 -19.35 -36.44
CA LYS B 93 -24.14 -19.23 -37.81
C LYS B 93 -24.57 -17.90 -38.43
N HIS B 94 -25.83 -17.53 -38.22
CA HIS B 94 -26.40 -16.33 -38.83
C HIS B 94 -26.06 -15.01 -38.14
N THR B 95 -26.45 -14.85 -36.88
CA THR B 95 -26.17 -13.60 -36.17
C THR B 95 -24.69 -13.41 -35.82
N GLY B 96 -23.89 -14.46 -35.98
CA GLY B 96 -22.45 -14.39 -35.68
C GLY B 96 -22.16 -14.03 -34.23
N ARG B 97 -23.03 -14.51 -33.33
CA ARG B 97 -22.93 -14.23 -31.90
C ARG B 97 -22.77 -15.51 -31.11
N PRO B 98 -21.82 -15.54 -30.18
CA PRO B 98 -21.67 -16.72 -29.34
C PRO B 98 -22.90 -16.86 -28.44
N ILE B 99 -23.37 -18.09 -28.26
CA ILE B 99 -24.57 -18.33 -27.44
C ILE B 99 -24.26 -18.38 -25.94
N TYR B 100 -22.98 -18.25 -25.60
CA TYR B 100 -22.55 -18.34 -24.20
C TYR B 100 -21.05 -18.02 -24.16
N HIS B 101 -20.50 -17.80 -22.97
CA HIS B 101 -19.06 -17.53 -22.87
C HIS B 101 -18.23 -18.66 -23.45
N ALA B 102 -17.00 -18.32 -23.85
CA ALA B 102 -16.09 -19.32 -24.32
C ALA B 102 -15.56 -20.02 -23.07
N ILE B 103 -15.59 -21.34 -23.05
CA ILE B 103 -15.05 -22.09 -21.93
C ILE B 103 -13.55 -22.22 -22.17
N VAL B 104 -12.76 -21.70 -21.24
CA VAL B 104 -11.31 -21.69 -21.40
C VAL B 104 -10.69 -23.06 -21.15
N TRP B 105 -9.52 -23.27 -21.74
CA TRP B 105 -8.82 -24.54 -21.60
C TRP B 105 -8.60 -24.91 -20.13
N GLN B 106 -8.49 -23.90 -19.27
CA GLN B 106 -8.26 -24.13 -17.86
C GLN B 106 -9.48 -24.60 -17.08
N SER B 107 -10.67 -24.16 -17.49
CA SER B 107 -11.90 -24.45 -16.75
C SER B 107 -12.06 -25.93 -16.36
N ARG B 108 -12.58 -26.16 -15.16
CA ARG B 108 -12.84 -27.50 -14.67
C ARG B 108 -14.34 -27.76 -14.65
N GLN B 109 -15.11 -26.89 -15.31
CA GLN B 109 -16.59 -26.98 -15.28
C GLN B 109 -17.19 -28.16 -16.09
N THR B 110 -16.33 -28.97 -16.70
CA THR B 110 -16.81 -30.12 -17.46
C THR B 110 -16.26 -31.40 -16.82
N GLN B 111 -16.07 -31.34 -15.50
CA GLN B 111 -15.57 -32.49 -14.76
C GLN B 111 -16.56 -33.63 -14.75
N SER B 112 -17.81 -33.35 -14.42
CA SER B 112 -18.83 -34.40 -14.35
C SER B 112 -18.95 -35.15 -15.68
N ILE B 113 -18.88 -34.40 -16.77
CA ILE B 113 -18.93 -35.01 -18.10
C ILE B 113 -17.77 -35.99 -18.28
N CYS B 114 -16.57 -35.58 -17.86
CA CYS B 114 -15.40 -36.45 -17.97
C CYS B 114 -15.57 -37.70 -17.11
N SER B 115 -15.99 -37.51 -15.86
CA SER B 115 -16.21 -38.62 -14.95
C SER B 115 -17.19 -39.65 -15.50
N GLU B 116 -18.24 -39.16 -16.18
CA GLU B 116 -19.23 -40.05 -16.80
C GLU B 116 -18.55 -41.00 -17.77
N LEU B 117 -17.98 -40.43 -18.83
CA LEU B 117 -17.30 -41.20 -19.87
C LEU B 117 -16.14 -42.00 -19.31
N LYS B 118 -15.43 -41.42 -18.35
CA LYS B 118 -14.30 -42.07 -17.73
C LYS B 118 -14.79 -43.32 -17.00
N GLN B 119 -15.98 -43.21 -16.40
CA GLN B 119 -16.59 -44.32 -15.65
C GLN B 119 -17.14 -45.41 -16.57
N GLN B 120 -17.33 -45.07 -17.85
CA GLN B 120 -17.85 -46.03 -18.83
C GLN B 120 -16.71 -46.67 -19.62
N GLY B 121 -15.48 -46.47 -19.16
CA GLY B 121 -14.28 -47.08 -19.76
C GLY B 121 -13.81 -46.46 -21.07
N TYR B 122 -14.49 -45.42 -21.52
CA TYR B 122 -14.14 -44.80 -22.80
C TYR B 122 -12.81 -44.06 -22.79
N GLU B 123 -12.23 -43.84 -21.62
CA GLU B 123 -10.98 -43.09 -21.59
C GLU B 123 -9.93 -43.72 -22.48
N GLN B 124 -9.76 -45.03 -22.41
CA GLN B 124 -8.78 -45.70 -23.24
C GLN B 124 -9.05 -45.43 -24.73
N THR B 125 -10.33 -45.35 -25.08
CA THR B 125 -10.73 -45.06 -26.46
C THR B 125 -10.15 -43.73 -26.91
N PHE B 126 -10.36 -42.70 -26.09
CA PHE B 126 -9.89 -41.37 -26.42
C PHE B 126 -8.36 -41.29 -26.46
N ARG B 127 -7.69 -42.04 -25.59
CA ARG B 127 -6.24 -42.04 -25.57
C ARG B 127 -5.70 -42.63 -26.86
N ASP B 128 -6.27 -43.75 -27.28
CA ASP B 128 -5.82 -44.44 -28.48
C ASP B 128 -6.11 -43.66 -29.77
N LYS B 129 -7.13 -42.81 -29.74
CA LYS B 129 -7.54 -42.03 -30.92
C LYS B 129 -7.03 -40.59 -30.94
N THR B 130 -7.26 -39.88 -29.85
CA THR B 130 -6.92 -38.47 -29.76
C THR B 130 -5.49 -38.20 -29.28
N GLY B 131 -4.88 -39.18 -28.63
CA GLY B 131 -3.54 -39.01 -28.08
C GLY B 131 -3.59 -38.12 -26.84
N LEU B 132 -4.80 -37.94 -26.31
CA LEU B 132 -5.01 -37.11 -25.13
C LEU B 132 -5.54 -37.95 -23.97
N LEU B 133 -6.62 -37.51 -23.33
CA LEU B 133 -7.23 -38.22 -22.20
C LEU B 133 -8.55 -37.53 -21.79
N LEU B 134 -9.27 -38.09 -20.81
CA LEU B 134 -10.56 -37.52 -20.38
C LEU B 134 -10.47 -36.48 -19.26
N ASP B 135 -9.83 -35.36 -19.56
CA ASP B 135 -9.67 -34.26 -18.61
C ASP B 135 -10.45 -33.07 -19.14
N PRO B 136 -11.12 -32.31 -18.25
CA PRO B 136 -11.90 -31.14 -18.69
C PRO B 136 -11.07 -30.10 -19.45
N TYR B 137 -9.80 -30.44 -19.69
CA TYR B 137 -8.84 -29.54 -20.35
C TYR B 137 -9.04 -29.41 -21.86
N PHE B 138 -9.71 -30.39 -22.46
CA PHE B 138 -9.88 -30.42 -23.91
C PHE B 138 -11.27 -29.98 -24.39
N ALA B 139 -11.31 -29.51 -25.65
CA ALA B 139 -12.52 -28.94 -26.25
C ALA B 139 -13.78 -29.82 -26.21
N GLY B 140 -13.67 -31.06 -26.68
CA GLY B 140 -14.82 -31.96 -26.74
C GLY B 140 -15.93 -31.91 -25.69
N THR B 141 -15.53 -31.98 -24.43
CA THR B 141 -16.47 -31.97 -23.33
C THR B 141 -17.12 -30.59 -23.20
N LYS B 142 -16.37 -29.55 -23.56
CA LYS B 142 -16.86 -28.16 -23.42
C LYS B 142 -18.04 -27.90 -24.33
N VAL B 143 -17.98 -28.42 -25.56
CA VAL B 143 -19.09 -28.23 -26.47
C VAL B 143 -20.30 -28.90 -25.86
N LYS B 144 -20.14 -30.17 -25.51
CA LYS B 144 -21.21 -30.93 -24.91
C LYS B 144 -21.79 -30.19 -23.72
N TRP B 145 -20.91 -29.60 -22.93
CA TRP B 145 -21.36 -28.86 -21.77
C TRP B 145 -22.35 -27.78 -22.21
N ILE B 146 -21.95 -27.03 -23.23
CA ILE B 146 -22.76 -25.93 -23.73
C ILE B 146 -24.10 -26.40 -24.30
N LEU B 147 -24.08 -27.46 -25.09
CA LEU B 147 -25.30 -27.98 -25.68
C LEU B 147 -26.26 -28.54 -24.63
N ASP B 148 -25.69 -29.13 -23.57
CA ASP B 148 -26.48 -29.73 -22.51
C ASP B 148 -26.94 -28.74 -21.44
N ASN B 149 -26.20 -27.65 -21.27
CA ASN B 149 -26.53 -26.69 -20.22
C ASN B 149 -27.13 -25.37 -20.69
N VAL B 150 -26.70 -24.89 -21.85
CA VAL B 150 -27.21 -23.63 -22.38
C VAL B 150 -28.57 -23.89 -23.02
N GLU B 151 -29.60 -23.23 -22.50
CA GLU B 151 -30.95 -23.40 -23.00
C GLU B 151 -31.01 -23.10 -24.49
N GLY B 152 -31.76 -23.91 -25.23
CA GLY B 152 -31.92 -23.71 -26.67
C GLY B 152 -30.80 -24.29 -27.51
N ALA B 153 -29.60 -24.40 -26.94
CA ALA B 153 -28.44 -24.93 -27.67
C ALA B 153 -28.77 -26.24 -28.37
N ARG B 154 -29.17 -27.26 -27.60
CA ARG B 154 -29.55 -28.55 -28.18
C ARG B 154 -30.26 -28.39 -29.52
N GLU B 155 -31.49 -27.87 -29.47
CA GLU B 155 -32.35 -27.71 -30.63
C GLU B 155 -31.82 -26.79 -31.73
N LYS B 156 -30.98 -25.83 -31.36
CA LYS B 156 -30.37 -24.94 -32.37
C LYS B 156 -29.31 -25.70 -33.13
N ALA B 157 -28.61 -26.58 -32.43
CA ALA B 157 -27.56 -27.40 -33.04
C ALA B 157 -28.18 -28.42 -33.99
N GLU B 158 -29.38 -28.89 -33.66
CA GLU B 158 -30.08 -29.87 -34.49
C GLU B 158 -30.60 -29.22 -35.78
N ASN B 159 -30.89 -27.93 -35.73
CA ASN B 159 -31.36 -27.20 -36.90
C ASN B 159 -30.20 -26.63 -37.69
N GLY B 160 -28.98 -26.92 -37.24
CA GLY B 160 -27.78 -26.44 -37.91
C GLY B 160 -27.64 -24.95 -37.83
N ASP B 161 -27.99 -24.39 -36.69
CA ASP B 161 -27.91 -22.95 -36.47
C ASP B 161 -26.63 -22.59 -35.74
N LEU B 162 -25.95 -23.59 -35.20
CA LEU B 162 -24.75 -23.34 -34.42
C LEU B 162 -23.48 -23.83 -35.08
N LEU B 163 -22.38 -23.20 -34.71
CA LEU B 163 -21.05 -23.58 -35.19
C LEU B 163 -20.09 -23.69 -34.03
N PHE B 164 -19.16 -24.62 -34.13
CA PHE B 164 -18.14 -24.78 -33.11
C PHE B 164 -16.79 -24.35 -33.65
N GLY B 165 -15.90 -24.00 -32.73
CA GLY B 165 -14.55 -23.62 -33.10
C GLY B 165 -13.68 -23.23 -31.92
N THR B 166 -12.43 -23.67 -31.97
CA THR B 166 -11.46 -23.24 -31.01
C THR B 166 -11.12 -21.81 -31.45
N ILE B 167 -10.49 -21.02 -30.60
CA ILE B 167 -10.25 -19.61 -30.92
C ILE B 167 -9.80 -19.35 -32.36
N ASP B 168 -8.83 -20.12 -32.87
CA ASP B 168 -8.35 -19.93 -34.24
C ASP B 168 -9.53 -19.84 -35.23
N THR B 169 -10.45 -20.78 -35.11
CA THR B 169 -11.62 -20.86 -35.96
C THR B 169 -12.50 -19.63 -35.79
N TRP B 170 -12.79 -19.30 -34.53
CA TRP B 170 -13.62 -18.16 -34.22
C TRP B 170 -13.07 -16.90 -34.89
N LEU B 171 -11.77 -16.68 -34.76
CA LEU B 171 -11.13 -15.49 -35.32
C LEU B 171 -11.17 -15.45 -36.83
N VAL B 172 -10.79 -16.56 -37.45
CA VAL B 172 -10.79 -16.62 -38.90
C VAL B 172 -12.20 -16.45 -39.48
N TRP B 173 -13.19 -17.05 -38.84
CA TRP B 173 -14.58 -16.95 -39.29
C TRP B 173 -15.11 -15.51 -39.22
N LYS B 174 -14.76 -14.81 -38.15
CA LYS B 174 -15.20 -13.44 -37.98
C LYS B 174 -14.47 -12.52 -38.94
N LEU B 175 -13.14 -12.64 -38.95
CA LEU B 175 -12.26 -11.82 -39.78
C LEU B 175 -12.55 -11.95 -41.27
N SER B 176 -12.82 -13.16 -41.73
CA SER B 176 -13.07 -13.41 -43.15
C SER B 176 -14.53 -13.17 -43.56
N GLY B 177 -15.33 -12.65 -42.63
CA GLY B 177 -16.73 -12.36 -42.92
C GLY B 177 -17.57 -13.61 -43.11
N LYS B 178 -17.25 -14.66 -42.37
CA LYS B 178 -18.01 -15.91 -42.39
C LYS B 178 -17.66 -16.76 -43.61
N ALA B 179 -16.71 -16.29 -44.41
CA ALA B 179 -16.30 -17.01 -45.60
C ALA B 179 -15.68 -18.35 -45.26
N ALA B 180 -14.84 -18.37 -44.23
CA ALA B 180 -14.14 -19.59 -43.85
C ALA B 180 -14.42 -20.03 -42.43
N HIS B 181 -14.78 -21.30 -42.28
CA HIS B 181 -14.99 -21.90 -40.98
C HIS B 181 -14.08 -23.10 -40.92
N ILE B 182 -12.79 -22.85 -40.67
CA ILE B 182 -11.78 -23.90 -40.67
C ILE B 182 -10.89 -23.90 -39.41
N THR B 183 -10.02 -24.90 -39.34
CA THR B 183 -9.06 -25.04 -38.23
C THR B 183 -7.94 -25.89 -38.76
N ASP B 184 -6.76 -25.84 -38.16
CA ASP B 184 -5.66 -26.66 -38.66
C ASP B 184 -5.51 -27.89 -37.79
N TYR B 185 -4.61 -28.78 -38.19
CA TYR B 185 -4.39 -30.04 -37.49
C TYR B 185 -4.08 -29.87 -36.00
N SER B 186 -3.08 -29.02 -35.70
CA SER B 186 -2.66 -28.80 -34.33
C SER B 186 -3.85 -28.48 -33.43
N ASN B 187 -4.55 -27.40 -33.73
CA ASN B 187 -5.71 -27.01 -32.95
C ASN B 187 -6.75 -28.11 -32.87
N ALA B 188 -6.99 -28.77 -33.99
CA ALA B 188 -7.97 -29.86 -34.04
C ALA B 188 -7.58 -31.01 -33.11
N SER B 189 -6.29 -31.33 -33.07
CA SER B 189 -5.78 -32.46 -32.26
C SER B 189 -5.85 -32.22 -30.76
N ARG B 190 -6.49 -31.13 -30.35
CA ARG B 190 -6.62 -30.79 -28.94
C ARG B 190 -8.10 -30.70 -28.58
N THR B 191 -8.94 -31.35 -29.37
CA THR B 191 -10.37 -31.24 -29.20
C THR B 191 -11.08 -32.51 -28.71
N LEU B 192 -10.33 -33.61 -28.58
CA LEU B 192 -10.94 -34.89 -28.16
C LEU B 192 -11.89 -35.44 -29.21
N PHE B 194 -11.00 -35.10 -32.80
CA PHE B 194 -10.21 -35.35 -33.98
C PHE B 194 -9.27 -36.53 -33.80
N ASN B 195 -9.39 -37.53 -34.69
CA ASN B 195 -8.53 -38.70 -34.64
C ASN B 195 -7.17 -38.34 -35.23
N ILE B 196 -6.16 -38.22 -34.37
CA ILE B 196 -4.83 -37.79 -34.80
C ILE B 196 -4.02 -38.84 -35.57
N HIS B 197 -4.53 -40.07 -35.63
CA HIS B 197 -3.82 -41.14 -36.32
C HIS B 197 -4.22 -41.25 -37.79
N ASP B 198 -5.48 -41.04 -38.09
CA ASP B 198 -5.95 -41.07 -39.48
C ASP B 198 -6.28 -39.65 -39.97
N LEU B 199 -6.28 -38.70 -39.05
CA LEU B 199 -6.48 -37.30 -39.38
C LEU B 199 -7.90 -36.95 -39.88
N GLU B 200 -8.88 -37.02 -38.99
CA GLU B 200 -10.26 -36.65 -39.32
C GLU B 200 -11.18 -36.76 -38.11
N TRP B 201 -12.28 -36.00 -38.11
CA TRP B 201 -13.21 -36.03 -37.00
C TRP B 201 -13.68 -37.45 -36.78
N ASP B 202 -13.55 -37.95 -35.55
CA ASP B 202 -13.92 -39.33 -35.25
C ASP B 202 -15.40 -39.45 -34.91
N ASP B 203 -16.12 -40.15 -35.78
CA ASP B 203 -17.56 -40.35 -35.64
C ASP B 203 -17.95 -40.87 -34.27
N GLU B 204 -17.23 -41.90 -33.81
CA GLU B 204 -17.51 -42.48 -32.50
C GLU B 204 -17.40 -41.43 -31.41
N LEU B 205 -16.25 -40.78 -31.33
CA LEU B 205 -16.02 -39.78 -30.32
C LEU B 205 -17.12 -38.72 -30.35
N LEU B 206 -17.57 -38.38 -31.56
CA LEU B 206 -18.62 -37.36 -31.71
C LEU B 206 -19.95 -37.80 -31.08
N GLU B 207 -20.41 -39.02 -31.42
CA GLU B 207 -21.63 -39.55 -30.83
C GLU B 207 -21.45 -39.65 -29.35
N LEU B 208 -20.24 -40.08 -28.96
CA LEU B 208 -19.90 -40.30 -27.57
C LEU B 208 -19.86 -38.97 -26.80
N LEU B 209 -19.73 -37.87 -27.54
CA LEU B 209 -19.73 -36.53 -26.96
C LEU B 209 -21.03 -35.80 -27.31
N THR B 210 -21.99 -36.55 -27.85
CA THR B 210 -23.29 -36.01 -28.27
C THR B 210 -23.15 -34.67 -28.99
N VAL B 211 -22.15 -34.56 -29.88
CA VAL B 211 -21.90 -33.34 -30.64
C VAL B 211 -22.15 -33.56 -32.13
N PRO B 212 -23.10 -32.80 -32.72
CA PRO B 212 -23.43 -32.92 -34.15
C PRO B 212 -22.22 -32.63 -35.03
N LYS B 213 -22.17 -33.29 -36.18
CA LYS B 213 -21.03 -33.16 -37.08
C LYS B 213 -21.14 -31.89 -37.94
N ASN B 214 -22.33 -31.30 -38.01
CA ASN B 214 -22.55 -30.11 -38.82
C ASN B 214 -21.93 -28.83 -38.25
N LEU B 216 -18.82 -28.84 -36.86
CA LEU B 216 -17.38 -28.95 -37.04
C LEU B 216 -16.88 -28.23 -38.27
N PRO B 217 -15.74 -27.53 -38.14
CA PRO B 217 -15.10 -26.85 -39.24
C PRO B 217 -14.21 -27.81 -40.02
N GLU B 218 -13.64 -27.33 -41.12
CA GLU B 218 -12.76 -28.17 -41.93
C GLU B 218 -11.35 -28.15 -41.38
N VAL B 219 -10.72 -29.31 -41.31
CA VAL B 219 -9.36 -29.41 -40.82
C VAL B 219 -8.39 -29.25 -41.99
N LYS B 220 -7.60 -28.18 -41.96
CA LYS B 220 -6.68 -27.86 -43.04
C LYS B 220 -5.23 -27.88 -42.54
N ALA B 221 -4.28 -27.69 -43.45
CA ALA B 221 -2.88 -27.64 -43.05
C ALA B 221 -2.63 -26.36 -42.24
N SER B 222 -1.49 -26.29 -41.58
CA SER B 222 -1.15 -25.15 -40.74
C SER B 222 -0.65 -23.93 -41.52
N SER B 223 -0.23 -24.14 -42.76
CA SER B 223 0.29 -23.06 -43.60
C SER B 223 -0.38 -23.11 -44.96
N GLU B 224 -1.51 -22.43 -45.07
CA GLU B 224 -2.30 -22.42 -46.29
C GLU B 224 -3.16 -21.18 -46.30
N VAL B 225 -3.46 -20.65 -47.47
CA VAL B 225 -4.32 -19.48 -47.58
C VAL B 225 -5.76 -19.94 -47.37
N TYR B 226 -6.30 -19.68 -46.19
CA TYR B 226 -7.65 -20.12 -45.86
C TYR B 226 -8.69 -19.16 -46.44
N GLY B 227 -8.24 -17.98 -46.85
CA GLY B 227 -9.12 -16.97 -47.43
C GLY B 227 -8.53 -15.59 -47.26
N LYS B 228 -9.39 -14.58 -47.22
CA LYS B 228 -8.95 -13.21 -47.04
C LYS B 228 -9.82 -12.48 -46.03
N THR B 229 -9.32 -11.35 -45.53
CA THR B 229 -10.07 -10.55 -44.59
C THR B 229 -11.12 -9.78 -45.38
N ILE B 230 -12.30 -9.58 -44.82
CA ILE B 230 -13.27 -8.74 -45.49
C ILE B 230 -12.79 -7.32 -45.32
N ASP B 231 -13.04 -6.50 -46.32
CA ASP B 231 -12.58 -5.13 -46.33
C ASP B 231 -12.85 -4.35 -45.06
N TYR B 232 -14.08 -4.40 -44.54
CA TYR B 232 -14.40 -3.59 -43.35
C TYR B 232 -13.72 -4.06 -42.05
N HIS B 233 -13.22 -5.29 -42.02
CA HIS B 233 -12.49 -5.74 -40.84
C HIS B 233 -11.00 -5.56 -41.05
N PHE B 234 -10.61 -4.93 -42.14
CA PHE B 234 -9.21 -4.65 -42.36
C PHE B 234 -9.00 -3.42 -43.23
N TYR B 235 -9.52 -2.30 -42.75
CA TYR B 235 -9.29 -0.99 -43.35
C TYR B 235 -9.44 -0.94 -44.87
N GLY B 236 -10.44 -1.68 -45.38
CA GLY B 236 -10.75 -1.70 -46.79
C GLY B 236 -9.94 -2.71 -47.59
N GLN B 237 -9.07 -3.45 -46.91
CA GLN B 237 -8.22 -4.41 -47.57
C GLN B 237 -8.67 -5.84 -47.37
N GLU B 238 -8.39 -6.66 -48.37
CA GLU B 238 -8.70 -8.07 -48.31
C GLU B 238 -7.40 -8.83 -48.28
N VAL B 239 -6.74 -8.79 -47.12
CA VAL B 239 -5.46 -9.44 -46.94
C VAL B 239 -5.65 -10.93 -46.71
N PRO B 240 -4.76 -11.75 -47.29
CA PRO B 240 -4.86 -13.19 -47.11
C PRO B 240 -4.54 -13.68 -45.69
N ILE B 241 -5.30 -14.68 -45.25
CA ILE B 241 -5.11 -15.30 -43.94
C ILE B 241 -4.47 -16.65 -44.24
N ALA B 242 -3.15 -16.72 -44.12
CA ALA B 242 -2.41 -17.90 -44.55
C ALA B 242 -1.63 -18.66 -43.49
N GLY B 243 -2.05 -18.61 -42.23
CA GLY B 243 -1.36 -19.34 -41.18
C GLY B 243 -2.17 -19.53 -39.92
N VAL B 244 -2.27 -20.78 -39.44
CA VAL B 244 -2.99 -21.08 -38.20
C VAL B 244 -2.31 -22.23 -37.48
N ALA B 245 -2.26 -22.13 -36.15
CA ALA B 245 -1.62 -23.15 -35.32
C ALA B 245 -1.72 -22.80 -33.85
N GLY B 246 -1.84 -23.82 -33.01
CA GLY B 246 -1.91 -23.60 -31.57
C GLY B 246 -0.65 -22.88 -31.10
N ASP B 247 -0.84 -21.91 -30.21
CA ASP B 247 0.27 -21.11 -29.70
C ASP B 247 1.54 -21.90 -29.40
N GLN B 248 1.41 -23.02 -28.69
CA GLN B 248 2.57 -23.81 -28.31
C GLN B 248 3.24 -24.45 -29.53
N GLN B 249 2.42 -24.95 -30.46
CA GLN B 249 2.97 -25.51 -31.67
C GLN B 249 3.68 -24.40 -32.42
N ALA B 250 3.01 -23.27 -32.55
CA ALA B 250 3.59 -22.12 -33.25
C ALA B 250 4.91 -21.72 -32.61
N ALA B 251 5.03 -21.91 -31.30
CA ALA B 251 6.25 -21.59 -30.60
C ALA B 251 7.32 -22.60 -30.94
N LEU B 252 6.91 -23.86 -31.09
CA LEU B 252 7.82 -24.93 -31.44
C LEU B 252 8.46 -24.59 -32.78
N PHE B 253 7.61 -24.27 -33.74
CA PHE B 253 8.02 -23.88 -35.07
C PHE B 253 8.92 -22.65 -34.96
N GLY B 254 8.47 -21.66 -34.18
CA GLY B 254 9.20 -20.41 -33.99
C GLY B 254 10.61 -20.59 -33.45
N GLN B 255 10.82 -21.63 -32.64
CA GLN B 255 12.14 -21.92 -32.06
C GLN B 255 13.05 -22.66 -33.04
N ALA B 256 12.51 -23.01 -34.20
CA ALA B 256 13.27 -23.73 -35.21
C ALA B 256 13.40 -25.20 -34.82
N CYS B 257 12.32 -25.75 -34.25
CA CYS B 257 12.27 -27.16 -33.86
C CYS B 257 11.49 -27.94 -34.92
N PHE B 258 12.19 -28.34 -35.98
CA PHE B 258 11.51 -28.98 -37.12
C PHE B 258 11.59 -30.51 -37.22
N GLU B 259 12.45 -31.15 -36.42
CA GLU B 259 12.52 -32.62 -36.44
C GLU B 259 12.77 -33.22 -35.06
N ARG B 260 12.75 -34.56 -35.01
CA ARG B 260 12.93 -35.31 -33.77
C ARG B 260 14.08 -34.77 -32.92
N GLY B 261 13.84 -34.66 -31.61
CA GLY B 261 14.85 -34.19 -30.68
C GLY B 261 14.70 -32.73 -30.30
N ASP B 262 14.21 -31.93 -31.23
CA ASP B 262 14.03 -30.51 -30.96
C ASP B 262 12.97 -30.30 -29.89
N VAL B 263 13.38 -29.67 -28.79
CA VAL B 263 12.49 -29.41 -27.65
C VAL B 263 12.59 -27.96 -27.17
N LYS B 264 11.46 -27.39 -26.79
CA LYS B 264 11.41 -26.04 -26.27
C LYS B 264 10.42 -26.01 -25.11
N ASN B 265 10.50 -24.95 -24.31
CA ASN B 265 9.57 -24.78 -23.21
C ASN B 265 9.09 -23.35 -23.14
N THR B 266 7.77 -23.17 -23.04
CA THR B 266 7.16 -21.85 -22.98
C THR B 266 6.60 -21.57 -21.59
N TYR B 267 6.84 -20.36 -21.10
CA TYR B 267 6.33 -19.94 -19.79
C TYR B 267 5.33 -18.80 -19.96
N GLY B 268 4.07 -19.14 -20.16
CA GLY B 268 3.06 -18.12 -20.30
C GLY B 268 2.08 -18.24 -19.15
N THR B 269 0.80 -18.16 -19.45
CA THR B 269 -0.20 -18.38 -18.45
C THR B 269 0.10 -19.74 -17.90
N GLY B 270 0.25 -20.69 -18.81
CA GLY B 270 0.63 -22.06 -18.44
C GLY B 270 2.05 -22.37 -18.93
N GLY B 271 2.58 -23.51 -18.51
CA GLY B 271 3.91 -23.92 -18.93
C GLY B 271 3.74 -25.08 -19.87
N PHE B 272 4.41 -25.02 -21.03
CA PHE B 272 4.28 -26.07 -22.01
C PHE B 272 5.59 -26.37 -22.70
N LEU B 274 7.19 -28.86 -25.55
CA LEU B 274 6.89 -29.77 -26.65
C LEU B 274 8.17 -30.25 -27.30
N ASN B 276 9.43 -32.15 -30.97
CA ASN B 276 9.05 -32.59 -32.30
C ASN B 276 9.48 -34.04 -32.46
N THR B 277 8.53 -34.89 -32.86
CA THR B 277 8.80 -36.32 -33.03
C THR B 277 8.65 -36.73 -34.48
N GLY B 278 8.88 -35.80 -35.39
CA GLY B 278 8.74 -36.07 -36.82
C GLY B 278 7.32 -36.47 -37.17
N ASP B 279 7.19 -37.41 -38.10
CA ASP B 279 5.89 -37.88 -38.56
C ASP B 279 5.41 -39.12 -37.80
N LYS B 280 6.22 -39.61 -36.86
CA LYS B 280 5.84 -40.78 -36.07
C LYS B 280 5.27 -40.35 -34.72
N ALA B 281 3.95 -40.41 -34.59
CA ALA B 281 3.29 -40.08 -33.34
C ALA B 281 3.77 -41.06 -32.27
N VAL B 282 4.33 -40.53 -31.18
CA VAL B 282 4.86 -41.37 -30.11
C VAL B 282 3.92 -41.39 -28.91
N LYS B 283 3.59 -42.60 -28.45
CA LYS B 283 2.73 -42.79 -27.29
C LYS B 283 3.53 -42.56 -26.02
N SER B 284 2.92 -41.87 -25.06
CA SER B 284 3.60 -41.58 -23.80
C SER B 284 3.16 -42.52 -22.69
N GLU B 285 4.10 -42.84 -21.81
CA GLU B 285 3.82 -43.70 -20.67
C GLU B 285 4.09 -42.95 -19.36
N SER B 286 4.46 -41.68 -19.46
CA SER B 286 4.80 -40.89 -18.28
C SER B 286 3.97 -39.61 -18.12
N GLY B 287 2.73 -39.63 -18.60
CA GLY B 287 1.82 -38.49 -18.45
C GLY B 287 1.97 -37.36 -19.46
N LEU B 288 2.60 -37.63 -20.59
CA LEU B 288 2.74 -36.61 -21.63
C LEU B 288 1.60 -36.78 -22.62
N LEU B 289 1.41 -35.78 -23.47
CA LEU B 289 0.35 -35.83 -24.46
C LEU B 289 0.93 -36.02 -25.86
N THR B 290 0.27 -36.87 -26.65
CA THR B 290 0.67 -37.10 -28.03
C THR B 290 -0.26 -36.26 -28.90
N THR B 291 0.31 -35.27 -29.58
CA THR B 291 -0.50 -34.37 -30.37
C THR B 291 0.23 -33.94 -31.65
N ILE B 292 -0.52 -33.30 -32.54
CA ILE B 292 0.03 -32.85 -33.82
C ILE B 292 0.80 -31.55 -33.66
N ALA B 293 2.02 -31.53 -34.20
CA ALA B 293 2.86 -30.35 -34.11
C ALA B 293 2.45 -29.32 -35.15
N TYR B 294 2.32 -29.76 -36.41
CA TYR B 294 1.92 -28.86 -37.49
C TYR B 294 1.86 -29.54 -38.85
N GLY B 295 1.00 -29.02 -39.71
CA GLY B 295 0.84 -29.53 -41.07
C GLY B 295 1.47 -28.55 -42.04
N ILE B 296 2.50 -28.99 -42.76
CA ILE B 296 3.18 -28.12 -43.70
C ILE B 296 3.93 -28.91 -44.77
N ASP B 297 3.83 -28.43 -46.00
CA ASP B 297 4.51 -29.07 -47.14
C ASP B 297 4.07 -30.50 -47.31
N GLY B 298 2.76 -30.72 -47.22
CA GLY B 298 2.18 -32.05 -47.39
C GLY B 298 2.46 -32.96 -46.22
N LYS B 299 3.41 -32.56 -45.37
CA LYS B 299 3.79 -33.35 -44.20
C LYS B 299 2.98 -32.92 -42.98
N VAL B 300 2.89 -33.82 -42.00
CA VAL B 300 2.17 -33.56 -40.75
C VAL B 300 2.98 -34.09 -39.59
N ASN B 301 3.77 -33.22 -38.96
CA ASN B 301 4.60 -33.61 -37.83
C ASN B 301 3.79 -33.76 -36.55
N TYR B 302 4.20 -34.73 -35.73
CA TYR B 302 3.58 -34.97 -34.44
C TYR B 302 4.50 -34.42 -33.37
N ALA B 303 4.07 -34.51 -32.11
CA ALA B 303 4.89 -34.02 -31.01
C ALA B 303 4.46 -34.58 -29.66
N LEU B 304 5.41 -34.60 -28.72
CA LEU B 304 5.14 -34.99 -27.33
C LEU B 304 5.07 -33.70 -26.54
N GLU B 305 4.00 -33.53 -25.75
CA GLU B 305 3.82 -32.33 -24.98
C GLU B 305 3.66 -32.59 -23.49
N GLY B 306 4.23 -31.70 -22.69
CA GLY B 306 4.08 -31.74 -21.25
C GLY B 306 3.25 -30.52 -20.91
N SER B 307 2.16 -30.70 -20.18
CA SER B 307 1.27 -29.58 -19.87
C SER B 307 1.20 -29.19 -18.40
N ILE B 308 1.47 -27.92 -18.14
CA ILE B 308 1.37 -27.34 -16.80
C ILE B 308 0.35 -26.22 -16.87
N PHE B 309 -0.80 -26.43 -16.23
CA PHE B 309 -1.91 -25.46 -16.31
C PHE B 309 -1.54 -24.08 -15.83
N VAL B 310 -0.87 -24.00 -14.68
CA VAL B 310 -0.53 -22.71 -14.09
C VAL B 310 0.97 -22.51 -13.90
N SER B 311 1.52 -21.56 -14.66
CA SER B 311 2.93 -21.23 -14.58
C SER B 311 3.02 -19.74 -14.22
N GLY B 312 3.04 -18.87 -15.24
CA GLY B 312 3.08 -17.43 -15.01
C GLY B 312 1.77 -16.97 -14.39
N SER B 313 0.72 -17.73 -14.65
CA SER B 313 -0.60 -17.47 -14.13
C SER B 313 -0.59 -17.39 -12.59
N ALA B 314 0.42 -18.01 -11.99
CA ALA B 314 0.56 -18.05 -10.53
C ALA B 314 1.06 -16.71 -9.98
N ILE B 315 1.81 -15.98 -10.80
CA ILE B 315 2.30 -14.68 -10.39
C ILE B 315 1.19 -13.68 -10.57
N GLN B 316 0.48 -13.77 -11.69
CA GLN B 316 -0.63 -12.91 -11.96
C GLN B 316 -1.57 -13.00 -10.78
N TRP B 317 -1.66 -14.19 -10.21
CA TRP B 317 -2.51 -14.40 -9.05
C TRP B 317 -2.02 -13.59 -7.86
N LEU B 318 -0.72 -13.65 -7.59
CA LEU B 318 -0.14 -12.86 -6.51
C LEU B 318 -0.56 -11.40 -6.67
N ARG B 319 -0.70 -10.97 -7.92
CA ARG B 319 -1.05 -9.60 -8.26
C ARG B 319 -2.55 -9.30 -8.17
N ASP B 320 -3.34 -10.00 -8.96
CA ASP B 320 -4.78 -9.75 -9.02
C ASP B 320 -5.57 -10.37 -7.88
N GLY B 321 -5.20 -11.59 -7.49
CA GLY B 321 -5.89 -12.29 -6.43
C GLY B 321 -5.54 -11.81 -5.02
N LEU B 322 -4.26 -11.88 -4.68
CA LEU B 322 -3.83 -11.49 -3.34
C LEU B 322 -3.35 -10.06 -3.26
N ARG B 323 -3.32 -9.37 -4.40
CA ARG B 323 -2.84 -7.99 -4.44
C ARG B 323 -1.56 -7.88 -3.62
N ILE B 325 1.60 -8.05 -5.04
CA ILE B 325 2.57 -7.28 -5.86
C ILE B 325 1.77 -6.49 -6.90
N ASN B 326 2.35 -5.40 -7.42
CA ASN B 326 1.64 -4.56 -8.38
C ASN B 326 1.79 -5.02 -9.83
N SER B 327 2.93 -5.62 -10.15
CA SER B 327 3.22 -6.11 -11.49
C SER B 327 4.04 -7.38 -11.41
N ALA B 328 3.89 -8.24 -12.41
CA ALA B 328 4.61 -9.51 -12.45
C ALA B 328 6.12 -9.33 -12.20
N PRO B 329 6.76 -8.38 -12.89
CA PRO B 329 8.19 -8.15 -12.74
C PRO B 329 8.64 -7.88 -11.31
N GLN B 330 7.78 -7.24 -10.53
CA GLN B 330 8.10 -6.89 -9.15
C GLN B 330 8.37 -8.14 -8.32
N SER B 331 7.76 -9.25 -8.71
CA SER B 331 7.91 -10.50 -7.99
C SER B 331 9.37 -10.83 -7.76
N GLU B 332 10.17 -10.70 -8.81
CA GLU B 332 11.59 -11.02 -8.75
C GLU B 332 12.27 -10.30 -7.59
N SER B 333 11.98 -9.01 -7.45
CA SER B 333 12.59 -8.22 -6.39
C SER B 333 12.57 -8.96 -5.06
N TYR B 334 11.39 -9.37 -4.63
CA TYR B 334 11.23 -10.09 -3.37
C TYR B 334 12.04 -11.39 -3.33
N ALA B 335 11.85 -12.23 -4.35
CA ALA B 335 12.50 -13.55 -4.41
C ALA B 335 14.02 -13.48 -4.29
N THR B 336 14.59 -12.44 -4.89
CA THR B 336 16.02 -12.25 -4.88
C THR B 336 16.51 -11.64 -3.57
N ARG B 337 15.58 -11.32 -2.68
CA ARG B 337 15.90 -10.67 -1.40
C ARG B 337 16.14 -11.68 -0.27
N VAL B 338 16.02 -12.96 -0.56
CA VAL B 338 16.25 -14.01 0.44
C VAL B 338 17.07 -15.17 -0.16
N ASP B 339 17.85 -15.85 0.67
CA ASP B 339 18.67 -16.98 0.20
C ASP B 339 17.87 -18.24 -0.12
N SER B 340 16.63 -18.31 0.37
CA SER B 340 15.77 -19.47 0.09
C SER B 340 14.36 -19.24 0.58
N THR B 341 13.49 -20.21 0.33
CA THR B 341 12.11 -20.15 0.75
C THR B 341 11.99 -20.77 2.13
N GLU B 342 13.13 -21.16 2.67
CA GLU B 342 13.19 -21.80 3.98
C GLU B 342 12.05 -22.79 4.21
N GLY B 343 11.98 -23.78 3.34
CA GLY B 343 11.02 -24.87 3.48
C GLY B 343 9.65 -24.65 2.90
N VAL B 344 9.35 -23.44 2.45
CA VAL B 344 8.02 -23.17 1.90
C VAL B 344 7.93 -23.56 0.43
N TYR B 345 6.84 -24.27 0.11
CA TYR B 345 6.53 -24.68 -1.25
C TYR B 345 5.11 -24.23 -1.63
N VAL B 346 4.95 -23.91 -2.92
CA VAL B 346 3.65 -23.47 -3.45
C VAL B 346 3.28 -24.31 -4.64
N VAL B 347 2.20 -25.06 -4.54
CA VAL B 347 1.76 -25.90 -5.65
C VAL B 347 0.48 -25.28 -6.23
N PRO B 348 0.63 -24.52 -7.33
CA PRO B 348 -0.45 -23.78 -7.98
C PRO B 348 -1.38 -24.65 -8.78
N ALA B 349 -1.96 -25.65 -8.15
CA ALA B 349 -2.90 -26.51 -8.85
C ALA B 349 -4.26 -25.83 -8.85
N PHE B 350 -4.29 -24.58 -9.30
CA PHE B 350 -5.53 -23.84 -9.31
C PHE B 350 -6.62 -24.50 -10.14
N VAL B 351 -6.20 -25.24 -11.17
CA VAL B 351 -7.13 -25.92 -12.04
C VAL B 351 -6.68 -27.35 -12.24
N GLY B 352 -6.41 -28.04 -11.14
CA GLY B 352 -5.96 -29.43 -11.21
C GLY B 352 -4.50 -29.51 -11.59
N LEU B 353 -3.96 -30.72 -11.57
CA LEU B 353 -2.56 -30.94 -11.95
C LEU B 353 -2.51 -31.61 -13.33
N GLY B 354 -1.58 -31.16 -14.16
CA GLY B 354 -1.40 -31.73 -15.50
C GLY B 354 -0.23 -32.69 -15.51
N THR B 355 0.52 -32.70 -16.60
CA THR B 355 1.67 -33.58 -16.70
C THR B 355 2.56 -33.47 -15.48
N PRO B 356 2.86 -34.61 -14.85
CA PRO B 356 2.40 -35.94 -15.23
C PRO B 356 1.30 -36.50 -14.32
N TYR B 357 0.89 -35.74 -13.31
CA TYR B 357 -0.07 -36.23 -12.34
C TYR B 357 -1.49 -36.38 -12.90
N TRP B 358 -1.89 -35.46 -13.76
CA TRP B 358 -3.24 -35.46 -14.34
C TRP B 358 -4.30 -35.72 -13.28
N ASP B 359 -4.50 -34.73 -12.40
CA ASP B 359 -5.47 -34.80 -11.34
C ASP B 359 -6.39 -33.59 -11.39
N SER B 360 -7.57 -33.76 -11.98
CA SER B 360 -8.55 -32.68 -12.16
C SER B 360 -9.12 -32.18 -10.86
N GLU B 361 -9.06 -32.98 -9.82
CA GLU B 361 -9.66 -32.61 -8.56
C GLU B 361 -8.72 -31.77 -7.69
N ALA B 362 -7.42 -31.92 -7.92
CA ALA B 362 -6.42 -31.20 -7.14
C ALA B 362 -6.63 -29.69 -7.25
N ARG B 363 -6.24 -28.98 -6.18
CA ARG B 363 -6.33 -27.52 -6.14
C ARG B 363 -5.05 -26.93 -5.56
N GLY B 364 -4.92 -25.62 -5.67
CA GLY B 364 -3.74 -24.94 -5.16
C GLY B 364 -3.54 -25.14 -3.68
N ALA B 365 -2.31 -25.37 -3.29
CA ALA B 365 -1.96 -25.58 -1.90
C ALA B 365 -0.59 -24.98 -1.59
N ILE B 366 -0.36 -24.68 -0.32
CA ILE B 366 0.90 -24.11 0.14
C ILE B 366 1.39 -24.89 1.36
N PHE B 367 2.70 -25.12 1.44
CA PHE B 367 3.26 -25.92 2.54
C PHE B 367 4.53 -25.34 3.10
N GLY B 368 4.96 -25.89 4.23
CA GLY B 368 6.19 -25.50 4.89
C GLY B 368 6.14 -24.17 5.61
N LEU B 369 4.94 -23.66 5.87
CA LEU B 369 4.77 -22.37 6.52
C LEU B 369 5.11 -22.42 8.00
N THR B 370 5.64 -21.32 8.51
CA THR B 370 5.98 -21.16 9.91
C THR B 370 5.82 -19.67 10.22
N ARG B 371 5.95 -19.29 11.49
CA ARG B 371 5.81 -17.89 11.86
C ARG B 371 6.84 -17.00 11.15
N GLY B 372 8.00 -17.57 10.84
CA GLY B 372 9.10 -16.82 10.20
C GLY B 372 8.96 -16.66 8.69
N THR B 373 7.89 -17.20 8.12
CA THR B 373 7.66 -17.08 6.69
C THR B 373 7.15 -15.68 6.40
N GLU B 374 7.69 -15.05 5.37
CA GLU B 374 7.25 -13.71 5.00
C GLU B 374 7.21 -13.54 3.49
N LYS B 375 6.54 -12.47 3.04
CA LYS B 375 6.39 -12.24 1.60
C LYS B 375 7.54 -12.83 0.81
N GLU B 376 8.75 -12.29 1.01
CA GLU B 376 9.92 -12.77 0.27
C GLU B 376 9.94 -14.29 0.08
N HIS B 377 9.70 -15.01 1.16
CA HIS B 377 9.67 -16.47 1.11
C HIS B 377 8.45 -17.00 0.34
N PHE B 378 7.30 -16.37 0.57
CA PHE B 378 6.04 -16.78 -0.04
C PHE B 378 6.08 -16.54 -1.55
N ILE B 379 6.48 -15.35 -1.94
CA ILE B 379 6.57 -14.99 -3.35
C ILE B 379 7.64 -15.84 -4.04
N ARG B 380 8.82 -15.94 -3.42
CA ARG B 380 9.90 -16.74 -3.98
C ARG B 380 9.47 -18.19 -4.22
N ALA B 381 8.72 -18.74 -3.28
CA ALA B 381 8.21 -20.10 -3.41
C ALA B 381 7.34 -20.19 -4.67
N THR B 382 6.53 -19.18 -4.89
CA THR B 382 5.63 -19.16 -6.03
C THR B 382 6.44 -19.17 -7.31
N LEU B 383 7.43 -18.29 -7.40
CA LEU B 383 8.29 -18.24 -8.60
C LEU B 383 8.97 -19.56 -8.85
N GLU B 384 9.38 -20.24 -7.78
CA GLU B 384 10.06 -21.52 -7.92
C GLU B 384 9.16 -22.64 -8.43
N SER B 385 7.85 -22.50 -8.28
CA SER B 385 6.95 -23.55 -8.74
C SER B 385 7.05 -23.68 -10.26
N LEU B 386 7.21 -22.56 -10.96
CA LEU B 386 7.35 -22.61 -12.41
C LEU B 386 8.50 -23.53 -12.79
N CYS B 387 9.55 -23.54 -11.95
CA CYS B 387 10.71 -24.35 -12.22
C CYS B 387 10.50 -25.81 -11.84
N TYR B 388 10.00 -26.06 -10.65
CA TYR B 388 9.75 -27.41 -10.21
C TYR B 388 8.84 -28.16 -11.19
N GLN B 389 7.74 -27.53 -11.57
CA GLN B 389 6.80 -28.16 -12.49
C GLN B 389 7.46 -28.53 -13.82
N THR B 390 8.30 -27.64 -14.35
CA THR B 390 9.04 -27.91 -15.59
C THR B 390 9.85 -29.18 -15.46
N ARG B 391 10.56 -29.32 -14.34
CA ARG B 391 11.38 -30.50 -14.10
C ARG B 391 10.53 -31.76 -14.05
N ASP B 392 9.34 -31.67 -13.47
CA ASP B 392 8.45 -32.80 -13.43
C ASP B 392 8.26 -33.37 -14.83
N VAL B 393 7.84 -32.51 -15.76
CA VAL B 393 7.57 -32.93 -17.12
C VAL B 393 8.86 -33.22 -17.88
N GLU B 395 11.61 -34.60 -16.81
CA GLU B 395 12.04 -35.95 -16.55
C GLU B 395 11.05 -36.95 -17.13
N ALA B 396 9.76 -36.60 -17.08
CA ALA B 396 8.74 -37.48 -17.62
C ALA B 396 8.92 -37.66 -19.12
N SER B 398 11.99 -37.15 -20.68
CA SER B 398 13.30 -37.71 -20.88
C SER B 398 13.24 -39.24 -20.83
N LYS B 399 12.17 -39.76 -20.27
CA LYS B 399 11.97 -41.21 -20.12
C LYS B 399 11.10 -41.79 -21.23
N ASP B 400 10.16 -41.01 -21.75
CA ASP B 400 9.31 -41.47 -22.84
C ASP B 400 10.03 -41.31 -24.16
N SER B 401 11.03 -40.45 -24.18
CA SER B 401 11.81 -40.20 -25.39
C SER B 401 13.10 -41.00 -25.38
N GLY B 402 13.75 -41.05 -24.23
CA GLY B 402 15.04 -41.73 -24.11
C GLY B 402 16.13 -40.70 -24.28
N ILE B 403 15.79 -39.58 -24.92
CA ILE B 403 16.72 -38.49 -25.15
C ILE B 403 16.95 -37.73 -23.84
N ASP B 404 18.14 -37.16 -23.67
CA ASP B 404 18.47 -36.42 -22.47
C ASP B 404 18.83 -34.96 -22.81
N VAL B 405 17.85 -34.06 -22.66
CA VAL B 405 18.07 -32.64 -22.96
C VAL B 405 19.13 -32.06 -22.03
N GLN B 406 20.03 -31.26 -22.61
CA GLN B 406 21.10 -30.64 -21.84
C GLN B 406 21.33 -29.17 -22.20
N SER B 407 20.26 -28.51 -22.61
CA SER B 407 20.27 -27.08 -22.94
C SER B 407 18.94 -26.75 -23.58
N LEU B 408 17.97 -26.41 -22.75
CA LEU B 408 16.61 -26.12 -23.19
C LEU B 408 16.43 -24.68 -23.67
N ARG B 409 15.77 -24.53 -24.81
CA ARG B 409 15.43 -23.21 -25.33
C ARG B 409 14.10 -22.82 -24.70
N VAL B 410 14.01 -21.57 -24.27
CA VAL B 410 12.81 -21.10 -23.60
C VAL B 410 12.26 -19.83 -24.22
N ASP B 411 11.01 -19.53 -23.89
CA ASP B 411 10.32 -18.34 -24.37
C ASP B 411 9.05 -18.13 -23.56
N GLY B 412 8.35 -17.04 -23.83
CA GLY B 412 7.11 -16.72 -23.09
C GLY B 412 7.23 -15.44 -22.29
N GLY B 413 6.14 -15.06 -21.64
CA GLY B 413 6.10 -13.82 -20.88
C GLY B 413 6.95 -13.82 -19.62
N ALA B 414 7.09 -14.98 -19.00
CA ALA B 414 7.83 -15.06 -17.76
C ALA B 414 9.33 -15.36 -17.92
N VAL B 415 9.81 -15.54 -19.14
CA VAL B 415 11.23 -15.89 -19.36
C VAL B 415 12.17 -14.70 -19.20
N LYS B 416 11.62 -13.50 -19.09
CA LYS B 416 12.45 -12.31 -18.91
C LYS B 416 12.78 -12.09 -17.44
N ASN B 417 12.29 -12.99 -16.57
CA ASN B 417 12.57 -12.93 -15.14
C ASN B 417 13.79 -13.81 -14.89
N ASN B 418 14.93 -13.17 -14.68
CA ASN B 418 16.19 -13.87 -14.53
C ASN B 418 16.22 -14.90 -13.41
N PHE B 419 15.70 -14.55 -12.25
CA PHE B 419 15.71 -15.50 -11.13
C PHE B 419 15.09 -16.83 -11.55
N ILE B 420 13.93 -16.75 -12.21
CA ILE B 420 13.23 -17.92 -12.68
C ILE B 420 14.10 -18.76 -13.64
N GLN B 422 17.57 -18.77 -13.77
CA GLN B 422 18.72 -19.32 -13.10
C GLN B 422 18.33 -20.48 -12.19
N PHE B 423 17.22 -20.34 -11.50
CA PHE B 423 16.76 -21.40 -10.61
C PHE B 423 16.41 -22.62 -11.44
N GLN B 424 15.82 -22.37 -12.59
CA GLN B 424 15.43 -23.45 -13.48
C GLN B 424 16.68 -24.23 -13.90
N ALA B 425 17.71 -23.51 -14.32
CA ALA B 425 18.97 -24.11 -14.72
C ALA B 425 19.52 -24.93 -13.55
N ASP B 426 19.48 -24.33 -12.37
CA ASP B 426 19.96 -24.98 -11.15
C ASP B 426 19.14 -26.22 -10.81
N ILE B 427 17.84 -26.04 -10.61
CA ILE B 427 16.96 -27.14 -10.20
C ILE B 427 16.96 -28.33 -11.16
N VAL B 428 17.28 -28.08 -12.42
CA VAL B 428 17.30 -29.15 -13.42
C VAL B 428 18.71 -29.61 -13.77
N ASN B 429 19.71 -28.78 -13.50
CA ASN B 429 21.08 -29.11 -13.81
C ASN B 429 21.25 -29.14 -15.33
N THR B 430 20.71 -28.12 -15.99
CA THR B 430 20.78 -27.99 -17.44
C THR B 430 20.85 -26.51 -17.80
N SER B 431 21.53 -26.18 -18.89
CA SER B 431 21.61 -24.79 -19.32
C SER B 431 20.26 -24.37 -19.89
N VAL B 432 19.93 -23.09 -19.74
CA VAL B 432 18.69 -22.54 -20.28
C VAL B 432 19.03 -21.39 -21.21
N GLU B 433 18.64 -21.53 -22.48
CA GLU B 433 18.96 -20.53 -23.47
C GLU B 433 17.77 -19.65 -23.80
N ARG B 434 17.91 -18.36 -23.54
CA ARG B 434 16.85 -17.38 -23.78
C ARG B 434 17.13 -16.60 -25.06
N PRO B 435 16.15 -16.57 -25.98
CA PRO B 435 16.28 -15.89 -27.26
C PRO B 435 16.18 -14.39 -27.18
N GLU B 436 16.61 -13.74 -28.25
CA GLU B 436 16.57 -12.29 -28.37
C GLU B 436 15.10 -11.94 -28.52
N ILE B 437 14.45 -12.54 -29.49
CA ILE B 437 13.02 -12.36 -29.70
C ILE B 437 12.35 -13.47 -28.92
N GLN B 438 11.75 -13.11 -27.80
CA GLN B 438 11.13 -14.10 -26.93
C GLN B 438 9.66 -14.32 -27.24
N GLU B 439 9.17 -13.61 -28.25
CA GLU B 439 7.78 -13.74 -28.67
C GLU B 439 7.77 -14.67 -29.89
N THR B 440 8.20 -15.91 -29.66
CA THR B 440 8.34 -16.91 -30.71
C THR B 440 7.01 -17.38 -31.28
N THR B 441 5.99 -17.47 -30.43
CA THR B 441 4.66 -17.87 -30.89
C THR B 441 4.23 -17.00 -32.07
N ALA B 442 4.33 -15.68 -31.90
CA ALA B 442 3.97 -14.75 -32.95
C ALA B 442 4.86 -14.99 -34.18
N LEU B 443 6.15 -15.12 -33.93
CA LEU B 443 7.12 -15.34 -34.98
C LEU B 443 6.80 -16.60 -35.78
N GLY B 444 6.45 -17.67 -35.07
CA GLY B 444 6.12 -18.93 -35.72
C GLY B 444 4.90 -18.82 -36.61
N ALA B 445 3.82 -18.27 -36.06
CA ALA B 445 2.58 -18.09 -36.80
C ALA B 445 2.82 -17.22 -38.02
N ALA B 446 3.61 -16.17 -37.83
CA ALA B 446 3.94 -15.27 -38.92
C ALA B 446 4.57 -16.04 -40.07
N PHE B 447 5.51 -16.93 -39.76
CA PHE B 447 6.16 -17.72 -40.80
C PHE B 447 5.21 -18.68 -41.50
N LEU B 448 4.29 -19.29 -40.77
CA LEU B 448 3.33 -20.18 -41.41
C LEU B 448 2.61 -19.40 -42.50
N ALA B 449 2.26 -18.16 -42.20
CA ALA B 449 1.59 -17.29 -43.16
C ALA B 449 2.57 -16.86 -44.25
N GLY B 450 3.66 -16.21 -43.82
CA GLY B 450 4.68 -15.71 -44.74
C GLY B 450 5.13 -16.71 -45.79
N LEU B 451 5.37 -17.95 -45.37
CA LEU B 451 5.77 -19.00 -46.30
C LEU B 451 4.61 -19.35 -47.23
N ALA B 452 3.39 -19.37 -46.68
CA ALA B 452 2.20 -19.71 -47.46
C ALA B 452 1.96 -18.72 -48.61
N VAL B 453 2.30 -17.45 -48.39
CA VAL B 453 2.09 -16.42 -49.41
C VAL B 453 3.38 -16.03 -50.14
N GLY B 454 4.48 -16.70 -49.80
CA GLY B 454 5.76 -16.44 -50.45
C GLY B 454 6.53 -15.23 -49.94
N PHE B 455 6.28 -14.82 -48.70
CA PHE B 455 7.01 -13.68 -48.12
C PHE B 455 8.44 -14.16 -47.81
N TRP B 456 8.55 -15.44 -47.48
CA TRP B 456 9.83 -16.10 -47.23
C TRP B 456 9.87 -17.38 -48.05
N GLU B 457 11.06 -17.72 -48.57
CA GLU B 457 11.21 -18.91 -49.39
C GLU B 457 11.28 -20.19 -48.57
N SER B 458 11.97 -20.16 -47.43
CA SER B 458 12.10 -21.36 -46.62
C SER B 458 12.04 -21.05 -45.13
N LYS B 459 11.70 -22.06 -44.35
CA LYS B 459 11.59 -21.95 -42.90
C LYS B 459 12.95 -21.80 -42.21
N ASP B 460 14.02 -22.20 -42.90
CA ASP B 460 15.37 -22.11 -42.31
C ASP B 460 15.77 -20.69 -41.93
N ASP B 461 15.10 -19.69 -42.51
CA ASP B 461 15.38 -18.29 -42.17
C ASP B 461 15.19 -18.10 -40.66
N ILE B 462 14.30 -18.90 -40.09
CA ILE B 462 13.99 -18.85 -38.67
C ILE B 462 15.15 -19.41 -37.85
N ALA B 463 15.72 -20.52 -38.31
CA ALA B 463 16.84 -21.14 -37.64
C ALA B 463 18.06 -20.21 -37.68
N LYS B 464 18.22 -19.50 -38.79
CA LYS B 464 19.37 -18.61 -38.98
C LYS B 464 19.25 -17.26 -38.24
N ASN B 465 18.03 -16.75 -38.06
CA ASN B 465 17.85 -15.47 -37.36
C ASN B 465 17.84 -15.60 -35.84
N TRP B 466 17.59 -16.80 -35.33
CA TRP B 466 17.54 -17.01 -33.88
C TRP B 466 18.84 -16.49 -33.25
N LYS B 467 18.69 -15.61 -32.26
CA LYS B 467 19.83 -15.01 -31.60
C LYS B 467 19.73 -15.22 -30.09
N LEU B 468 20.73 -15.86 -29.50
CA LEU B 468 20.75 -16.11 -28.07
C LEU B 468 20.96 -14.83 -27.29
N GLU B 469 19.97 -14.46 -26.46
CA GLU B 469 20.05 -13.25 -25.64
C GLU B 469 20.84 -13.53 -24.37
N GLU B 470 20.66 -14.72 -23.80
CA GLU B 470 21.41 -15.11 -22.60
C GLU B 470 21.23 -16.56 -22.21
N LYS B 471 22.35 -17.22 -21.92
CA LYS B 471 22.34 -18.60 -21.47
C LYS B 471 22.45 -18.59 -19.94
N PHE B 472 21.84 -19.59 -19.30
CA PHE B 472 21.90 -19.72 -17.85
C PHE B 472 22.45 -21.08 -17.52
N ASP B 473 23.52 -21.11 -16.72
CA ASP B 473 24.17 -22.35 -16.34
C ASP B 473 23.88 -22.72 -14.90
N PRO B 474 23.75 -24.04 -14.62
CA PRO B 474 23.51 -24.56 -13.28
C PRO B 474 24.62 -24.18 -12.30
N LYS B 475 24.23 -23.82 -11.09
CA LYS B 475 25.16 -23.40 -10.05
C LYS B 475 24.63 -23.85 -8.70
N ASP B 477 24.93 -27.64 -6.32
CA ASP B 477 25.28 -29.06 -6.17
C ASP B 477 24.05 -29.94 -5.95
N GLU B 478 24.20 -31.23 -6.27
CA GLU B 478 23.13 -32.21 -6.11
C GLU B 478 22.54 -32.13 -4.73
N GLY B 479 23.41 -32.14 -3.73
CA GLY B 479 23.00 -32.06 -2.35
C GLY B 479 21.74 -31.25 -2.20
N GLU B 480 21.85 -29.94 -2.43
CA GLU B 480 20.71 -29.05 -2.28
C GLU B 480 19.66 -29.30 -3.34
N ARG B 481 20.09 -29.63 -4.56
CA ARG B 481 19.16 -29.85 -5.66
C ARG B 481 18.12 -30.90 -5.32
N GLU B 482 18.60 -32.07 -4.96
CA GLU B 482 17.72 -33.20 -4.69
C GLU B 482 16.89 -33.03 -3.45
N LYS B 483 17.40 -32.26 -2.52
CA LYS B 483 16.66 -31.98 -1.29
C LYS B 483 15.42 -31.18 -1.63
N LEU B 484 15.62 -30.05 -2.31
CA LEU B 484 14.53 -29.17 -2.71
C LEU B 484 13.46 -29.90 -3.52
N TYR B 485 13.88 -30.66 -4.52
CA TYR B 485 12.95 -31.39 -5.37
C TYR B 485 12.25 -32.47 -4.59
N ARG B 486 12.99 -33.16 -3.74
CA ARG B 486 12.43 -34.18 -2.90
C ARG B 486 11.22 -33.62 -2.15
N GLY B 487 11.39 -32.41 -1.63
CA GLY B 487 10.33 -31.73 -0.89
C GLY B 487 9.19 -31.33 -1.79
N TRP B 488 9.51 -30.89 -3.00
CA TRP B 488 8.49 -30.48 -3.95
C TRP B 488 7.53 -31.64 -4.18
N LYS B 489 8.09 -32.82 -4.45
CA LYS B 489 7.30 -34.00 -4.69
C LYS B 489 6.34 -34.28 -3.54
N LYS B 490 6.84 -34.16 -2.31
CA LYS B 490 6.02 -34.35 -1.13
C LYS B 490 4.90 -33.32 -1.09
N ALA B 491 5.24 -32.09 -1.43
CA ALA B 491 4.26 -31.02 -1.47
C ALA B 491 3.15 -31.36 -2.46
N VAL B 492 3.53 -32.00 -3.57
CA VAL B 492 2.56 -32.35 -4.59
C VAL B 492 1.65 -33.49 -4.08
N GLU B 493 2.24 -34.48 -3.41
CA GLU B 493 1.45 -35.59 -2.84
C GLU B 493 0.43 -35.05 -1.86
N ALA B 494 0.92 -34.28 -0.90
CA ALA B 494 0.08 -33.70 0.12
C ALA B 494 -1.08 -32.95 -0.51
N THR B 495 -0.80 -32.27 -1.62
CA THR B 495 -1.82 -31.52 -2.32
C THR B 495 -2.95 -32.42 -2.81
N GLN B 496 -2.59 -33.54 -3.40
CA GLN B 496 -3.55 -34.50 -3.94
C GLN B 496 -4.43 -35.13 -2.86
N VAL B 497 -3.95 -35.10 -1.63
CA VAL B 497 -4.72 -35.65 -0.52
C VAL B 497 -5.94 -34.79 -0.22
N PHE B 498 -5.84 -33.49 -0.44
CA PHE B 498 -6.96 -32.61 -0.12
C PHE B 498 -8.01 -32.59 -1.22
N LYS B 499 -9.10 -33.28 -0.95
CA LYS B 499 -10.19 -33.36 -1.88
C LYS B 499 -11.48 -33.58 -1.15
N THR B 500 -12.58 -33.03 -1.66
CA THR B 500 -13.86 -33.16 -0.99
C THR B 500 -14.88 -33.86 -1.87
N GLU C 5 35.99 -1.37 33.04
CA GLU C 5 35.90 0.03 32.62
C GLU C 5 34.53 0.65 32.84
N LYS C 6 34.52 1.97 32.99
CA LYS C 6 33.30 2.71 33.26
C LYS C 6 32.81 3.37 31.99
N TYR C 7 31.63 3.99 32.09
CA TYR C 7 31.03 4.67 30.95
C TYR C 7 30.29 5.90 31.44
N ILE C 8 29.97 6.79 30.50
CA ILE C 8 29.16 7.97 30.78
C ILE C 8 27.85 7.78 30.05
N LEU C 9 26.74 7.89 30.78
CA LEU C 9 25.41 7.75 30.19
C LEU C 9 24.88 9.09 29.73
N SER C 10 24.56 9.20 28.44
CA SER C 10 23.99 10.43 27.87
C SER C 10 22.53 10.22 27.59
N ILE C 11 21.71 11.21 27.91
CA ILE C 11 20.29 11.14 27.61
C ILE C 11 19.91 12.30 26.74
N ASP C 12 19.47 12.00 25.52
CA ASP C 12 19.01 13.03 24.64
C ASP C 12 17.50 12.91 24.50
N GLN C 13 16.79 13.77 25.20
CA GLN C 13 15.36 13.77 25.16
C GLN C 13 14.91 14.72 24.06
N GLY C 14 14.84 14.21 22.84
CA GLY C 14 14.45 15.01 21.68
C GLY C 14 12.95 15.24 21.56
N THR C 15 12.56 15.92 20.50
CA THR C 15 11.17 16.31 20.31
C THR C 15 10.22 15.17 20.01
N THR C 16 10.68 14.18 19.25
CA THR C 16 9.81 13.04 18.90
C THR C 16 10.26 11.72 19.51
N SER C 17 11.45 11.70 20.11
CA SER C 17 11.94 10.49 20.75
C SER C 17 12.98 10.78 21.83
N SER C 18 13.16 9.83 22.74
CA SER C 18 14.18 9.90 23.78
C SER C 18 15.26 8.88 23.47
N ARG C 19 16.51 9.22 23.77
CA ARG C 19 17.62 8.32 23.50
C ARG C 19 18.58 8.26 24.67
N ALA C 20 19.22 7.11 24.83
CA ALA C 20 20.22 6.90 25.88
C ALA C 20 21.44 6.29 25.20
N ILE C 21 22.61 6.89 25.40
CA ILE C 21 23.84 6.43 24.75
C ILE C 21 25.01 6.29 25.72
N LEU C 22 25.73 5.17 25.62
CA LEU C 22 26.87 4.89 26.49
C LEU C 22 28.17 5.23 25.79
N PHE C 23 29.13 5.77 26.54
CA PHE C 23 30.44 6.14 25.97
C PHE C 23 31.63 5.63 26.80
N ASN C 24 32.58 5.02 26.11
CA ASN C 24 33.78 4.50 26.78
C ASN C 24 34.88 5.56 26.82
N GLN C 25 35.92 5.31 27.61
CA GLN C 25 37.03 6.25 27.71
C GLN C 25 37.43 6.78 26.33
N LYS C 26 37.53 5.88 25.35
CA LYS C 26 37.95 6.25 24.00
C LYS C 26 36.94 7.14 23.27
N GLY C 27 35.79 7.41 23.90
CA GLY C 27 34.78 8.29 23.31
C GLY C 27 33.95 7.63 22.23
N GLU C 28 33.87 6.29 22.28
CA GLU C 28 33.10 5.52 21.32
C GLU C 28 31.75 5.14 21.91
N ILE C 29 30.82 4.73 21.07
CA ILE C 29 29.49 4.35 21.54
C ILE C 29 29.46 2.89 21.94
N ALA C 30 29.14 2.65 23.22
CA ALA C 30 29.09 1.30 23.76
C ALA C 30 27.68 0.73 23.68
N GLY C 31 26.72 1.56 23.26
CA GLY C 31 25.33 1.13 23.16
C GLY C 31 24.37 2.27 22.95
N VAL C 32 23.24 1.99 22.32
CA VAL C 32 22.23 3.00 22.03
C VAL C 32 20.81 2.47 22.17
N ALA C 33 19.95 3.23 22.82
CA ALA C 33 18.55 2.84 22.98
C ALA C 33 17.68 4.04 22.70
N GLN C 34 16.65 3.84 21.89
CA GLN C 34 15.72 4.91 21.54
C GLN C 34 14.28 4.52 21.87
N ARG C 35 13.40 5.51 21.96
CA ARG C 35 12.00 5.25 22.25
C ARG C 35 11.14 6.48 22.04
N GLU C 36 10.13 6.35 21.20
CA GLU C 36 9.27 7.45 20.86
C GLU C 36 8.14 7.70 21.87
N PHE C 37 7.49 8.85 21.75
CA PHE C 37 6.37 9.20 22.60
C PHE C 37 5.41 10.03 21.81
N LYS C 38 4.14 9.94 22.17
CA LYS C 38 3.10 10.63 21.41
C LYS C 38 3.21 12.14 21.31
N GLN C 39 3.01 12.62 20.09
CA GLN C 39 2.97 14.03 19.79
C GLN C 39 1.50 14.36 19.70
N TYR C 40 1.04 15.34 20.47
CA TYR C 40 -0.36 15.74 20.47
C TYR C 40 -0.54 17.04 19.68
N PHE C 41 -1.49 17.03 18.74
CA PHE C 41 -1.82 18.24 17.96
C PHE C 41 -3.32 18.55 18.16
N PRO C 42 -3.68 19.11 19.32
CA PRO C 42 -5.08 19.40 19.65
C PRO C 42 -5.75 20.36 18.68
N GLN C 43 -5.00 21.34 18.20
CA GLN C 43 -5.52 22.32 17.25
C GLN C 43 -4.44 22.68 16.27
N SER C 44 -4.81 23.40 15.22
CA SER C 44 -3.84 23.78 14.20
C SER C 44 -2.73 24.64 14.82
N GLY C 45 -1.49 24.20 14.68
CA GLY C 45 -0.34 24.94 15.21
C GLY C 45 0.07 24.53 16.61
N TRP C 46 -0.87 23.94 17.35
CA TRP C 46 -0.60 23.48 18.71
C TRP C 46 0.27 22.21 18.69
N VAL C 47 1.19 22.13 19.63
CA VAL C 47 2.07 20.96 19.78
C VAL C 47 2.28 20.75 21.28
N GLU C 48 1.94 19.56 21.78
CA GLU C 48 2.08 19.25 23.20
C GLU C 48 2.51 17.83 23.43
N HIS C 49 3.28 17.62 24.49
CA HIS C 49 3.68 16.28 24.91
C HIS C 49 3.14 16.02 26.31
N ASP C 50 3.05 14.74 26.65
CA ASP C 50 2.67 14.32 27.98
C ASP C 50 3.98 14.23 28.77
N ALA C 51 4.17 15.16 29.69
CA ALA C 51 5.39 15.20 30.50
C ALA C 51 5.65 13.87 31.21
N ASN C 52 4.58 13.17 31.58
CA ASN C 52 4.71 11.87 32.22
C ASN C 52 5.23 10.85 31.25
N GLU C 53 4.75 10.90 30.00
CA GLU C 53 5.21 9.98 28.96
C GLU C 53 6.68 10.25 28.60
N ILE C 54 7.12 11.50 28.74
CA ILE C 54 8.51 11.82 28.46
C ILE C 54 9.42 11.22 29.52
N TRP C 55 8.96 11.27 30.77
CA TRP C 55 9.73 10.72 31.87
C TRP C 55 9.85 9.21 31.71
N THR C 56 8.73 8.53 31.53
CA THR C 56 8.76 7.08 31.36
C THR C 56 9.63 6.69 30.17
N SER C 57 9.68 7.52 29.13
CA SER C 57 10.50 7.19 27.95
C SER C 57 11.98 7.31 28.28
N VAL C 58 12.33 8.33 29.06
CA VAL C 58 13.71 8.53 29.46
C VAL C 58 14.13 7.39 30.35
N LEU C 59 13.19 6.97 31.20
CA LEU C 59 13.43 5.92 32.14
C LEU C 59 13.63 4.61 31.37
N ALA C 60 12.86 4.47 30.27
CA ALA C 60 12.91 3.25 29.44
C ALA C 60 14.25 3.09 28.72
N VAL C 61 14.62 4.08 27.92
CA VAL C 61 15.86 4.00 27.17
C VAL C 61 17.05 3.65 28.09
N THR C 63 17.07 1.92 31.02
CA THR C 63 16.97 0.51 31.34
C THR C 63 17.42 -0.34 30.16
N GLU C 64 16.98 0.07 28.97
CA GLU C 64 17.25 -0.64 27.73
C GLU C 64 18.75 -0.65 27.37
N VAL C 65 19.39 0.51 27.39
CA VAL C 65 20.78 0.61 26.98
C VAL C 65 21.77 -0.18 27.85
N ILE C 66 21.52 -0.25 29.16
CA ILE C 66 22.44 -0.98 30.05
C ILE C 66 22.16 -2.49 30.06
N ASN C 67 20.89 -2.87 30.09
CA ASN C 67 20.52 -4.29 30.12
C ASN C 67 20.86 -5.04 28.87
N GLU C 68 20.97 -4.33 27.75
CA GLU C 68 21.20 -5.00 26.48
C GLU C 68 22.55 -4.69 25.85
N ASN C 69 23.51 -4.31 26.68
CA ASN C 69 24.87 -4.04 26.23
C ASN C 69 25.87 -4.60 27.21
N ASP C 70 25.37 -5.43 28.12
CA ASP C 70 26.19 -6.08 29.14
C ASP C 70 27.01 -5.04 29.89
N VAL C 71 26.32 -4.08 30.51
CA VAL C 71 26.96 -3.03 31.28
C VAL C 71 26.13 -2.80 32.53
N ARG C 72 26.75 -2.96 33.70
CA ARG C 72 26.06 -2.79 34.98
C ARG C 72 25.88 -1.31 35.32
N ALA C 73 24.92 -1.02 36.20
CA ALA C 73 24.64 0.36 36.61
C ALA C 73 25.82 0.96 37.38
N ASP C 74 26.56 0.10 38.08
CA ASP C 74 27.69 0.53 38.89
C ASP C 74 28.92 0.96 38.05
N GLN C 75 28.84 0.79 36.73
CA GLN C 75 29.95 1.17 35.86
C GLN C 75 29.68 2.52 35.20
N ILE C 76 28.60 3.17 35.63
CA ILE C 76 28.24 4.48 35.10
C ILE C 76 28.86 5.59 35.95
N ALA C 77 29.93 6.19 35.42
CA ALA C 77 30.66 7.24 36.12
C ALA C 77 29.83 8.51 36.29
N GLY C 78 28.97 8.79 35.32
CA GLY C 78 28.15 9.99 35.38
C GLY C 78 27.06 9.98 34.34
N ILE C 79 26.11 10.91 34.49
CA ILE C 79 24.99 11.03 33.57
C ILE C 79 25.00 12.40 32.94
N GLY C 80 24.75 12.45 31.64
CA GLY C 80 24.67 13.71 30.91
C GLY C 80 23.28 13.84 30.33
N ILE C 81 22.62 14.98 30.58
CA ILE C 81 21.26 15.19 30.11
C ILE C 81 21.13 16.41 29.21
N THR C 82 20.86 16.15 27.93
CA THR C 82 20.66 17.21 26.94
C THR C 82 19.21 17.06 26.44
N ASN C 83 18.59 18.14 25.96
CA ASN C 83 17.17 18.05 25.62
C ASN C 83 16.55 19.07 24.67
N GLN C 84 15.30 18.78 24.28
CA GLN C 84 14.49 19.68 23.47
C GLN C 84 14.26 20.95 24.31
N ARG C 85 14.65 22.08 23.77
CA ARG C 85 14.54 23.34 24.50
C ARG C 85 13.14 23.93 24.47
N GLU C 86 12.94 24.95 25.29
CA GLU C 86 11.68 25.70 25.37
C GLU C 86 10.47 24.90 25.87
N THR C 87 10.41 23.62 25.55
CA THR C 87 9.29 22.80 26.00
C THR C 87 9.17 23.02 27.51
N THR C 88 7.99 23.49 27.92
CA THR C 88 7.76 23.86 29.31
C THR C 88 6.94 22.84 30.08
N VAL C 89 7.28 22.64 31.35
CA VAL C 89 6.55 21.73 32.22
C VAL C 89 6.28 22.43 33.55
N VAL C 90 5.02 22.41 33.98
CA VAL C 90 4.61 23.00 35.24
C VAL C 90 3.99 21.91 36.08
N TRP C 91 4.61 21.59 37.20
CA TRP C 91 4.12 20.49 38.04
C TRP C 91 4.03 20.83 39.50
N ASP C 92 3.23 20.03 40.20
CA ASP C 92 3.06 20.20 41.63
C ASP C 92 4.25 19.60 42.36
N LYS C 93 5.00 20.44 43.07
CA LYS C 93 6.18 19.98 43.80
C LYS C 93 5.86 18.79 44.70
N HIS C 94 4.68 18.80 45.30
CA HIS C 94 4.28 17.74 46.21
C HIS C 94 3.94 16.44 45.49
N THR C 95 2.87 16.44 44.71
CA THR C 95 2.46 15.24 43.97
C THR C 95 3.55 14.82 42.99
N GLY C 96 4.27 15.80 42.46
CA GLY C 96 5.35 15.53 41.54
C GLY C 96 4.90 15.32 40.11
N ARG C 97 3.63 15.57 39.82
CA ARG C 97 3.15 15.40 38.45
C ARG C 97 2.62 16.69 37.83
N PRO C 98 2.78 16.82 36.50
CA PRO C 98 2.36 18.01 35.77
C PRO C 98 0.88 18.33 35.96
N ILE C 99 0.56 19.61 35.78
CA ILE C 99 -0.80 20.09 35.90
C ILE C 99 -1.40 20.30 34.51
N TYR C 100 -0.63 19.93 33.49
CA TYR C 100 -1.06 20.06 32.09
C TYR C 100 0.02 19.48 31.18
N HIS C 101 -0.32 19.12 29.95
CA HIS C 101 0.69 18.61 29.03
C HIS C 101 1.81 19.62 28.97
N ALA C 102 3.00 19.15 28.61
CA ALA C 102 4.11 20.05 28.40
C ALA C 102 3.81 20.72 27.07
N ILE C 103 3.94 22.04 27.02
CA ILE C 103 3.71 22.76 25.77
C ILE C 103 5.04 22.74 25.01
N VAL C 104 5.06 22.11 23.85
CA VAL C 104 6.27 21.97 23.05
C VAL C 104 6.73 23.29 22.46
N TRP C 105 8.03 23.39 22.22
CA TRP C 105 8.64 24.59 21.65
C TRP C 105 7.99 24.99 20.32
N GLN C 106 7.53 24.00 19.56
CA GLN C 106 6.88 24.27 18.27
C GLN C 106 5.48 24.84 18.40
N SER C 107 4.84 24.63 19.55
CA SER C 107 3.47 25.06 19.72
C SER C 107 3.28 26.55 19.43
N ARG C 108 2.15 26.89 18.82
CA ARG C 108 1.80 28.26 18.51
C ARG C 108 0.58 28.65 19.35
N GLN C 109 0.31 27.91 20.41
CA GLN C 109 -0.89 28.14 21.21
C GLN C 109 -0.79 29.39 22.10
N THR C 110 0.41 29.89 22.32
CA THR C 110 0.59 31.08 23.15
C THR C 110 0.71 32.34 22.28
N GLN C 111 0.25 32.24 21.04
CA GLN C 111 0.33 33.38 20.11
C GLN C 111 -0.22 34.66 20.72
N SER C 112 -1.51 34.65 21.05
CA SER C 112 -2.16 35.83 21.60
C SER C 112 -1.30 36.53 22.64
N ILE C 113 -0.81 35.76 23.61
CA ILE C 113 0.02 36.31 24.66
C ILE C 113 1.16 37.14 24.05
N CYS C 114 1.86 36.56 23.07
CA CYS C 114 2.96 37.24 22.40
C CYS C 114 2.50 38.53 21.73
N SER C 115 1.28 38.52 21.19
CA SER C 115 0.71 39.71 20.55
C SER C 115 0.43 40.77 21.60
N GLU C 116 -0.23 40.37 22.69
CA GLU C 116 -0.54 41.28 23.78
C GLU C 116 0.67 42.09 24.16
N LEU C 117 1.76 41.39 24.47
CA LEU C 117 3.01 42.03 24.87
C LEU C 117 3.56 42.93 23.77
N LYS C 118 3.49 42.47 22.52
CA LYS C 118 3.96 43.28 21.40
C LYS C 118 3.21 44.61 21.40
N GLN C 119 1.89 44.52 21.40
CA GLN C 119 1.03 45.71 21.40
C GLN C 119 1.23 46.64 22.57
N GLN C 120 1.87 46.16 23.62
CA GLN C 120 2.17 46.99 24.76
C GLN C 120 3.60 47.51 24.63
N GLY C 121 4.25 47.16 23.52
CA GLY C 121 5.60 47.62 23.20
C GLY C 121 6.70 47.09 24.07
N TYR C 122 6.68 45.79 24.34
CA TYR C 122 7.68 45.16 25.20
C TYR C 122 8.69 44.31 24.44
N GLU C 123 8.43 44.03 23.17
CA GLU C 123 9.33 43.17 22.42
C GLU C 123 10.79 43.63 22.52
N GLN C 124 11.03 44.93 22.37
CA GLN C 124 12.38 45.44 22.40
C GLN C 124 13.06 45.15 23.73
N THR C 125 12.28 45.20 24.80
CA THR C 125 12.80 44.90 26.13
C THR C 125 13.35 43.49 26.18
N PHE C 126 12.52 42.52 25.80
CA PHE C 126 12.89 41.09 25.80
C PHE C 126 14.13 40.79 24.96
N ARG C 127 14.34 41.56 23.89
CA ARG C 127 15.49 41.33 23.04
C ARG C 127 16.77 41.73 23.73
N ASP C 128 16.78 42.93 24.29
CA ASP C 128 17.97 43.44 24.95
C ASP C 128 18.33 42.62 26.18
N LYS C 129 17.33 41.97 26.77
CA LYS C 129 17.54 41.18 27.98
C LYS C 129 17.79 39.68 27.72
N THR C 130 16.89 39.06 26.96
CA THR C 130 16.97 37.61 26.69
C THR C 130 17.71 37.27 25.41
N GLY C 131 17.78 38.22 24.48
CA GLY C 131 18.44 37.98 23.20
C GLY C 131 17.54 37.20 22.26
N LEU C 132 16.26 37.08 22.63
CA LEU C 132 15.27 36.35 21.85
C LEU C 132 14.26 37.34 21.24
N LEU C 133 12.97 37.05 21.38
CA LEU C 133 11.91 37.92 20.87
C LEU C 133 10.53 37.37 21.30
N LEU C 134 9.45 38.06 20.96
CA LEU C 134 8.12 37.63 21.40
C LEU C 134 7.42 36.65 20.44
N ASP C 135 8.01 35.47 20.29
CA ASP C 135 7.45 34.42 19.46
C ASP C 135 6.93 33.35 20.40
N PRO C 136 5.94 32.57 19.98
CA PRO C 136 5.41 31.50 20.85
C PRO C 136 6.44 30.40 21.11
N TYR C 137 7.60 30.55 20.45
CA TYR C 137 8.69 29.59 20.49
C TYR C 137 9.32 29.37 21.87
N PHE C 138 9.35 30.42 22.70
CA PHE C 138 10.04 30.35 23.99
C PHE C 138 9.15 30.14 25.23
N ALA C 139 9.74 29.52 26.25
CA ALA C 139 9.04 29.09 27.46
C ALA C 139 8.11 30.09 28.13
N GLY C 140 8.64 31.25 28.49
CA GLY C 140 7.88 32.27 29.20
C GLY C 140 6.38 32.28 28.94
N THR C 141 6.01 32.55 27.70
CA THR C 141 4.61 32.64 27.32
C THR C 141 3.85 31.36 27.61
N LYS C 142 4.54 30.23 27.45
CA LYS C 142 3.95 28.92 27.69
C LYS C 142 3.57 28.78 29.16
N VAL C 143 4.36 29.36 30.05
CA VAL C 143 4.07 29.28 31.47
C VAL C 143 2.82 30.10 31.78
N LYS C 144 2.85 31.38 31.44
CA LYS C 144 1.71 32.24 31.66
C LYS C 144 0.46 31.58 31.11
N TRP C 145 0.59 30.99 29.94
CA TRP C 145 -0.52 30.32 29.31
C TRP C 145 -1.14 29.35 30.28
N ILE C 146 -0.30 28.49 30.86
CA ILE C 146 -0.79 27.49 31.82
C ILE C 146 -1.45 28.16 33.02
N LEU C 147 -0.73 29.09 33.63
CA LEU C 147 -1.22 29.78 34.81
C LEU C 147 -2.55 30.48 34.52
N ASP C 148 -2.76 30.88 33.28
CA ASP C 148 -3.98 31.59 32.88
C ASP C 148 -5.13 30.68 32.43
N ASN C 149 -4.80 29.59 31.74
CA ASN C 149 -5.84 28.75 31.15
C ASN C 149 -6.14 27.44 31.87
N VAL C 150 -5.29 27.02 32.79
CA VAL C 150 -5.52 25.78 33.54
C VAL C 150 -6.26 26.10 34.84
N GLU C 151 -7.43 25.51 35.01
CA GLU C 151 -8.25 25.74 36.20
C GLU C 151 -7.48 25.52 37.50
N GLY C 152 -7.50 26.52 38.38
CA GLY C 152 -6.84 26.45 39.68
C GLY C 152 -5.33 26.67 39.62
N ALA C 153 -4.79 26.75 38.41
CA ALA C 153 -3.35 26.91 38.21
C ALA C 153 -2.77 28.07 39.00
N ARG C 154 -3.47 29.20 39.02
CA ARG C 154 -2.96 30.35 39.75
C ARG C 154 -3.02 30.24 41.26
N GLU C 155 -4.16 29.84 41.78
CA GLU C 155 -4.30 29.70 43.22
C GLU C 155 -3.08 28.93 43.74
N LYS C 156 -2.73 27.86 43.03
CA LYS C 156 -1.61 27.01 43.42
C LYS C 156 -0.25 27.67 43.17
N ALA C 157 -0.07 28.25 41.98
CA ALA C 157 1.19 28.91 41.63
C ALA C 157 1.57 29.97 42.65
N GLU C 158 0.57 30.56 43.28
CA GLU C 158 0.81 31.62 44.27
C GLU C 158 0.82 31.12 45.71
N ASN C 159 0.97 29.80 45.88
CA ASN C 159 1.07 29.21 47.21
C ASN C 159 2.39 28.48 47.35
N GLY C 160 3.21 28.53 46.31
CA GLY C 160 4.50 27.86 46.27
C GLY C 160 4.34 26.37 46.00
N ASP C 161 3.15 25.98 45.55
CA ASP C 161 2.84 24.59 45.27
C ASP C 161 3.33 24.12 43.90
N LEU C 162 3.74 25.04 43.03
CA LEU C 162 4.13 24.68 41.67
C LEU C 162 5.60 24.96 41.32
N LEU C 163 6.11 24.22 40.34
CA LEU C 163 7.48 24.39 39.86
C LEU C 163 7.51 24.41 38.35
N PHE C 164 8.20 25.40 37.80
CA PHE C 164 8.39 25.48 36.37
C PHE C 164 9.65 24.75 36.01
N GLY C 165 9.77 24.37 34.75
CA GLY C 165 10.96 23.71 34.28
C GLY C 165 10.92 23.33 32.82
N THR C 166 12.04 23.56 32.14
CA THR C 166 12.22 23.11 30.79
C THR C 166 12.61 21.65 30.99
N ILE C 167 12.61 20.85 29.94
CA ILE C 167 12.89 19.42 30.10
C ILE C 167 14.07 19.03 31.00
N ASP C 168 15.18 19.73 30.90
CA ASP C 168 16.31 19.42 31.78
C ASP C 168 15.84 19.42 33.24
N THR C 169 15.31 20.56 33.67
CA THR C 169 14.86 20.72 35.05
C THR C 169 13.88 19.62 35.43
N TRP C 170 13.03 19.22 34.49
CA TRP C 170 12.05 18.18 34.74
C TRP C 170 12.73 16.84 34.95
N LEU C 171 13.68 16.50 34.08
CA LEU C 171 14.39 15.25 34.20
C LEU C 171 15.25 15.18 35.45
N VAL C 172 16.10 16.19 35.65
CA VAL C 172 16.97 16.19 36.81
C VAL C 172 16.20 16.10 38.12
N TRP C 173 15.09 16.82 38.19
CA TRP C 173 14.25 16.84 39.40
C TRP C 173 13.69 15.46 39.72
N LYS C 174 13.09 14.83 38.71
CA LYS C 174 12.54 13.48 38.87
C LYS C 174 13.64 12.46 39.16
N LEU C 175 14.66 12.45 38.30
CA LEU C 175 15.76 11.50 38.42
C LEU C 175 16.53 11.60 39.72
N SER C 176 16.66 12.82 40.26
CA SER C 176 17.40 13.01 41.51
C SER C 176 16.50 12.79 42.71
N GLY C 177 15.25 12.40 42.46
CA GLY C 177 14.28 12.17 43.52
C GLY C 177 13.89 13.48 44.20
N LYS C 178 13.76 14.54 43.41
CA LYS C 178 13.36 15.85 43.92
C LYS C 178 14.49 16.55 44.68
N ALA C 179 15.70 16.03 44.53
CA ALA C 179 16.86 16.58 45.23
C ALA C 179 17.31 17.91 44.61
N ALA C 180 17.24 18.00 43.30
CA ALA C 180 17.67 19.22 42.62
C ALA C 180 16.61 19.73 41.65
N HIS C 181 16.36 21.02 41.71
CA HIS C 181 15.43 21.69 40.80
C HIS C 181 16.25 22.78 40.16
N ILE C 182 17.13 22.36 39.26
CA ILE C 182 18.06 23.28 38.63
C ILE C 182 18.04 23.23 37.12
N THR C 183 18.67 24.21 36.50
CA THR C 183 18.80 24.27 35.04
C THR C 183 20.19 24.84 34.80
N ASP C 184 20.62 24.90 33.55
CA ASP C 184 21.91 25.52 33.26
C ASP C 184 21.67 26.76 32.44
N TYR C 185 22.75 27.48 32.18
CA TYR C 185 22.68 28.72 31.43
C TYR C 185 22.02 28.55 30.06
N SER C 186 22.54 27.62 29.27
CA SER C 186 22.00 27.41 27.92
C SER C 186 20.47 27.26 27.96
N ASN C 187 19.98 26.31 28.74
CA ASN C 187 18.53 26.11 28.85
C ASN C 187 17.81 27.34 29.38
N ALA C 188 18.40 27.99 30.38
CA ALA C 188 17.78 29.16 30.98
C ALA C 188 17.57 30.29 29.96
N SER C 189 18.54 30.48 29.08
CA SER C 189 18.48 31.55 28.08
C SER C 189 17.35 31.42 27.07
N ARG C 190 16.70 30.26 27.04
CA ARG C 190 15.63 30.00 26.09
C ARG C 190 14.26 30.12 26.75
N THR C 191 14.23 30.57 28.00
CA THR C 191 12.97 30.66 28.73
C THR C 191 12.29 32.02 28.53
N LEU C 192 13.06 33.03 28.17
CA LEU C 192 12.53 34.37 27.94
C LEU C 192 12.32 35.08 29.30
N PHE C 194 15.06 34.72 31.62
CA PHE C 194 16.44 34.77 32.09
C PHE C 194 17.20 35.86 31.36
N ASN C 195 17.88 36.71 32.13
CA ASN C 195 18.68 37.80 31.57
C ASN C 195 20.07 37.27 31.20
N ILE C 196 20.30 37.08 29.90
CA ILE C 196 21.57 36.50 29.42
C ILE C 196 22.78 37.41 29.59
N HIS C 197 22.55 38.67 29.97
CA HIS C 197 23.64 39.62 30.16
C HIS C 197 24.00 39.74 31.64
N ASP C 198 22.99 39.71 32.50
CA ASP C 198 23.21 39.74 33.95
C ASP C 198 23.36 38.32 34.48
N LEU C 199 23.08 37.33 33.62
CA LEU C 199 23.16 35.91 33.99
C LEU C 199 22.36 35.60 35.24
N GLU C 200 21.10 36.03 35.24
CA GLU C 200 20.20 35.83 36.36
C GLU C 200 18.78 36.02 35.87
N TRP C 201 17.81 35.49 36.61
CA TRP C 201 16.42 35.67 36.22
C TRP C 201 16.15 37.17 36.23
N ASP C 202 15.32 37.62 35.31
CA ASP C 202 14.98 39.03 35.25
C ASP C 202 13.63 39.25 35.93
N ASP C 203 13.65 40.04 37.01
CA ASP C 203 12.45 40.31 37.79
C ASP C 203 11.39 41.06 36.99
N GLU C 204 11.82 41.84 36.00
CA GLU C 204 10.86 42.57 35.18
C GLU C 204 10.15 41.60 34.24
N LEU C 205 10.93 40.85 33.46
CA LEU C 205 10.37 39.89 32.53
C LEU C 205 9.35 39.01 33.23
N LEU C 206 9.69 38.54 34.43
CA LEU C 206 8.79 37.68 35.21
C LEU C 206 7.46 38.36 35.56
N GLU C 207 7.50 39.66 35.84
CA GLU C 207 6.27 40.39 36.17
C GLU C 207 5.36 40.56 34.96
N LEU C 208 5.98 40.74 33.79
CA LEU C 208 5.23 40.88 32.54
C LEU C 208 4.56 39.56 32.19
N LEU C 209 5.30 38.46 32.38
CA LEU C 209 4.80 37.12 32.12
C LEU C 209 3.99 36.63 33.31
N THR C 210 3.78 37.51 34.29
CA THR C 210 3.04 37.17 35.51
C THR C 210 3.45 35.80 36.09
N VAL C 211 4.75 35.55 36.09
CA VAL C 211 5.29 34.28 36.60
C VAL C 211 6.07 34.51 37.90
N PRO C 212 5.56 33.95 39.01
CA PRO C 212 6.23 34.07 40.31
C PRO C 212 7.66 33.59 40.23
N LYS C 213 8.52 34.14 41.08
CA LYS C 213 9.93 33.78 41.09
C LYS C 213 10.18 32.51 41.91
N ASN C 214 9.14 32.02 42.58
CA ASN C 214 9.26 30.82 43.41
C ASN C 214 9.24 29.52 42.61
N LEU C 216 10.70 29.14 39.71
CA LEU C 216 11.94 29.04 38.97
C LEU C 216 12.99 28.19 39.66
N PRO C 217 13.75 27.40 38.86
CA PRO C 217 14.85 26.60 39.34
C PRO C 217 16.09 27.48 39.36
N GLU C 218 17.17 27.04 39.99
CA GLU C 218 18.37 27.86 40.02
C GLU C 218 19.32 27.50 38.89
N VAL C 219 19.72 28.51 38.13
CA VAL C 219 20.63 28.33 37.02
C VAL C 219 22.01 27.91 37.54
N LYS C 220 22.69 27.08 36.77
CA LYS C 220 24.01 26.58 37.13
C LYS C 220 24.89 26.47 35.88
N ALA C 221 26.14 26.05 36.05
CA ALA C 221 27.04 25.86 34.91
C ALA C 221 26.53 24.67 34.09
N SER C 222 27.18 24.37 32.97
CA SER C 222 26.77 23.25 32.13
C SER C 222 27.48 21.97 32.55
N SER C 223 28.70 22.11 33.06
CA SER C 223 29.49 20.96 33.50
C SER C 223 29.69 21.11 35.01
N GLU C 224 28.89 20.37 35.76
CA GLU C 224 28.92 20.45 37.21
C GLU C 224 28.05 19.36 37.80
N VAL C 225 28.52 18.73 38.89
CA VAL C 225 27.72 17.69 39.55
C VAL C 225 26.54 18.32 40.28
N TYR C 226 25.37 18.26 39.67
CA TYR C 226 24.16 18.87 40.24
C TYR C 226 23.58 18.01 41.36
N GLY C 227 24.03 16.76 41.44
CA GLY C 227 23.57 15.83 42.46
C GLY C 227 23.66 14.40 41.97
N LYS C 228 23.07 13.48 42.72
CA LYS C 228 23.11 12.08 42.36
C LYS C 228 21.70 11.53 42.10
N THR C 229 21.62 10.52 41.26
CA THR C 229 20.36 9.87 40.95
C THR C 229 19.92 9.10 42.18
N ILE C 230 18.65 9.21 42.56
CA ILE C 230 18.17 8.43 43.70
C ILE C 230 18.20 6.96 43.30
N ASP C 231 18.60 6.13 44.25
CA ASP C 231 18.70 4.71 44.02
C ASP C 231 17.60 4.08 43.19
N TYR C 232 16.33 4.26 43.58
CA TYR C 232 15.23 3.58 42.88
C TYR C 232 15.00 3.96 41.42
N HIS C 233 15.46 5.13 41.01
CA HIS C 233 15.36 5.50 39.61
C HIS C 233 16.64 5.18 38.87
N PHE C 234 17.51 4.39 39.49
CA PHE C 234 18.73 3.97 38.80
C PHE C 234 19.31 2.66 39.34
N TYR C 235 18.42 1.68 39.50
CA TYR C 235 18.82 0.30 39.82
C TYR C 235 19.59 0.14 41.13
N GLY C 236 19.26 0.95 42.13
CA GLY C 236 19.91 0.85 43.44
C GLY C 236 21.19 1.65 43.58
N GLN C 237 21.59 2.34 42.52
CA GLN C 237 22.81 3.12 42.55
C GLN C 237 22.50 4.60 42.75
N GLU C 238 23.51 5.35 43.17
CA GLU C 238 23.38 6.78 43.33
C GLU C 238 24.44 7.45 42.45
N VAL C 239 24.22 7.39 41.14
CA VAL C 239 25.14 7.93 40.17
C VAL C 239 25.00 9.45 40.06
N PRO C 240 26.13 10.14 39.93
CA PRO C 240 26.11 11.59 39.82
C PRO C 240 25.61 12.09 38.49
N ILE C 241 24.72 13.09 38.56
CA ILE C 241 24.19 13.77 37.38
C ILE C 241 25.06 15.00 37.24
N ALA C 242 25.96 15.01 36.26
CA ALA C 242 26.92 16.10 36.14
C ALA C 242 27.00 16.77 34.76
N GLY C 243 25.89 16.89 34.05
CA GLY C 243 25.93 17.53 32.74
C GLY C 243 24.56 17.86 32.13
N VAL C 244 24.25 19.15 32.05
CA VAL C 244 23.01 19.62 31.44
C VAL C 244 23.34 20.69 30.41
N ALA C 245 22.56 20.73 29.34
CA ALA C 245 22.76 21.70 28.29
C ALA C 245 21.78 21.48 27.15
N GLY C 246 21.24 22.57 26.60
CA GLY C 246 20.31 22.47 25.48
C GLY C 246 20.85 21.53 24.41
N ASP C 247 19.96 20.74 23.82
CA ASP C 247 20.37 19.78 22.80
C ASP C 247 21.25 20.38 21.70
N GLN C 248 20.86 21.53 21.19
CA GLN C 248 21.62 22.16 20.10
C GLN C 248 22.98 22.67 20.55
N GLN C 249 23.05 23.23 21.76
CA GLN C 249 24.31 23.67 22.30
C GLN C 249 25.22 22.45 22.48
N ALA C 250 24.65 21.36 22.99
CA ALA C 250 25.42 20.13 23.19
C ALA C 250 26.04 19.70 21.87
N ALA C 251 25.25 19.76 20.81
CA ALA C 251 25.75 19.40 19.49
C ALA C 251 26.94 20.30 19.14
N LEU C 252 26.84 21.57 19.50
CA LEU C 252 27.90 22.54 19.22
C LEU C 252 29.18 22.12 19.96
N PHE C 253 29.02 21.74 21.22
CA PHE C 253 30.13 21.33 22.07
C PHE C 253 30.74 20.02 21.57
N GLY C 254 29.87 19.10 21.14
CA GLY C 254 30.30 17.80 20.62
C GLY C 254 30.86 17.88 19.20
N GLN C 255 30.81 19.06 18.61
CA GLN C 255 31.39 19.29 17.29
C GLN C 255 32.74 20.00 17.44
N ALA C 256 33.13 20.27 18.69
CA ALA C 256 34.40 20.94 18.99
C ALA C 256 34.36 22.43 18.64
N CYS C 257 33.16 23.00 18.59
CA CYS C 257 33.01 24.43 18.31
C CYS C 257 33.23 25.21 19.59
N PHE C 258 34.47 25.20 20.10
CA PHE C 258 34.75 25.87 21.36
C PHE C 258 35.10 27.33 21.18
N GLU C 259 36.05 27.61 20.29
N GLU C 259 36.07 27.61 20.32
CA GLU C 259 36.48 28.99 20.05
CA GLU C 259 36.48 29.00 20.07
C GLU C 259 35.48 29.76 19.19
C GLU C 259 35.49 29.76 19.18
N ARG C 260 35.67 31.07 19.12
CA ARG C 260 34.80 31.96 18.36
C ARG C 260 34.82 31.70 16.85
N GLY C 261 33.67 31.92 16.23
CA GLY C 261 33.55 31.75 14.79
C GLY C 261 33.21 30.33 14.37
N ASP C 262 33.16 29.40 15.33
CA ASP C 262 32.84 28.01 15.03
C ASP C 262 31.34 27.81 14.77
N VAL C 263 31.01 27.11 13.68
CA VAL C 263 29.62 26.91 13.28
C VAL C 263 29.30 25.46 12.92
N LYS C 264 28.10 25.02 13.31
CA LYS C 264 27.62 23.68 12.98
C LYS C 264 26.13 23.74 12.74
N ASN C 265 25.61 22.77 11.98
CA ASN C 265 24.16 22.71 11.74
C ASN C 265 23.61 21.33 12.08
N THR C 266 22.50 21.30 12.80
CA THR C 266 21.86 20.05 13.17
C THR C 266 20.56 19.87 12.41
N TYR C 267 20.38 18.71 11.81
CA TYR C 267 19.16 18.40 11.08
C TYR C 267 18.34 17.37 11.86
N GLY C 268 17.42 17.86 12.67
CA GLY C 268 16.56 16.98 13.45
C GLY C 268 15.11 17.34 13.21
N THR C 269 14.26 17.20 14.22
CA THR C 269 12.87 17.57 14.06
C THR C 269 12.89 18.94 13.41
N GLY C 270 13.79 19.79 13.91
CA GLY C 270 14.00 21.13 13.36
C GLY C 270 15.43 21.28 12.88
N GLY C 271 15.74 22.46 12.33
CA GLY C 271 17.08 22.76 11.83
C GLY C 271 17.65 23.91 12.64
N PHE C 272 18.80 23.68 13.28
CA PHE C 272 19.38 24.70 14.13
C PHE C 272 20.85 24.91 13.86
N LEU C 274 24.01 26.96 15.19
CA LEU C 274 24.63 27.79 16.22
C LEU C 274 26.09 28.11 15.87
N ASN C 276 29.44 29.70 17.88
CA ASN C 276 30.04 30.15 19.11
C ASN C 276 30.67 31.52 18.88
N THR C 277 30.08 32.53 19.50
CA THR C 277 30.55 33.90 19.39
C THR C 277 31.55 34.20 20.50
N GLY C 278 32.11 33.14 21.08
CA GLY C 278 33.06 33.28 22.18
C GLY C 278 32.33 33.59 23.47
N ASP C 279 32.77 34.65 24.15
CA ASP C 279 32.19 35.07 25.41
C ASP C 279 31.66 36.50 25.33
N LYS C 280 31.19 36.86 24.15
CA LYS C 280 30.64 38.18 23.91
C LYS C 280 29.36 38.03 23.09
N ALA C 281 28.21 38.14 23.75
CA ALA C 281 26.90 38.00 23.10
C ALA C 281 26.74 38.99 21.94
N VAL C 282 26.90 38.50 20.72
CA VAL C 282 26.80 39.34 19.51
C VAL C 282 25.33 39.63 19.18
N LYS C 283 25.03 40.88 18.89
CA LYS C 283 23.67 41.28 18.57
C LYS C 283 23.41 40.96 17.11
N SER C 284 22.19 40.56 16.80
CA SER C 284 21.83 40.21 15.44
C SER C 284 20.77 41.14 14.86
N GLU C 285 20.89 41.44 13.57
CA GLU C 285 19.91 42.27 12.87
C GLU C 285 19.39 41.57 11.61
N SER C 286 19.63 40.26 11.51
CA SER C 286 19.21 39.51 10.33
C SER C 286 18.21 38.40 10.65
N GLY C 287 17.73 38.34 11.88
CA GLY C 287 16.75 37.34 12.27
C GLY C 287 17.31 36.17 13.04
N LEU C 288 18.56 36.30 13.50
CA LEU C 288 19.21 35.26 14.28
C LEU C 288 19.04 35.54 15.76
N LEU C 289 19.13 34.50 16.59
CA LEU C 289 19.00 34.65 18.02
C LEU C 289 20.36 34.76 18.71
N THR C 290 20.34 35.33 19.92
CA THR C 290 21.52 35.49 20.76
C THR C 290 21.25 34.69 22.01
N THR C 291 22.05 33.66 22.25
CA THR C 291 21.81 32.81 23.40
C THR C 291 23.11 32.20 23.93
N ILE C 292 23.04 31.66 25.15
CA ILE C 292 24.19 31.04 25.81
C ILE C 292 24.62 29.71 25.21
N ALA C 293 25.92 29.60 24.90
CA ALA C 293 26.47 28.35 24.38
C ALA C 293 26.53 27.37 25.53
N TYR C 294 27.39 27.66 26.50
CA TYR C 294 27.54 26.81 27.68
C TYR C 294 28.27 27.51 28.82
N GLY C 295 28.20 26.94 30.01
CA GLY C 295 28.89 27.47 31.18
C GLY C 295 29.87 26.41 31.66
N ILE C 296 31.17 26.68 31.49
CA ILE C 296 32.17 25.70 31.86
C ILE C 296 33.55 26.30 32.13
N ASP C 297 34.23 25.75 33.13
CA ASP C 297 35.56 26.20 33.54
C ASP C 297 35.50 27.59 34.16
N GLY C 298 34.36 27.93 34.75
CA GLY C 298 34.16 29.23 35.38
C GLY C 298 33.86 30.32 34.36
N LYS C 299 33.64 29.89 33.11
CA LYS C 299 33.35 30.81 32.02
C LYS C 299 31.98 30.53 31.41
N VAL C 300 31.51 31.48 30.62
CA VAL C 300 30.21 31.38 29.95
C VAL C 300 30.34 31.85 28.52
N ASN C 301 30.11 30.95 27.57
CA ASN C 301 30.20 31.31 26.15
C ASN C 301 28.84 31.64 25.55
N TYR C 302 28.85 32.55 24.58
CA TYR C 302 27.64 32.97 23.89
C TYR C 302 27.66 32.45 22.47
N ALA C 303 26.56 32.63 21.74
CA ALA C 303 26.48 32.17 20.37
C ALA C 303 25.28 32.75 19.63
N LEU C 304 25.37 32.74 18.30
CA LEU C 304 24.27 33.20 17.44
C LEU C 304 23.56 31.98 16.88
N GLU C 305 22.24 31.96 16.96
CA GLU C 305 21.49 30.81 16.49
C GLU C 305 20.50 31.14 15.37
N GLY C 306 20.44 30.24 14.40
CA GLY C 306 19.50 30.32 13.30
C GLY C 306 18.59 29.13 13.52
N SER C 307 17.29 29.40 13.68
CA SER C 307 16.34 28.33 14.00
C SER C 307 15.32 28.06 12.91
N ILE C 308 15.01 26.77 12.71
CA ILE C 308 14.03 26.32 11.73
C ILE C 308 13.09 25.33 12.40
N PHE C 309 11.83 25.70 12.55
CA PHE C 309 10.85 24.84 13.25
C PHE C 309 10.66 23.45 12.63
N VAL C 310 10.67 23.37 11.31
CA VAL C 310 10.42 22.11 10.63
C VAL C 310 11.45 21.78 9.56
N SER C 311 12.22 20.73 9.82
CA SER C 311 13.25 20.26 8.90
C SER C 311 13.05 18.77 8.60
N GLY C 312 13.71 17.91 9.39
CA GLY C 312 13.55 16.49 9.22
C GLY C 312 12.09 16.15 9.48
N SER C 313 11.48 16.93 10.37
CA SER C 313 10.09 16.73 10.74
C SER C 313 9.20 16.70 9.50
N ALA C 314 9.64 17.39 8.44
CA ALA C 314 8.89 17.41 7.19
C ALA C 314 8.92 16.03 6.54
N ILE C 315 10.08 15.36 6.60
CA ILE C 315 10.22 14.02 6.04
C ILE C 315 9.40 13.05 6.86
N GLN C 316 9.43 13.24 8.17
CA GLN C 316 8.66 12.44 9.11
C GLN C 316 7.16 12.61 8.84
N TRP C 317 6.79 13.78 8.32
CA TRP C 317 5.40 14.06 7.99
C TRP C 317 4.96 13.27 6.76
N LEU C 318 5.86 13.15 5.79
CA LEU C 318 5.58 12.36 4.60
C LEU C 318 5.25 10.95 5.02
N ARG C 319 5.84 10.52 6.13
CA ARG C 319 5.65 9.17 6.64
C ARG C 319 4.38 9.06 7.49
N ASP C 320 4.28 9.88 8.53
CA ASP C 320 3.13 9.82 9.45
C ASP C 320 1.87 10.50 8.92
N GLY C 321 2.05 11.63 8.28
CA GLY C 321 0.91 12.41 7.78
C GLY C 321 0.29 11.91 6.50
N LEU C 322 0.97 12.14 5.38
CA LEU C 322 0.45 11.74 4.09
C LEU C 322 0.63 10.25 3.87
N ARG C 323 1.18 9.57 4.88
CA ARG C 323 1.39 8.13 4.80
C ARG C 323 1.81 7.82 3.36
N ILE C 325 5.40 7.50 2.46
CA ILE C 325 6.63 6.71 2.41
C ILE C 325 6.68 5.81 3.64
N ASN C 326 7.42 4.71 3.55
CA ASN C 326 7.50 3.76 4.66
C ASN C 326 8.45 4.19 5.77
N SER C 327 9.58 4.79 5.39
CA SER C 327 10.56 5.24 6.36
C SER C 327 11.25 6.50 5.86
N ALA C 328 11.88 7.24 6.76
CA ALA C 328 12.59 8.46 6.40
C ALA C 328 13.60 8.20 5.27
N PRO C 329 14.54 7.26 5.49
CA PRO C 329 15.56 6.95 4.48
C PRO C 329 15.03 6.44 3.14
N GLN C 330 13.76 6.05 3.10
CA GLN C 330 13.12 5.58 1.87
C GLN C 330 12.87 6.75 0.91
N SER C 331 12.94 7.98 1.42
CA SER C 331 12.67 9.17 0.63
C SER C 331 13.78 9.43 -0.39
N GLU C 332 15.03 9.21 0.02
CA GLU C 332 16.16 9.42 -0.87
C GLU C 332 15.96 8.62 -2.13
N SER C 333 15.32 7.47 -2.00
CA SER C 333 15.03 6.58 -3.12
C SER C 333 14.27 7.34 -4.21
N TYR C 334 13.17 7.98 -3.82
CA TYR C 334 12.34 8.71 -4.77
C TYR C 334 13.05 9.93 -5.33
N ALA C 335 13.59 10.76 -4.44
CA ALA C 335 14.28 11.98 -4.83
C ALA C 335 15.24 11.76 -5.99
N THR C 336 16.14 10.79 -5.86
CA THR C 336 17.15 10.51 -6.88
C THR C 336 16.57 9.86 -8.15
N ARG C 337 15.27 9.54 -8.12
CA ARG C 337 14.62 8.86 -9.24
C ARG C 337 14.20 9.84 -10.35
N VAL C 338 14.16 11.13 -10.04
CA VAL C 338 13.79 12.17 -11.00
C VAL C 338 14.85 13.25 -10.90
N ASP C 339 15.28 13.79 -12.04
CA ASP C 339 16.39 14.79 -12.05
C ASP C 339 16.15 16.15 -11.35
N SER C 340 14.90 16.61 -11.29
CA SER C 340 14.61 17.87 -10.62
C SER C 340 13.22 17.82 -10.06
N THR C 341 12.84 18.87 -9.34
CA THR C 341 11.53 18.97 -8.76
C THR C 341 10.59 19.53 -9.81
N GLU C 342 11.17 20.00 -10.90
CA GLU C 342 10.40 20.57 -12.00
C GLU C 342 9.41 21.63 -11.51
N GLY C 343 9.93 22.68 -10.91
CA GLY C 343 9.10 23.81 -10.49
C GLY C 343 8.46 23.73 -9.12
N VAL C 344 8.41 22.54 -8.53
CA VAL C 344 7.74 22.39 -7.24
C VAL C 344 8.64 22.71 -6.05
N TYR C 345 8.05 23.39 -5.05
CA TYR C 345 8.73 23.74 -3.80
C TYR C 345 7.83 23.43 -2.60
N VAL C 346 8.46 23.08 -1.49
CA VAL C 346 7.71 22.77 -0.26
C VAL C 346 8.17 23.66 0.90
N VAL C 347 7.24 24.41 1.46
CA VAL C 347 7.51 25.30 2.59
C VAL C 347 6.80 24.77 3.82
N PRO C 348 7.53 23.96 4.62
CA PRO C 348 6.96 23.28 5.80
C PRO C 348 6.72 24.17 7.03
N ALA C 349 6.11 25.33 6.85
CA ALA C 349 5.82 26.22 7.98
C ALA C 349 4.70 25.64 8.81
N PHE C 350 4.79 24.36 9.14
CA PHE C 350 3.75 23.71 9.91
C PHE C 350 3.46 24.47 11.20
N VAL C 351 4.46 25.16 11.72
CA VAL C 351 4.31 25.94 12.92
C VAL C 351 5.00 27.27 12.73
N GLY C 352 4.76 27.89 11.59
CA GLY C 352 5.33 29.19 11.28
C GLY C 352 6.77 29.14 10.85
N LEU C 353 7.33 30.31 10.60
CA LEU C 353 8.68 30.43 10.13
C LEU C 353 9.58 31.05 11.19
N GLY C 354 10.81 30.55 11.29
CA GLY C 354 11.80 31.07 12.23
C GLY C 354 12.77 31.96 11.49
N THR C 355 14.05 31.82 11.79
CA THR C 355 15.08 32.60 11.10
C THR C 355 14.93 32.44 9.60
N PRO C 356 14.91 33.55 8.85
CA PRO C 356 14.99 34.93 9.34
C PRO C 356 13.65 35.65 9.19
N TYR C 357 12.59 34.91 8.90
CA TYR C 357 11.28 35.51 8.68
C TYR C 357 10.51 35.76 9.97
N TRP C 358 10.57 34.80 10.88
CA TRP C 358 9.86 34.91 12.17
C TRP C 358 8.39 35.28 11.96
N ASP C 359 7.65 34.33 11.41
CA ASP C 359 6.25 34.53 11.11
C ASP C 359 5.40 33.41 11.75
N SER C 360 4.91 33.66 12.96
CA SER C 360 4.11 32.69 13.71
C SER C 360 2.86 32.25 12.96
N GLU C 361 2.28 33.18 12.21
CA GLU C 361 1.03 32.94 11.51
C GLU C 361 1.19 32.01 10.31
N ALA C 362 2.38 32.00 9.72
CA ALA C 362 2.66 31.17 8.55
C ALA C 362 2.35 29.68 8.78
N ARG C 363 1.99 29.00 7.70
CA ARG C 363 1.72 27.56 7.75
C ARG C 363 2.39 26.88 6.56
N GLY C 364 2.25 25.56 6.48
CA GLY C 364 2.86 24.81 5.39
C GLY C 364 2.13 24.99 4.08
N ALA C 365 2.88 25.08 2.99
CA ALA C 365 2.29 25.24 1.69
C ALA C 365 3.18 24.61 0.62
N ILE C 366 2.58 24.30 -0.53
CA ILE C 366 3.29 23.69 -1.64
C ILE C 366 2.95 24.44 -2.93
N PHE C 367 3.94 24.65 -3.78
CA PHE C 367 3.75 25.41 -5.02
C PHE C 367 4.38 24.70 -6.22
N GLY C 368 4.18 25.26 -7.40
CA GLY C 368 4.77 24.74 -8.64
C GLY C 368 4.15 23.47 -9.16
N LEU C 369 3.00 23.09 -8.62
CA LEU C 369 2.33 21.84 -9.01
C LEU C 369 1.75 21.89 -10.43
N THR C 370 1.77 20.74 -11.09
CA THR C 370 1.21 20.60 -12.44
C THR C 370 0.76 19.15 -12.59
N ARG C 371 -0.01 18.84 -13.65
CA ARG C 371 -0.48 17.47 -13.86
C ARG C 371 0.67 16.48 -14.02
N GLY C 372 1.82 16.98 -14.45
CA GLY C 372 3.00 16.14 -14.62
C GLY C 372 3.78 15.94 -13.34
N THR C 373 3.33 16.54 -12.25
CA THR C 373 4.00 16.38 -10.97
C THR C 373 3.71 14.99 -10.42
N GLU C 374 4.78 14.23 -10.24
CA GLU C 374 4.66 12.88 -9.74
C GLU C 374 5.11 12.81 -8.30
N LYS C 375 4.84 11.67 -7.67
CA LYS C 375 5.20 11.45 -6.28
C LYS C 375 6.69 11.74 -6.02
N GLU C 376 7.57 11.32 -6.92
CA GLU C 376 9.01 11.55 -6.76
C GLU C 376 9.37 13.02 -6.62
N HIS C 377 8.73 13.86 -7.44
CA HIS C 377 8.98 15.30 -7.42
C HIS C 377 8.55 15.92 -6.08
N PHE C 378 7.39 15.49 -5.61
CA PHE C 378 6.81 15.99 -4.36
C PHE C 378 7.73 15.70 -3.18
N ILE C 379 8.24 14.46 -3.09
CA ILE C 379 9.15 14.10 -2.00
C ILE C 379 10.50 14.82 -2.14
N ARG C 380 10.98 14.93 -3.37
CA ARG C 380 12.24 15.60 -3.63
C ARG C 380 12.19 17.07 -3.19
N ALA C 381 11.05 17.73 -3.45
CA ALA C 381 10.87 19.13 -3.08
C ALA C 381 10.91 19.26 -1.55
N THR C 382 10.49 18.21 -0.87
CA THR C 382 10.48 18.19 0.58
C THR C 382 11.91 18.07 1.07
N LEU C 383 12.63 17.07 0.56
CA LEU C 383 14.03 16.90 0.93
C LEU C 383 14.81 18.19 0.67
N GLU C 384 14.54 18.84 -0.45
CA GLU C 384 15.25 20.07 -0.79
C GLU C 384 14.98 21.21 0.19
N SER C 385 13.77 21.29 0.72
CA SER C 385 13.39 22.38 1.62
C SER C 385 14.33 22.49 2.83
N LEU C 386 14.78 21.35 3.36
CA LEU C 386 15.71 21.37 4.49
C LEU C 386 16.98 22.14 4.12
N CYS C 387 17.29 22.15 2.82
CA CYS C 387 18.46 22.83 2.35
C CYS C 387 18.19 24.32 2.14
N TYR C 388 17.20 24.64 1.33
CA TYR C 388 16.84 26.05 1.11
C TYR C 388 16.75 26.77 2.47
N GLN C 389 16.00 26.20 3.40
CA GLN C 389 15.90 26.76 4.75
C GLN C 389 17.28 27.00 5.37
N THR C 390 18.16 26.00 5.30
CA THR C 390 19.50 26.16 5.84
C THR C 390 20.20 27.35 5.20
N ARG C 391 20.03 27.53 3.90
CA ARG C 391 20.65 28.67 3.22
C ARG C 391 20.13 30.01 3.76
N ASP C 392 18.82 30.12 3.90
CA ASP C 392 18.24 31.33 4.44
C ASP C 392 18.95 31.71 5.72
N VAL C 393 19.04 30.74 6.63
CA VAL C 393 19.70 30.96 7.92
C VAL C 393 21.16 31.31 7.74
N GLU C 395 22.84 32.74 5.17
CA GLU C 395 23.12 34.08 4.64
C GLU C 395 22.87 35.14 5.70
N ALA C 396 21.83 34.95 6.50
CA ALA C 396 21.50 35.88 7.56
C ALA C 396 22.64 35.93 8.57
N SER C 398 25.90 35.06 7.80
CA SER C 398 27.08 35.53 7.10
C SER C 398 27.19 37.05 7.26
N LYS C 399 26.05 37.70 7.40
CA LYS C 399 25.99 39.15 7.58
C LYS C 399 26.30 39.55 9.02
N ASP C 400 25.50 39.06 9.95
CA ASP C 400 25.65 39.39 11.37
C ASP C 400 27.03 39.09 11.94
N SER C 401 27.73 38.13 11.32
CA SER C 401 29.06 37.78 11.77
C SER C 401 30.13 38.27 10.79
N GLY C 402 29.70 38.61 9.58
CA GLY C 402 30.63 39.09 8.55
C GLY C 402 31.55 37.98 8.06
N ILE C 403 31.59 36.88 8.80
CA ILE C 403 32.42 35.73 8.46
C ILE C 403 31.82 34.95 7.31
N ASP C 404 32.65 34.21 6.60
CA ASP C 404 32.19 33.39 5.49
C ASP C 404 32.57 31.93 5.69
N VAL C 405 31.54 31.09 5.83
CA VAL C 405 31.74 29.66 6.00
C VAL C 405 32.20 29.07 4.68
N GLN C 406 33.29 28.31 4.71
CA GLN C 406 33.79 27.68 3.49
C GLN C 406 33.52 26.18 3.57
N SER C 407 33.32 25.71 4.80
CA SER C 407 33.01 24.31 5.02
C SER C 407 32.26 24.21 6.35
N LEU C 408 31.02 23.73 6.27
CA LEU C 408 30.15 23.61 7.44
C LEU C 408 30.09 22.19 7.99
N ARG C 409 30.27 22.05 9.29
CA ARG C 409 30.12 20.75 9.94
C ARG C 409 28.63 20.52 10.20
N VAL C 410 28.18 19.28 10.04
CA VAL C 410 26.77 18.96 10.23
C VAL C 410 26.58 17.75 11.11
N ASP C 411 25.33 17.53 11.52
CA ASP C 411 24.98 16.39 12.35
C ASP C 411 23.46 16.32 12.44
N GLY C 412 22.95 15.29 13.09
CA GLY C 412 21.50 15.11 13.22
C GLY C 412 21.02 13.87 12.50
N GLY C 413 19.77 13.48 12.75
CA GLY C 413 19.21 12.28 12.16
C GLY C 413 19.19 12.24 10.64
N ALA C 414 18.95 13.38 10.02
CA ALA C 414 18.82 13.45 8.56
C ALA C 414 20.13 13.49 7.76
N VAL C 415 21.24 13.80 8.42
CA VAL C 415 22.54 13.90 7.72
C VAL C 415 22.89 12.63 6.94
N LYS C 416 22.41 11.49 7.42
CA LYS C 416 22.69 10.21 6.78
C LYS C 416 22.35 10.28 5.29
N ASN C 417 21.22 10.90 4.97
CA ASN C 417 20.72 11.01 3.60
C ASN C 417 21.65 11.81 2.70
N ASN C 418 22.40 11.09 1.87
CA ASN C 418 23.38 11.71 0.96
C ASN C 418 22.81 12.74 0.00
N PHE C 419 21.62 12.48 -0.53
CA PHE C 419 21.01 13.44 -1.46
C PHE C 419 20.94 14.81 -0.84
N ILE C 420 20.39 14.88 0.37
CA ILE C 420 20.23 16.14 1.08
C ILE C 420 21.60 16.81 1.30
N GLN C 422 24.40 16.50 -0.37
CA GLN C 422 24.94 17.01 -1.61
C GLN C 422 24.19 18.26 -2.06
N PHE C 423 22.86 18.20 -2.04
CA PHE C 423 22.06 19.36 -2.45
C PHE C 423 22.33 20.55 -1.56
N GLN C 424 22.57 20.31 -0.28
CA GLN C 424 22.89 21.39 0.63
C GLN C 424 24.15 22.07 0.15
N ALA C 425 25.19 21.27 -0.07
CA ALA C 425 26.50 21.74 -0.55
C ALA C 425 26.37 22.52 -1.86
N ASP C 426 25.45 22.08 -2.71
CA ASP C 426 25.21 22.72 -3.98
C ASP C 426 24.48 24.04 -3.82
N ILE C 427 23.32 24.01 -3.17
CA ILE C 427 22.48 25.19 -3.05
C ILE C 427 23.16 26.31 -2.25
N VAL C 428 23.98 25.94 -1.29
CA VAL C 428 24.70 26.92 -0.47
C VAL C 428 26.09 27.22 -1.04
N ASN C 429 26.54 26.37 -1.94
CA ASN C 429 27.86 26.54 -2.57
C ASN C 429 28.99 26.49 -1.56
N THR C 430 28.89 25.57 -0.61
CA THR C 430 29.89 25.40 0.43
C THR C 430 30.10 23.92 0.69
N SER C 431 31.26 23.56 1.22
CA SER C 431 31.54 22.18 1.53
C SER C 431 30.77 21.80 2.78
N VAL C 432 30.19 20.60 2.77
CA VAL C 432 29.47 20.10 3.93
C VAL C 432 30.22 18.90 4.50
N GLU C 433 30.53 18.96 5.79
CA GLU C 433 31.29 17.91 6.44
C GLU C 433 30.43 17.08 7.40
N ARG C 434 30.38 15.77 7.15
CA ARG C 434 29.62 14.86 7.98
C ARG C 434 30.58 13.99 8.78
N PRO C 435 30.50 14.08 10.11
CA PRO C 435 31.38 13.32 11.00
C PRO C 435 31.00 11.86 11.12
N GLU C 436 31.98 11.03 11.49
CA GLU C 436 31.76 9.60 11.63
C GLU C 436 30.74 9.32 12.75
N ILE C 437 30.86 10.06 13.85
CA ILE C 437 29.90 9.93 14.95
C ILE C 437 28.97 11.14 14.85
N GLN C 438 27.83 10.93 14.20
CA GLN C 438 26.88 12.01 13.92
C GLN C 438 26.01 12.41 15.10
N GLU C 439 25.90 11.56 16.13
CA GLU C 439 25.08 11.91 17.30
C GLU C 439 25.90 12.74 18.29
N THR C 440 26.34 13.90 17.79
CA THR C 440 27.15 14.81 18.55
C THR C 440 26.41 15.40 19.76
N THR C 441 25.09 15.57 19.64
CA THR C 441 24.27 16.11 20.73
C THR C 441 24.42 15.27 22.00
N ALA C 442 24.30 13.95 21.83
CA ALA C 442 24.45 13.02 22.94
C ALA C 442 25.90 12.96 23.41
N LEU C 443 26.83 13.07 22.48
CA LEU C 443 28.26 13.06 22.82
C LEU C 443 28.65 14.33 23.56
N GLY C 444 28.00 15.44 23.22
CA GLY C 444 28.26 16.69 23.91
C GLY C 444 27.87 16.58 25.37
N ALA C 445 26.66 16.09 25.63
CA ALA C 445 26.18 15.93 27.00
C ALA C 445 27.08 14.97 27.76
N ALA C 446 27.68 14.03 27.02
CA ALA C 446 28.58 13.05 27.61
C ALA C 446 29.77 13.75 28.25
N PHE C 447 30.45 14.57 27.47
CA PHE C 447 31.63 15.29 27.97
C PHE C 447 31.35 16.29 29.07
N LEU C 448 30.19 16.96 29.03
CA LEU C 448 29.85 17.89 30.09
C LEU C 448 29.81 17.12 31.42
N ALA C 449 29.20 15.93 31.39
CA ALA C 449 29.14 15.08 32.57
C ALA C 449 30.52 14.51 32.86
N GLY C 450 31.11 13.88 31.85
CA GLY C 450 32.43 13.28 31.98
C GLY C 450 33.46 14.23 32.55
N LEU C 451 33.64 15.36 31.89
CA LEU C 451 34.59 16.35 32.36
C LEU C 451 34.30 16.75 33.80
N ALA C 452 33.02 16.87 34.15
CA ALA C 452 32.64 17.23 35.51
C ALA C 452 33.15 16.19 36.52
N VAL C 453 32.82 14.92 36.32
CA VAL C 453 33.24 13.84 37.23
C VAL C 453 34.68 13.38 36.98
N GLY C 454 35.40 14.13 36.14
CA GLY C 454 36.79 13.81 35.84
C GLY C 454 36.97 12.49 35.13
N PHE C 455 36.08 12.20 34.18
CA PHE C 455 36.18 10.97 33.40
C PHE C 455 37.17 11.26 32.25
N TRP C 456 37.23 12.52 31.85
CA TRP C 456 38.15 12.98 30.84
C TRP C 456 38.88 14.21 31.35
N GLU C 457 40.14 14.32 30.96
CA GLU C 457 40.97 15.43 31.38
C GLU C 457 40.46 16.74 30.79
N SER C 458 40.53 16.85 29.47
CA SER C 458 40.15 18.07 28.79
C SER C 458 39.07 17.85 27.76
N LYS C 459 38.44 18.94 27.33
CA LYS C 459 37.42 18.90 26.31
C LYS C 459 38.09 18.69 24.95
N ASP C 460 39.39 18.99 24.90
CA ASP C 460 40.17 18.83 23.66
C ASP C 460 39.90 17.47 23.03
N ASP C 461 39.85 16.43 23.86
CA ASP C 461 39.62 15.07 23.39
C ASP C 461 38.57 15.04 22.27
N ILE C 462 37.46 15.77 22.47
CA ILE C 462 36.39 15.84 21.47
C ILE C 462 36.92 16.20 20.09
N ALA C 463 37.86 17.13 20.05
CA ALA C 463 38.45 17.58 18.79
C ALA C 463 39.36 16.54 18.16
N LYS C 464 40.31 16.04 18.95
CA LYS C 464 41.27 15.03 18.48
C LYS C 464 40.66 13.66 18.19
N ASN C 465 39.45 13.43 18.69
CA ASN C 465 38.76 12.17 18.50
C ASN C 465 37.76 12.26 17.32
N TRP C 466 37.34 13.48 16.98
CA TRP C 466 36.42 13.74 15.87
C TRP C 466 37.09 13.29 14.56
N LYS C 467 36.33 12.61 13.70
CA LYS C 467 36.86 12.15 12.41
C LYS C 467 35.82 12.30 11.29
N LEU C 468 36.27 12.79 10.14
CA LEU C 468 35.39 13.04 8.98
C LEU C 468 34.92 11.76 8.28
N GLU C 469 33.61 11.68 8.07
CA GLU C 469 33.01 10.52 7.40
C GLU C 469 32.97 10.78 5.89
N GLU C 470 32.59 12.01 5.52
CA GLU C 470 32.57 12.41 4.11
C GLU C 470 32.38 13.92 3.97
N LYS C 471 32.99 14.49 2.95
CA LYS C 471 32.87 15.92 2.69
C LYS C 471 32.20 16.10 1.34
N PHE C 472 31.06 16.77 1.35
CA PHE C 472 30.31 17.04 0.13
C PHE C 472 30.71 18.40 -0.41
N ASP C 473 30.98 18.47 -1.72
CA ASP C 473 31.42 19.71 -2.36
C ASP C 473 30.48 20.13 -3.49
N PRO C 474 30.12 21.42 -3.55
CA PRO C 474 29.21 21.98 -4.56
C PRO C 474 29.45 21.44 -5.97
N LYS C 475 28.37 21.21 -6.70
CA LYS C 475 28.47 20.64 -8.04
C LYS C 475 27.32 21.09 -8.95
N ASP C 477 25.98 24.79 -11.50
CA ASP C 477 26.28 26.13 -12.00
C ASP C 477 25.65 27.22 -11.17
N GLU C 478 26.12 28.43 -11.38
CA GLU C 478 25.63 29.59 -10.69
C GLU C 478 24.18 29.88 -11.09
N GLY C 479 23.93 29.83 -12.38
CA GLY C 479 22.60 30.08 -12.91
C GLY C 479 21.55 29.22 -12.23
N GLU C 480 21.77 27.91 -12.26
CA GLU C 480 20.84 26.97 -11.66
C GLU C 480 20.70 27.22 -10.17
N ARG C 481 21.79 27.66 -9.54
CA ARG C 481 21.75 27.92 -8.11
C ARG C 481 20.74 29.02 -7.81
N GLU C 482 20.96 30.21 -8.35
CA GLU C 482 20.10 31.33 -8.03
C GLU C 482 18.69 31.14 -8.54
N LYS C 483 18.57 30.45 -9.66
CA LYS C 483 17.25 30.18 -10.20
C LYS C 483 16.40 29.44 -9.17
N LEU C 484 16.97 28.39 -8.60
CA LEU C 484 16.29 27.57 -7.61
C LEU C 484 15.98 28.40 -6.36
N TYR C 485 16.99 29.12 -5.87
CA TYR C 485 16.83 29.92 -4.65
C TYR C 485 15.86 31.08 -4.85
N ARG C 486 15.78 31.58 -6.06
CA ARG C 486 14.87 32.65 -6.41
C ARG C 486 13.44 32.15 -6.21
N GLY C 487 13.17 30.95 -6.70
CA GLY C 487 11.87 30.32 -6.60
C GLY C 487 11.54 30.01 -5.15
N TRP C 488 12.56 29.60 -4.41
CA TRP C 488 12.38 29.28 -3.01
C TRP C 488 11.81 30.47 -2.27
N LYS C 489 12.44 31.62 -2.47
CA LYS C 489 12.03 32.83 -1.80
C LYS C 489 10.64 33.23 -2.25
N LYS C 490 10.33 32.97 -3.51
CA LYS C 490 9.00 33.22 -4.00
C LYS C 490 8.01 32.36 -3.24
N ALA C 491 8.35 31.08 -3.09
CA ALA C 491 7.48 30.14 -2.37
C ALA C 491 7.22 30.67 -0.97
N VAL C 492 8.29 31.05 -0.28
CA VAL C 492 8.16 31.55 1.06
C VAL C 492 7.27 32.78 1.05
N GLU C 493 7.56 33.70 0.12
CA GLU C 493 6.79 34.93 -0.05
C GLU C 493 5.29 34.60 -0.16
N ALA C 494 4.95 33.70 -1.08
CA ALA C 494 3.55 33.34 -1.27
C ALA C 494 2.98 32.73 0.00
N THR C 495 3.75 31.87 0.65
CA THR C 495 3.32 31.22 1.88
C THR C 495 2.90 32.21 2.96
N GLN C 496 3.58 33.36 3.03
CA GLN C 496 3.27 34.36 4.06
C GLN C 496 2.01 35.14 3.70
N VAL C 497 1.60 35.05 2.44
CA VAL C 497 0.40 35.75 2.01
C VAL C 497 -0.86 35.04 2.51
N PHE C 498 -0.80 33.71 2.64
CA PHE C 498 -1.97 32.96 3.08
C PHE C 498 -2.11 32.98 4.59
N LYS C 499 -2.95 33.90 5.07
CA LYS C 499 -3.16 34.03 6.50
C LYS C 499 -4.62 34.33 6.84
N THR C 500 -5.31 33.33 7.36
CA THR C 500 -6.69 33.49 7.77
C THR C 500 -6.72 34.21 9.11
N GLU D 5 -35.37 -2.79 -34.94
CA GLU D 5 -35.13 -1.71 -33.94
C GLU D 5 -33.83 -0.97 -34.25
N LYS D 6 -33.91 0.34 -34.40
CA LYS D 6 -32.74 1.16 -34.70
C LYS D 6 -32.17 1.75 -33.41
N TYR D 7 -31.01 2.40 -33.54
CA TYR D 7 -30.35 3.05 -32.43
C TYR D 7 -29.57 4.26 -32.93
N ILE D 8 -29.09 5.09 -32.01
CA ILE D 8 -28.23 6.24 -32.34
C ILE D 8 -26.93 6.10 -31.59
N LEU D 9 -25.83 5.97 -32.32
CA LEU D 9 -24.51 5.84 -31.71
C LEU D 9 -23.94 7.21 -31.43
N SER D 10 -23.51 7.42 -30.19
CA SER D 10 -22.92 8.69 -29.79
C SER D 10 -21.46 8.47 -29.39
N ILE D 11 -20.60 9.38 -29.83
CA ILE D 11 -19.18 9.32 -29.49
C ILE D 11 -18.83 10.57 -28.69
N ASP D 12 -18.29 10.37 -27.51
CA ASP D 12 -17.90 11.48 -26.65
C ASP D 12 -16.41 11.40 -26.42
N GLN D 13 -15.66 12.02 -27.32
CA GLN D 13 -14.22 12.01 -27.22
C GLN D 13 -13.83 13.07 -26.19
N GLY D 14 -13.61 12.61 -24.96
CA GLY D 14 -13.25 13.50 -23.84
C GLY D 14 -11.73 13.68 -23.67
N THR D 15 -11.35 14.51 -22.72
CA THR D 15 -9.95 14.83 -22.49
C THR D 15 -9.12 13.65 -21.98
N THR D 16 -9.71 12.74 -21.21
CA THR D 16 -8.95 11.63 -20.66
C THR D 16 -9.41 10.23 -21.12
N SER D 17 -10.51 10.16 -21.87
CA SER D 17 -10.99 8.89 -22.40
C SER D 17 -11.98 9.13 -23.51
N SER D 18 -12.19 8.11 -24.33
CA SER D 18 -13.18 8.15 -25.41
C SER D 18 -14.34 7.27 -25.00
N ARG D 19 -15.54 7.57 -25.48
CA ARG D 19 -16.74 6.84 -25.07
C ARG D 19 -17.73 6.68 -26.20
N ALA D 20 -18.33 5.49 -26.28
CA ALA D 20 -19.33 5.19 -27.29
C ALA D 20 -20.60 4.79 -26.57
N ILE D 21 -21.72 5.42 -26.91
CA ILE D 21 -22.98 5.10 -26.25
C ILE D 21 -24.13 4.96 -27.23
N LEU D 22 -24.86 3.87 -27.08
CA LEU D 22 -26.02 3.59 -27.90
C LEU D 22 -27.30 4.07 -27.23
N PHE D 23 -28.15 4.75 -27.98
CA PHE D 23 -29.44 5.18 -27.43
C PHE D 23 -30.60 4.60 -28.21
N ASN D 24 -31.53 3.97 -27.51
CA ASN D 24 -32.72 3.42 -28.17
C ASN D 24 -33.74 4.53 -28.41
N GLN D 25 -34.84 4.19 -29.07
CA GLN D 25 -35.91 5.15 -29.33
C GLN D 25 -36.33 5.86 -28.05
N LYS D 26 -36.44 5.09 -26.97
CA LYS D 26 -36.90 5.63 -25.68
C LYS D 26 -35.91 6.56 -24.99
N GLY D 27 -34.71 6.68 -25.56
CA GLY D 27 -33.68 7.54 -24.98
C GLY D 27 -33.00 6.89 -23.80
N GLU D 28 -32.86 5.58 -23.87
CA GLU D 28 -32.16 4.83 -22.84
C GLU D 28 -30.80 4.40 -23.40
N ILE D 29 -29.86 4.11 -22.52
CA ILE D 29 -28.54 3.65 -22.94
C ILE D 29 -28.61 2.16 -23.29
N ALA D 30 -28.39 1.86 -24.57
CA ALA D 30 -28.41 0.48 -25.03
C ALA D 30 -27.07 -0.19 -24.78
N GLY D 31 -26.04 0.64 -24.56
CA GLY D 31 -24.70 0.14 -24.34
C GLY D 31 -23.71 1.27 -24.13
N VAL D 32 -22.58 0.95 -23.51
CA VAL D 32 -21.54 1.92 -23.23
C VAL D 32 -20.17 1.27 -23.29
N ALA D 33 -19.22 1.96 -23.94
CA ALA D 33 -17.86 1.48 -24.06
C ALA D 33 -16.91 2.65 -23.82
N GLN D 34 -15.88 2.42 -23.02
CA GLN D 34 -14.93 3.46 -22.69
C GLN D 34 -13.47 2.99 -22.76
N ARG D 35 -12.59 3.85 -23.29
CA ARG D 35 -11.17 3.58 -23.41
C ARG D 35 -10.40 4.82 -23.09
N GLU D 36 -9.42 4.71 -22.21
CA GLU D 36 -8.58 5.84 -21.92
C GLU D 36 -7.44 5.87 -22.93
N PHE D 37 -6.82 7.03 -23.08
CA PHE D 37 -5.66 7.16 -23.92
C PHE D 37 -4.64 7.97 -23.15
N LYS D 38 -3.39 7.87 -23.57
CA LYS D 38 -2.30 8.53 -22.85
C LYS D 38 -2.39 10.05 -22.85
N GLN D 39 -1.91 10.64 -21.75
CA GLN D 39 -1.82 12.08 -21.61
C GLN D 39 -0.32 12.37 -21.53
N TYR D 40 0.18 13.32 -22.31
CA TYR D 40 1.62 13.64 -22.27
C TYR D 40 1.85 14.97 -21.61
N PHE D 41 2.84 15.01 -20.73
CA PHE D 41 3.21 16.24 -20.07
C PHE D 41 4.72 16.46 -20.30
N PRO D 42 5.12 16.65 -21.57
CA PRO D 42 6.51 16.86 -21.97
C PRO D 42 7.27 17.87 -21.11
N GLN D 43 6.62 18.98 -20.77
CA GLN D 43 7.24 20.01 -19.93
C GLN D 43 6.17 20.62 -19.05
N SER D 44 6.56 21.13 -17.90
CA SER D 44 5.60 21.72 -16.97
C SER D 44 4.64 22.66 -17.68
N GLY D 45 3.34 22.46 -17.44
CA GLY D 45 2.30 23.29 -18.04
C GLY D 45 1.78 22.72 -19.35
N TRP D 46 2.64 22.01 -20.06
CA TRP D 46 2.29 21.40 -21.36
C TRP D 46 1.34 20.22 -21.19
N VAL D 47 0.46 20.05 -22.16
CA VAL D 47 -0.44 18.91 -22.19
C VAL D 47 -0.70 18.61 -23.66
N GLU D 48 -0.52 17.36 -24.04
CA GLU D 48 -0.71 16.96 -25.42
C GLU D 48 -1.25 15.55 -25.53
N HIS D 49 -2.00 15.32 -26.60
CA HIS D 49 -2.49 14.00 -26.91
C HIS D 49 -1.87 13.57 -28.24
N ASP D 50 -2.09 12.31 -28.58
CA ASP D 50 -1.64 11.78 -29.82
C ASP D 50 -2.86 11.50 -30.69
N ALA D 51 -3.12 12.44 -31.61
CA ALA D 51 -4.23 12.38 -32.54
C ALA D 51 -4.52 10.97 -33.09
N ASN D 52 -3.47 10.21 -33.36
CA ASN D 52 -3.65 8.87 -33.88
C ASN D 52 -4.19 7.92 -32.81
N GLU D 53 -3.78 8.13 -31.56
CA GLU D 53 -4.26 7.27 -30.49
C GLU D 53 -5.72 7.62 -30.16
N ILE D 54 -6.09 8.88 -30.36
CA ILE D 54 -7.45 9.31 -30.14
C ILE D 54 -8.36 8.66 -31.16
N TRP D 55 -7.95 8.71 -32.42
CA TRP D 55 -8.70 8.10 -33.50
C TRP D 55 -8.88 6.62 -33.21
N THR D 56 -7.77 5.92 -32.98
CA THR D 56 -7.85 4.48 -32.73
C THR D 56 -8.70 4.16 -31.50
N SER D 57 -8.79 5.09 -30.54
CA SER D 57 -9.62 4.86 -29.33
C SER D 57 -11.10 5.00 -29.66
N VAL D 58 -11.43 6.03 -30.42
CA VAL D 58 -12.80 6.27 -30.85
C VAL D 58 -13.26 5.15 -31.75
N LEU D 59 -12.31 4.58 -32.46
CA LEU D 59 -12.57 3.51 -33.37
C LEU D 59 -12.74 2.24 -32.54
N ALA D 60 -12.14 2.25 -31.35
CA ALA D 60 -12.14 1.11 -30.43
C ALA D 60 -13.46 0.98 -29.64
N VAL D 61 -13.88 2.08 -29.02
CA VAL D 61 -15.13 2.11 -28.28
C VAL D 61 -16.31 1.76 -29.17
N THR D 63 -16.40 -0.20 -31.99
CA THR D 63 -16.37 -1.64 -32.22
C THR D 63 -16.85 -2.38 -31.00
N GLU D 64 -16.46 -1.88 -29.84
CA GLU D 64 -16.77 -2.51 -28.58
C GLU D 64 -18.26 -2.42 -28.25
N VAL D 65 -18.80 -1.21 -28.28
CA VAL D 65 -20.21 -1.01 -27.93
C VAL D 65 -21.12 -1.81 -28.84
N ILE D 66 -20.72 -1.99 -30.10
CA ILE D 66 -21.52 -2.76 -31.07
C ILE D 66 -21.52 -4.24 -30.77
N ASN D 67 -20.34 -4.78 -30.48
CA ASN D 67 -20.20 -6.18 -30.18
C ASN D 67 -20.72 -6.60 -28.81
N GLU D 68 -20.21 -5.97 -27.76
CA GLU D 68 -20.63 -6.32 -26.40
C GLU D 68 -22.13 -6.12 -26.12
N ASN D 69 -22.85 -5.39 -26.96
CA ASN D 69 -24.26 -5.13 -26.70
C ASN D 69 -25.22 -5.74 -27.72
N ASP D 70 -24.74 -6.74 -28.44
CA ASP D 70 -25.56 -7.43 -29.43
C ASP D 70 -26.47 -6.47 -30.21
N VAL D 71 -25.86 -5.71 -31.12
CA VAL D 71 -26.55 -4.77 -31.98
C VAL D 71 -25.78 -4.65 -33.29
N ARG D 72 -26.45 -4.88 -34.42
CA ARG D 72 -25.80 -4.78 -35.73
C ARG D 72 -25.41 -3.35 -36.08
N ALA D 73 -24.41 -3.23 -36.96
CA ALA D 73 -23.97 -1.91 -37.42
C ALA D 73 -25.06 -1.28 -38.29
N ASP D 74 -25.84 -2.12 -38.96
CA ASP D 74 -26.93 -1.64 -39.83
C ASP D 74 -28.18 -1.27 -39.02
N GLN D 75 -28.03 -1.16 -37.70
CA GLN D 75 -29.13 -0.74 -36.83
C GLN D 75 -28.85 0.65 -36.29
N ILE D 76 -27.82 1.29 -36.82
CA ILE D 76 -27.47 2.63 -36.40
C ILE D 76 -28.04 3.64 -37.40
N ALA D 77 -29.10 4.33 -36.97
CA ALA D 77 -29.76 5.31 -37.81
C ALA D 77 -28.89 6.55 -38.01
N GLY D 78 -27.98 6.79 -37.06
CA GLY D 78 -27.13 7.97 -37.15
C GLY D 78 -26.10 8.07 -36.04
N ILE D 79 -25.08 8.89 -36.28
CA ILE D 79 -23.99 9.07 -35.35
C ILE D 79 -23.81 10.54 -34.92
N GLY D 80 -23.57 10.74 -33.63
CA GLY D 80 -23.34 12.07 -33.10
C GLY D 80 -21.95 12.13 -32.50
N ILE D 81 -21.24 13.23 -32.74
CA ILE D 81 -19.90 13.39 -32.24
C ILE D 81 -19.77 14.65 -31.41
N THR D 82 -19.43 14.46 -30.14
CA THR D 82 -19.21 15.57 -29.22
C THR D 82 -17.79 15.39 -28.69
N ASN D 83 -17.08 16.48 -28.38
CA ASN D 83 -15.66 16.35 -28.06
C ASN D 83 -15.05 17.39 -27.14
N GLN D 84 -13.81 17.10 -26.71
CA GLN D 84 -13.04 18.04 -25.92
C GLN D 84 -12.82 19.24 -26.82
N ARG D 85 -13.18 20.42 -26.35
CA ARG D 85 -13.06 21.62 -27.15
C ARG D 85 -11.64 22.15 -27.18
N GLU D 86 -11.40 23.11 -28.08
CA GLU D 86 -10.09 23.79 -28.24
C GLU D 86 -8.91 22.89 -28.67
N THR D 87 -8.83 21.68 -28.14
CA THR D 87 -7.74 20.78 -28.50
C THR D 87 -7.54 20.78 -30.02
N THR D 88 -6.37 21.26 -30.43
CA THR D 88 -6.06 21.42 -31.85
C THR D 88 -5.35 20.23 -32.48
N VAL D 89 -5.61 20.04 -33.76
CA VAL D 89 -4.94 18.99 -34.53
C VAL D 89 -4.65 19.52 -35.94
N VAL D 90 -3.43 19.26 -36.43
CA VAL D 90 -3.00 19.68 -37.78
C VAL D 90 -2.40 18.49 -38.50
N TRP D 91 -3.04 18.06 -39.58
CA TRP D 91 -2.57 16.88 -40.28
C TRP D 91 -2.33 17.09 -41.76
N ASP D 92 -1.71 16.11 -42.42
CA ASP D 92 -1.47 16.18 -43.84
C ASP D 92 -2.74 15.77 -44.55
N LYS D 93 -3.22 16.63 -45.43
CA LYS D 93 -4.41 16.37 -46.21
C LYS D 93 -4.34 14.98 -46.84
N HIS D 94 -3.23 14.71 -47.52
CA HIS D 94 -3.07 13.48 -48.28
C HIS D 94 -2.82 12.20 -47.46
N THR D 95 -1.71 12.15 -46.71
CA THR D 95 -1.39 10.95 -45.92
C THR D 95 -2.31 10.77 -44.72
N GLY D 96 -3.09 11.80 -44.41
CA GLY D 96 -4.03 11.74 -43.31
C GLY D 96 -3.36 11.52 -41.96
N ARG D 97 -2.20 12.11 -41.76
CA ARG D 97 -1.53 11.96 -40.50
C ARG D 97 -1.18 13.26 -39.87
N PRO D 98 -1.34 13.35 -38.58
CA PRO D 98 -0.99 14.57 -37.90
C PRO D 98 0.50 14.83 -38.00
N ILE D 99 0.88 16.07 -38.26
CA ILE D 99 2.28 16.45 -38.37
C ILE D 99 2.91 16.69 -36.99
N TYR D 100 2.10 16.56 -35.93
CA TYR D 100 2.56 16.76 -34.56
C TYR D 100 1.44 16.41 -33.56
N HIS D 101 1.79 16.24 -32.29
CA HIS D 101 0.78 15.93 -31.27
C HIS D 101 -0.36 16.94 -31.25
N ALA D 102 -1.51 16.51 -30.75
CA ALA D 102 -2.64 17.42 -30.57
C ALA D 102 -2.37 18.23 -29.30
N ILE D 103 -2.30 19.55 -29.41
CA ILE D 103 -2.07 20.39 -28.25
C ILE D 103 -3.43 20.51 -27.52
N VAL D 104 -3.52 19.99 -26.30
CA VAL D 104 -4.78 19.95 -25.58
C VAL D 104 -5.21 21.31 -25.09
N TRP D 105 -6.52 21.45 -24.88
CA TRP D 105 -7.11 22.71 -24.42
C TRP D 105 -6.42 23.21 -23.14
N GLN D 106 -5.93 22.27 -22.33
CA GLN D 106 -5.24 22.62 -21.08
C GLN D 106 -3.81 23.16 -21.25
N SER D 107 -3.10 22.73 -22.29
CA SER D 107 -1.68 23.09 -22.46
C SER D 107 -1.38 24.58 -22.35
N ARG D 108 -0.30 24.90 -21.67
CA ARG D 108 0.13 26.29 -21.53
C ARG D 108 1.30 26.55 -22.46
N GLN D 109 1.52 25.68 -23.44
CA GLN D 109 2.69 25.80 -24.32
C GLN D 109 2.59 26.90 -25.38
N THR D 110 1.53 27.69 -25.35
CA THR D 110 1.38 28.78 -26.30
C THR D 110 1.33 30.12 -25.55
N GLN D 111 1.89 30.14 -24.34
CA GLN D 111 1.86 31.32 -23.50
C GLN D 111 2.55 32.51 -24.14
N SER D 112 3.77 32.32 -24.64
CA SER D 112 4.54 33.41 -25.25
C SER D 112 3.76 34.04 -26.41
N ILE D 113 3.16 33.20 -27.25
CA ILE D 113 2.35 33.68 -28.37
C ILE D 113 1.24 34.61 -27.87
N CYS D 114 0.58 34.21 -26.80
CA CYS D 114 -0.46 35.05 -26.22
C CYS D 114 0.15 36.35 -25.74
N SER D 115 1.20 36.24 -24.93
CA SER D 115 1.87 37.40 -24.36
C SER D 115 2.30 38.40 -25.44
N GLU D 116 2.68 37.91 -26.61
CA GLU D 116 3.05 38.77 -27.72
C GLU D 116 1.88 39.64 -28.13
N LEU D 117 0.80 38.99 -28.57
CA LEU D 117 -0.41 39.68 -29.02
C LEU D 117 -1.02 40.52 -27.91
N LYS D 118 -1.03 39.97 -26.72
CA LYS D 118 -1.57 40.65 -25.57
C LYS D 118 -0.81 41.97 -25.39
N GLN D 119 0.50 41.92 -25.59
CA GLN D 119 1.37 43.09 -25.45
C GLN D 119 1.18 44.11 -26.59
N GLN D 120 0.57 43.68 -27.69
CA GLN D 120 0.35 44.55 -28.83
C GLN D 120 -1.05 45.16 -28.79
N GLY D 121 -1.74 44.93 -27.67
CA GLY D 121 -3.08 45.48 -27.43
C GLY D 121 -4.22 44.78 -28.12
N TYR D 122 -3.92 43.67 -28.79
CA TYR D 122 -4.94 42.96 -29.54
C TYR D 122 -5.90 42.15 -28.68
N GLU D 123 -5.66 42.04 -27.39
CA GLU D 123 -6.58 41.24 -26.58
C GLU D 123 -7.99 41.76 -26.75
N GLN D 124 -8.18 43.05 -26.55
CA GLN D 124 -9.50 43.66 -26.68
C GLN D 124 -10.14 43.27 -28.02
N THR D 125 -9.35 43.22 -29.07
CA THR D 125 -9.82 42.83 -30.39
C THR D 125 -10.43 41.42 -30.34
N PHE D 126 -9.72 40.49 -29.72
CA PHE D 126 -10.18 39.11 -29.63
C PHE D 126 -11.41 38.96 -28.76
N ARG D 127 -11.51 39.79 -27.74
CA ARG D 127 -12.64 39.72 -26.82
C ARG D 127 -13.91 40.16 -27.55
N ASP D 128 -13.80 41.28 -28.28
CA ASP D 128 -14.93 41.85 -29.02
C ASP D 128 -15.41 40.99 -30.18
N LYS D 129 -14.53 40.15 -30.73
CA LYS D 129 -14.88 39.33 -31.88
C LYS D 129 -15.15 37.87 -31.52
N THR D 130 -14.31 37.29 -30.69
CA THR D 130 -14.41 35.88 -30.34
C THR D 130 -15.18 35.63 -29.07
N GLY D 131 -15.38 36.67 -28.27
CA GLY D 131 -16.11 36.52 -27.00
C GLY D 131 -15.27 35.75 -26.00
N LEU D 132 -14.00 35.59 -26.33
CA LEU D 132 -13.06 34.87 -25.49
C LEU D 132 -12.01 35.86 -24.97
N LEU D 133 -10.74 35.47 -25.02
CA LEU D 133 -9.64 36.32 -24.58
C LEU D 133 -8.32 35.70 -25.03
N LEU D 134 -7.19 36.33 -24.71
CA LEU D 134 -5.86 35.82 -25.11
C LEU D 134 -5.24 34.92 -24.06
N ASP D 135 -5.75 33.69 -23.97
CA ASP D 135 -5.24 32.68 -23.05
C ASP D 135 -4.86 31.47 -23.91
N PRO D 136 -3.77 30.78 -23.55
CA PRO D 136 -3.33 29.59 -24.31
C PRO D 136 -4.40 28.50 -24.40
N TYR D 137 -5.53 28.74 -23.76
CA TYR D 137 -6.65 27.81 -23.70
C TYR D 137 -7.31 27.56 -25.05
N PHE D 138 -7.26 28.55 -25.94
CA PHE D 138 -7.99 28.46 -27.21
C PHE D 138 -7.18 28.03 -28.45
N ALA D 139 -7.87 27.38 -29.37
CA ALA D 139 -7.28 26.79 -30.58
C ALA D 139 -6.32 27.68 -31.38
N GLY D 140 -6.73 28.91 -31.68
CA GLY D 140 -5.92 29.83 -32.47
C GLY D 140 -4.41 29.78 -32.27
N THR D 141 -3.95 30.08 -31.06
CA THR D 141 -2.52 30.12 -30.77
C THR D 141 -1.84 28.77 -30.90
N LYS D 142 -2.61 27.68 -30.81
CA LYS D 142 -2.06 26.33 -30.93
C LYS D 142 -1.71 26.03 -32.37
N VAL D 143 -2.49 26.53 -33.31
CA VAL D 143 -2.17 26.31 -34.71
C VAL D 143 -0.90 27.06 -35.01
N LYS D 144 -0.90 28.35 -34.67
CA LYS D 144 0.26 29.19 -34.88
C LYS D 144 1.51 28.58 -34.24
N TRP D 145 1.34 27.97 -33.09
CA TRP D 145 2.46 27.34 -32.41
C TRP D 145 3.05 26.26 -33.30
N ILE D 146 2.17 25.38 -33.78
CA ILE D 146 2.58 24.28 -34.64
C ILE D 146 3.26 24.76 -35.93
N LEU D 147 2.67 25.74 -36.60
CA LEU D 147 3.23 26.24 -37.86
C LEU D 147 4.59 26.93 -37.66
N ASP D 148 4.82 27.49 -36.48
CA ASP D 148 6.07 28.20 -36.18
C ASP D 148 7.14 27.33 -35.54
N ASN D 149 6.74 26.23 -34.92
CA ASN D 149 7.70 25.39 -34.22
C ASN D 149 7.98 24.05 -34.89
N VAL D 150 6.97 23.47 -35.52
CA VAL D 150 7.16 22.18 -36.18
C VAL D 150 7.77 22.40 -37.55
N GLU D 151 8.95 21.84 -37.74
CA GLU D 151 9.70 21.98 -38.98
C GLU D 151 8.87 21.56 -40.21
N GLY D 152 8.96 22.37 -41.26
CA GLY D 152 8.27 22.07 -42.50
C GLY D 152 6.82 22.52 -42.56
N ALA D 153 6.17 22.61 -41.39
CA ALA D 153 4.74 22.97 -41.32
C ALA D 153 4.44 24.26 -42.06
N ARG D 154 5.23 25.29 -41.76
CA ARG D 154 5.11 26.60 -42.37
C ARG D 154 4.89 26.46 -43.89
N GLU D 155 5.84 25.82 -44.56
CA GLU D 155 5.80 25.64 -46.02
C GLU D 155 4.77 24.62 -46.53
N LYS D 156 4.42 23.63 -45.72
CA LYS D 156 3.40 22.66 -46.13
C LYS D 156 2.05 23.36 -46.10
N ALA D 157 1.89 24.26 -45.14
CA ALA D 157 0.66 25.03 -44.99
C ALA D 157 0.49 25.99 -46.17
N GLU D 158 1.61 26.48 -46.67
CA GLU D 158 1.60 27.41 -47.80
C GLU D 158 1.27 26.68 -49.11
N ASN D 159 1.61 25.40 -49.17
CA ASN D 159 1.33 24.61 -50.37
C ASN D 159 -0.03 23.94 -50.30
N GLY D 160 -0.78 24.24 -49.24
CA GLY D 160 -2.11 23.67 -49.04
C GLY D 160 -2.05 22.17 -48.81
N ASP D 161 -1.07 21.75 -48.01
CA ASP D 161 -0.89 20.33 -47.71
C ASP D 161 -1.43 20.00 -46.34
N LEU D 162 -1.71 21.02 -45.53
CA LEU D 162 -2.17 20.81 -44.16
C LEU D 162 -3.64 21.18 -43.93
N LEU D 163 -4.22 20.58 -42.90
CA LEU D 163 -5.58 20.85 -42.50
C LEU D 163 -5.66 21.05 -41.01
N PHE D 164 -6.44 22.04 -40.59
CA PHE D 164 -6.66 22.28 -39.18
C PHE D 164 -8.01 21.75 -38.79
N GLY D 165 -8.17 21.49 -37.50
CA GLY D 165 -9.43 21.04 -36.98
C GLY D 165 -9.36 20.72 -35.51
N THR D 166 -10.42 21.03 -34.79
CA THR D 166 -10.51 20.64 -33.41
C THR D 166 -10.93 19.16 -33.48
N ILE D 167 -10.99 18.48 -32.34
CA ILE D 167 -11.30 17.05 -32.35
C ILE D 167 -12.52 16.66 -33.22
N ASP D 168 -13.62 17.42 -33.12
CA ASP D 168 -14.81 17.11 -33.91
C ASP D 168 -14.46 16.94 -35.37
N THR D 169 -13.72 17.92 -35.89
CA THR D 169 -13.31 17.92 -37.28
C THR D 169 -12.46 16.70 -37.56
N TRP D 170 -11.44 16.50 -36.73
CA TRP D 170 -10.51 15.37 -36.89
C TRP D 170 -11.22 14.05 -37.02
N LEU D 171 -12.21 13.83 -36.18
CA LEU D 171 -12.96 12.57 -36.21
C LEU D 171 -13.81 12.42 -37.46
N VAL D 172 -14.63 13.43 -37.74
CA VAL D 172 -15.51 13.39 -38.89
C VAL D 172 -14.71 13.24 -40.19
N TRP D 173 -13.57 13.89 -40.27
CA TRP D 173 -12.74 13.80 -41.47
C TRP D 173 -12.26 12.38 -41.68
N LYS D 174 -11.80 11.73 -40.61
CA LYS D 174 -11.29 10.35 -40.67
C LYS D 174 -12.41 9.32 -40.88
N LEU D 175 -13.50 9.49 -40.14
CA LEU D 175 -14.63 8.58 -40.18
C LEU D 175 -15.37 8.58 -41.54
N SER D 176 -15.47 9.75 -42.16
CA SER D 176 -16.16 9.88 -43.45
C SER D 176 -15.22 9.62 -44.62
N GLY D 177 -13.96 9.29 -44.33
CA GLY D 177 -12.98 9.00 -45.36
C GLY D 177 -12.49 10.23 -46.08
N LYS D 178 -12.37 11.33 -45.36
CA LYS D 178 -11.89 12.61 -45.92
C LYS D 178 -12.97 13.30 -46.75
N ALA D 179 -14.19 12.76 -46.70
CA ALA D 179 -15.31 13.32 -47.43
C ALA D 179 -15.66 14.71 -46.91
N ALA D 180 -15.70 14.86 -45.58
CA ALA D 180 -16.07 16.14 -44.98
C ALA D 180 -15.05 16.71 -44.00
N HIS D 181 -14.68 17.96 -44.21
CA HIS D 181 -13.76 18.67 -43.32
C HIS D 181 -14.54 19.85 -42.76
N ILE D 182 -15.40 19.56 -41.80
CA ILE D 182 -16.28 20.56 -41.23
C ILE D 182 -16.25 20.61 -39.71
N THR D 183 -16.96 21.61 -39.17
CA THR D 183 -17.09 21.79 -37.73
C THR D 183 -18.35 22.62 -37.53
N ASP D 184 -18.88 22.65 -36.32
CA ASP D 184 -20.09 23.42 -36.08
C ASP D 184 -19.78 24.73 -35.39
N TYR D 185 -20.81 25.54 -35.18
CA TYR D 185 -20.65 26.85 -34.55
C TYR D 185 -20.02 26.77 -33.16
N SER D 186 -20.54 25.88 -32.32
CA SER D 186 -20.06 25.76 -30.95
C SER D 186 -18.55 25.53 -30.90
N ASN D 187 -18.08 24.51 -31.61
CA ASN D 187 -16.65 24.21 -31.65
C ASN D 187 -15.84 25.35 -32.25
N ALA D 188 -16.33 25.91 -33.35
CA ALA D 188 -15.63 26.99 -34.04
C ALA D 188 -15.47 28.23 -33.16
N SER D 189 -16.45 28.50 -32.30
CA SER D 189 -16.44 29.68 -31.45
C SER D 189 -15.40 29.60 -30.34
N ARG D 190 -14.71 28.48 -30.24
CA ARG D 190 -13.70 28.29 -29.20
C ARG D 190 -12.30 28.30 -29.79
N THR D 191 -12.15 28.87 -30.98
CA THR D 191 -10.90 28.83 -31.71
C THR D 191 -10.13 30.16 -31.82
N LEU D 192 -10.69 31.24 -31.28
CA LEU D 192 -10.06 32.56 -31.41
C LEU D 192 -9.92 33.00 -32.86
N PHE D 194 -12.84 32.40 -35.16
CA PHE D 194 -14.22 32.55 -35.63
C PHE D 194 -14.92 33.74 -34.98
N ASN D 195 -15.43 34.65 -35.80
CA ASN D 195 -16.15 35.82 -35.29
C ASN D 195 -17.58 35.41 -34.89
N ILE D 196 -17.79 35.23 -33.59
CA ILE D 196 -19.08 34.74 -33.09
C ILE D 196 -20.25 35.70 -33.25
N HIS D 197 -19.97 36.93 -33.69
CA HIS D 197 -21.02 37.93 -33.85
C HIS D 197 -21.61 37.97 -35.25
N ASP D 198 -20.77 37.73 -36.27
CA ASP D 198 -21.26 37.67 -37.65
C ASP D 198 -21.18 36.23 -38.17
N LEU D 199 -20.64 35.35 -37.34
CA LEU D 199 -20.56 33.92 -37.63
C LEU D 199 -19.74 33.58 -38.86
N GLU D 200 -18.43 33.79 -38.79
CA GLU D 200 -17.52 33.44 -39.89
C GLU D 200 -16.06 33.66 -39.51
N TRP D 201 -15.15 32.95 -40.18
CA TRP D 201 -13.72 33.10 -39.88
C TRP D 201 -13.35 34.56 -40.05
N ASP D 202 -12.75 35.14 -39.01
CA ASP D 202 -12.36 36.56 -39.04
C ASP D 202 -11.00 36.73 -39.70
N ASP D 203 -10.99 37.36 -40.86
CA ASP D 203 -9.76 37.57 -41.61
C ASP D 203 -8.66 38.18 -40.73
N GLU D 204 -9.00 39.23 -40.00
CA GLU D 204 -8.01 39.89 -39.14
C GLU D 204 -7.39 38.92 -38.13
N LEU D 205 -8.23 38.21 -37.38
CA LEU D 205 -7.74 37.28 -36.39
C LEU D 205 -6.81 36.22 -37.02
N LEU D 206 -7.06 35.88 -38.28
CA LEU D 206 -6.25 34.89 -38.99
C LEU D 206 -4.87 35.42 -39.33
N GLU D 207 -4.81 36.61 -39.91
CA GLU D 207 -3.51 37.22 -40.25
C GLU D 207 -2.74 37.44 -38.98
N LEU D 208 -3.45 37.87 -37.95
CA LEU D 208 -2.88 38.20 -36.67
C LEU D 208 -2.34 36.91 -36.00
N LEU D 209 -2.90 35.76 -36.39
CA LEU D 209 -2.44 34.46 -35.88
C LEU D 209 -1.61 33.75 -36.94
N THR D 210 -1.24 34.48 -37.98
CA THR D 210 -0.45 33.94 -39.09
C THR D 210 -0.95 32.56 -39.52
N VAL D 211 -2.27 32.36 -39.52
CA VAL D 211 -2.87 31.09 -39.89
C VAL D 211 -3.57 31.17 -41.24
N PRO D 212 -3.11 30.37 -42.23
CA PRO D 212 -3.71 30.35 -43.58
C PRO D 212 -5.18 29.94 -43.58
N LYS D 213 -5.94 30.55 -44.47
CA LYS D 213 -7.38 30.33 -44.53
C LYS D 213 -7.74 29.02 -45.26
N ASN D 214 -6.77 28.43 -45.95
CA ASN D 214 -6.99 27.19 -46.68
C ASN D 214 -7.05 25.96 -45.77
N LEU D 216 -8.68 25.99 -42.82
CA LEU D 216 -9.94 26.02 -42.09
C LEU D 216 -11.04 25.17 -42.73
N PRO D 217 -11.87 24.54 -41.89
CA PRO D 217 -13.00 23.74 -42.35
C PRO D 217 -14.25 24.59 -42.48
N GLU D 218 -15.27 24.04 -43.15
N GLU D 218 -15.27 24.04 -43.14
CA GLU D 218 -16.55 24.73 -43.30
CA GLU D 218 -16.55 24.75 -43.31
C GLU D 218 -17.28 24.72 -41.96
C GLU D 218 -17.30 24.71 -41.99
N VAL D 219 -17.82 25.87 -41.56
CA VAL D 219 -18.57 25.97 -40.30
C VAL D 219 -20.05 25.70 -40.56
N LYS D 220 -20.59 24.63 -40.01
CA LYS D 220 -21.99 24.28 -40.24
C LYS D 220 -22.80 24.24 -38.93
N ALA D 221 -24.10 23.98 -39.06
CA ALA D 221 -25.00 23.90 -37.90
C ALA D 221 -24.69 22.65 -37.08
N SER D 222 -25.12 22.65 -35.81
CA SER D 222 -24.84 21.54 -34.90
C SER D 222 -25.72 20.27 -35.09
N SER D 223 -26.76 20.37 -35.91
CA SER D 223 -27.63 19.22 -36.18
C SER D 223 -27.95 19.13 -37.66
N GLU D 224 -27.04 18.52 -38.41
CA GLU D 224 -27.13 18.44 -39.84
C GLU D 224 -26.37 17.22 -40.32
N VAL D 225 -26.82 16.61 -41.42
CA VAL D 225 -26.10 15.46 -41.97
C VAL D 225 -24.86 15.94 -42.71
N TYR D 226 -23.72 15.83 -42.07
CA TYR D 226 -22.45 16.29 -42.64
C TYR D 226 -21.94 15.31 -43.69
N GLY D 227 -22.43 14.08 -43.64
CA GLY D 227 -22.02 13.04 -44.57
C GLY D 227 -22.29 11.67 -44.00
N LYS D 228 -21.50 10.68 -44.41
CA LYS D 228 -21.66 9.31 -43.96
C LYS D 228 -20.33 8.67 -43.65
N THR D 229 -20.36 7.59 -42.88
CA THR D 229 -19.17 6.88 -42.53
C THR D 229 -18.73 6.08 -43.75
N ILE D 230 -17.43 5.91 -43.94
CA ILE D 230 -17.00 5.05 -45.03
C ILE D 230 -17.13 3.61 -44.56
N ASP D 231 -17.51 2.73 -45.47
CA ASP D 231 -17.79 1.33 -45.17
C ASP D 231 -16.75 0.63 -44.29
N TYR D 232 -15.46 0.74 -44.62
CA TYR D 232 -14.47 0.00 -43.84
C TYR D 232 -14.29 0.53 -42.42
N HIS D 233 -14.68 1.78 -42.19
CA HIS D 233 -14.60 2.35 -40.85
C HIS D 233 -15.85 2.12 -40.03
N PHE D 234 -16.84 1.43 -40.59
CA PHE D 234 -18.04 1.15 -39.84
C PHE D 234 -18.72 -0.17 -40.23
N TYR D 235 -17.92 -1.22 -40.31
CA TYR D 235 -18.40 -2.58 -40.54
C TYR D 235 -19.19 -2.75 -41.84
N GLY D 236 -18.73 -2.06 -42.88
CA GLY D 236 -19.35 -2.15 -44.20
C GLY D 236 -20.59 -1.31 -44.36
N GLN D 237 -20.84 -0.41 -43.41
CA GLN D 237 -22.01 0.45 -43.46
C GLN D 237 -21.64 1.92 -43.63
N GLU D 238 -22.51 2.65 -44.33
CA GLU D 238 -22.35 4.08 -44.56
C GLU D 238 -23.43 4.80 -43.75
N VAL D 239 -23.20 4.88 -42.45
CA VAL D 239 -24.15 5.51 -41.56
C VAL D 239 -23.94 7.02 -41.54
N PRO D 240 -25.06 7.76 -41.60
CA PRO D 240 -24.96 9.21 -41.61
C PRO D 240 -24.36 9.75 -40.33
N ILE D 241 -23.58 10.82 -40.47
CA ILE D 241 -22.98 11.52 -39.33
C ILE D 241 -23.77 12.82 -39.27
N ALA D 242 -24.68 12.94 -38.30
CA ALA D 242 -25.58 14.08 -38.27
C ALA D 242 -25.62 14.90 -37.00
N GLY D 243 -24.52 14.95 -36.25
CA GLY D 243 -24.49 15.74 -35.03
C GLY D 243 -23.10 16.08 -34.55
N VAL D 244 -22.85 17.35 -34.30
CA VAL D 244 -21.55 17.78 -33.80
C VAL D 244 -21.70 19.00 -32.93
N ALA D 245 -20.95 19.00 -31.82
CA ALA D 245 -20.96 20.10 -30.87
C ALA D 245 -19.97 19.82 -29.75
N GLY D 246 -19.42 20.89 -29.18
CA GLY D 246 -18.50 20.74 -28.06
C GLY D 246 -19.17 20.03 -26.89
N ASP D 247 -18.40 19.19 -26.21
CA ASP D 247 -18.90 18.43 -25.07
C ASP D 247 -19.78 19.22 -24.10
N GLN D 248 -19.35 20.41 -23.69
CA GLN D 248 -20.12 21.19 -22.72
C GLN D 248 -21.41 21.75 -23.33
N GLN D 249 -21.35 22.20 -24.57
CA GLN D 249 -22.55 22.65 -25.26
C GLN D 249 -23.53 21.48 -25.40
N ALA D 250 -23.02 20.33 -25.81
CA ALA D 250 -23.85 19.14 -25.95
C ALA D 250 -24.47 18.75 -24.60
N ALA D 251 -23.76 19.03 -23.51
CA ALA D 251 -24.24 18.72 -22.17
C ALA D 251 -25.36 19.68 -21.85
N LEU D 252 -25.21 20.93 -22.26
CA LEU D 252 -26.21 21.95 -22.05
C LEU D 252 -27.50 21.47 -22.71
N PHE D 253 -27.36 21.05 -23.96
CA PHE D 253 -28.47 20.56 -24.74
C PHE D 253 -29.06 19.34 -24.03
N GLY D 254 -28.18 18.42 -23.65
CA GLY D 254 -28.56 17.19 -22.97
C GLY D 254 -29.33 17.38 -21.68
N GLN D 255 -29.11 18.50 -21.02
CA GLN D 255 -29.82 18.81 -19.77
C GLN D 255 -31.15 19.51 -20.06
N ALA D 256 -31.46 19.70 -21.34
CA ALA D 256 -32.71 20.32 -21.74
C ALA D 256 -32.68 21.83 -21.51
N CYS D 257 -31.50 22.43 -21.57
CA CYS D 257 -31.34 23.88 -21.39
C CYS D 257 -31.46 24.59 -22.72
N PHE D 258 -32.69 24.80 -23.18
CA PHE D 258 -32.93 25.36 -24.49
C PHE D 258 -33.17 26.88 -24.59
N GLU D 259 -33.38 27.57 -23.47
CA GLU D 259 -33.54 29.03 -23.54
C GLU D 259 -32.94 29.76 -22.35
N ARG D 260 -32.99 31.09 -22.40
CA ARG D 260 -32.42 31.94 -21.36
C ARG D 260 -32.72 31.46 -19.96
N GLY D 261 -31.72 31.54 -19.09
CA GLY D 261 -31.87 31.13 -17.71
C GLY D 261 -31.36 29.73 -17.44
N ASP D 262 -31.63 28.81 -18.37
CA ASP D 262 -31.21 27.43 -18.21
C ASP D 262 -29.70 27.30 -18.01
N VAL D 263 -29.33 26.79 -16.83
CA VAL D 263 -27.93 26.64 -16.44
C VAL D 263 -27.63 25.23 -15.98
N LYS D 264 -26.47 24.71 -16.36
CA LYS D 264 -26.04 23.38 -15.96
C LYS D 264 -24.56 23.43 -15.64
N ASN D 265 -24.08 22.46 -14.87
CA ASN D 265 -22.67 22.39 -14.55
C ASN D 265 -22.16 20.99 -14.73
N THR D 266 -21.02 20.86 -15.40
CA THR D 266 -20.44 19.55 -15.65
C THR D 266 -19.12 19.39 -14.91
N TYR D 267 -18.94 18.24 -14.29
CA TYR D 267 -17.71 17.94 -13.58
C TYR D 267 -16.97 16.82 -14.29
N GLY D 268 -16.03 17.18 -15.15
CA GLY D 268 -15.25 16.19 -15.87
C GLY D 268 -13.80 16.44 -15.57
N THR D 269 -12.94 16.36 -16.59
CA THR D 269 -11.53 16.67 -16.40
C THR D 269 -11.53 18.07 -15.85
N GLY D 270 -12.27 18.95 -16.50
CA GLY D 270 -12.44 20.30 -16.03
C GLY D 270 -13.87 20.52 -15.58
N GLY D 271 -14.14 21.68 -15.00
CA GLY D 271 -15.48 22.02 -14.54
C GLY D 271 -16.03 23.10 -15.45
N PHE D 272 -17.23 22.90 -15.96
CA PHE D 272 -17.82 23.86 -16.88
C PHE D 272 -19.32 24.11 -16.64
N LEU D 274 -22.45 26.28 -18.01
CA LEU D 274 -22.95 27.08 -19.12
C LEU D 274 -24.41 27.49 -18.91
N ASN D 276 -27.65 29.12 -21.16
CA ASN D 276 -28.18 29.48 -22.47
C ASN D 276 -28.71 30.90 -22.39
N THR D 277 -28.27 31.77 -23.30
CA THR D 277 -28.71 33.16 -23.31
C THR D 277 -29.54 33.48 -24.56
N GLY D 278 -30.14 32.45 -25.14
CA GLY D 278 -30.94 32.64 -26.35
C GLY D 278 -30.08 33.04 -27.53
N ASP D 279 -30.63 33.90 -28.39
CA ASP D 279 -29.91 34.37 -29.57
C ASP D 279 -29.24 35.70 -29.34
N LYS D 280 -29.26 36.15 -28.09
CA LYS D 280 -28.63 37.41 -27.71
C LYS D 280 -27.31 37.13 -27.00
N ALA D 281 -26.20 37.22 -27.73
CA ALA D 281 -24.88 37.02 -27.12
C ALA D 281 -24.68 38.06 -26.03
N VAL D 282 -24.39 37.61 -24.81
CA VAL D 282 -24.22 38.51 -23.67
C VAL D 282 -22.77 38.67 -23.26
N LYS D 283 -22.33 39.91 -23.11
CA LYS D 283 -20.96 40.22 -22.71
C LYS D 283 -20.80 40.09 -21.20
N SER D 284 -19.74 39.41 -20.79
CA SER D 284 -19.47 39.19 -19.37
C SER D 284 -18.50 40.23 -18.82
N GLU D 285 -18.71 40.62 -17.56
CA GLU D 285 -17.85 41.58 -16.89
C GLU D 285 -17.25 40.97 -15.63
N SER D 286 -17.42 39.66 -15.47
CA SER D 286 -16.91 38.98 -14.28
C SER D 286 -16.07 37.77 -14.60
N GLY D 287 -15.43 37.77 -15.76
CA GLY D 287 -14.53 36.68 -16.15
C GLY D 287 -15.20 35.46 -16.76
N LEU D 288 -16.37 35.64 -17.36
CA LEU D 288 -17.05 34.54 -18.01
C LEU D 288 -16.79 34.66 -19.48
N LEU D 289 -17.03 33.57 -20.21
CA LEU D 289 -16.82 33.55 -21.64
C LEU D 289 -18.15 33.63 -22.37
N THR D 290 -18.16 34.40 -23.45
CA THR D 290 -19.34 34.52 -24.31
C THR D 290 -19.03 33.61 -25.50
N THR D 291 -19.88 32.61 -25.71
CA THR D 291 -19.65 31.65 -26.77
C THR D 291 -20.95 31.13 -27.34
N ILE D 292 -20.85 30.42 -28.46
CA ILE D 292 -22.01 29.84 -29.11
C ILE D 292 -22.43 28.55 -28.47
N ALA D 293 -23.73 28.45 -28.14
CA ALA D 293 -24.27 27.27 -27.49
C ALA D 293 -24.50 26.17 -28.50
N TYR D 294 -25.18 26.50 -29.59
CA TYR D 294 -25.44 25.51 -30.62
C TYR D 294 -26.25 26.09 -31.76
N GLY D 295 -26.18 25.41 -32.91
CA GLY D 295 -26.93 25.80 -34.10
C GLY D 295 -27.94 24.73 -34.43
N ILE D 296 -29.21 25.10 -34.51
CA ILE D 296 -30.26 24.13 -34.79
C ILE D 296 -31.54 24.80 -35.25
N ASP D 297 -32.17 24.21 -36.27
CA ASP D 297 -33.44 24.71 -36.81
C ASP D 297 -33.34 26.15 -37.31
N GLY D 298 -32.22 26.48 -37.95
CA GLY D 298 -32.00 27.81 -38.50
C GLY D 298 -31.65 28.86 -37.45
N LYS D 299 -31.75 28.49 -36.18
CA LYS D 299 -31.43 29.39 -35.07
C LYS D 299 -30.00 29.13 -34.59
N VAL D 300 -29.44 30.11 -33.91
CA VAL D 300 -28.10 30.00 -33.34
C VAL D 300 -28.09 30.60 -31.94
N ASN D 301 -28.14 29.73 -30.92
CA ASN D 301 -28.15 30.16 -29.52
C ASN D 301 -26.75 30.44 -28.99
N TYR D 302 -26.66 31.45 -28.14
CA TYR D 302 -25.40 31.81 -27.50
C TYR D 302 -25.46 31.33 -26.05
N ALA D 303 -24.41 31.59 -25.30
CA ALA D 303 -24.37 31.18 -23.91
C ALA D 303 -23.20 31.77 -23.16
N LEU D 304 -23.35 31.87 -21.85
CA LEU D 304 -22.28 32.33 -20.98
C LEU D 304 -21.64 31.11 -20.39
N GLU D 305 -20.31 31.08 -20.36
CA GLU D 305 -19.62 29.94 -19.83
C GLU D 305 -18.63 30.32 -18.74
N GLY D 306 -18.52 29.44 -17.75
CA GLY D 306 -17.57 29.59 -16.67
C GLY D 306 -16.65 28.39 -16.81
N SER D 307 -15.34 28.65 -16.92
CA SER D 307 -14.40 27.57 -17.13
C SER D 307 -13.43 27.34 -15.97
N ILE D 308 -13.38 26.09 -15.54
CA ILE D 308 -12.47 25.65 -14.51
C ILE D 308 -11.62 24.59 -15.19
N PHE D 309 -10.32 24.86 -15.30
CA PHE D 309 -9.41 23.95 -16.01
C PHE D 309 -9.30 22.59 -15.36
N VAL D 310 -9.06 22.58 -14.06
CA VAL D 310 -8.92 21.33 -13.35
C VAL D 310 -10.03 21.13 -12.32
N SER D 311 -10.82 20.07 -12.53
CA SER D 311 -11.88 19.71 -11.60
C SER D 311 -11.66 18.26 -11.18
N GLY D 312 -12.23 17.30 -11.93
CA GLY D 312 -12.02 15.88 -11.63
C GLY D 312 -10.58 15.49 -11.89
N SER D 313 -9.94 16.23 -12.80
CA SER D 313 -8.55 16.04 -13.16
C SER D 313 -7.61 16.09 -11.97
N ALA D 314 -8.06 16.72 -10.88
CA ALA D 314 -7.26 16.84 -9.67
C ALA D 314 -7.25 15.53 -8.89
N ILE D 315 -8.29 14.75 -9.07
CA ILE D 315 -8.39 13.46 -8.40
C ILE D 315 -7.55 12.48 -9.17
N GLN D 316 -7.66 12.53 -10.49
CA GLN D 316 -6.86 11.70 -11.35
C GLN D 316 -5.40 11.90 -11.00
N TRP D 317 -5.04 13.13 -10.68
CA TRP D 317 -3.70 13.45 -10.27
C TRP D 317 -3.34 12.73 -8.98
N LEU D 318 -4.23 12.78 -8.00
CA LEU D 318 -3.99 12.07 -6.75
C LEU D 318 -3.69 10.61 -7.06
N ARG D 319 -4.32 10.11 -8.10
CA ARG D 319 -4.16 8.72 -8.50
C ARG D 319 -2.88 8.46 -9.30
N ASP D 320 -2.75 9.12 -10.45
CA ASP D 320 -1.60 8.90 -11.33
C ASP D 320 -0.32 9.70 -10.99
N GLY D 321 -0.48 10.90 -10.44
CA GLY D 321 0.67 11.73 -10.09
C GLY D 321 1.32 11.35 -8.77
N LEU D 322 0.55 11.42 -7.69
CA LEU D 322 1.05 11.11 -6.35
C LEU D 322 0.85 9.65 -5.97
N ARG D 323 0.10 8.92 -6.80
CA ARG D 323 -0.16 7.50 -6.53
C ARG D 323 -0.66 7.33 -5.09
N ILE D 325 -4.05 7.32 -4.25
CA ILE D 325 -5.26 6.48 -4.28
C ILE D 325 -5.22 5.63 -5.55
N ASN D 326 -5.96 4.53 -5.57
CA ASN D 326 -5.94 3.62 -6.73
C ASN D 326 -6.98 3.96 -7.80
N SER D 327 -8.12 4.51 -7.37
CA SER D 327 -9.20 4.90 -8.28
C SER D 327 -9.90 6.16 -7.78
N ALA D 328 -10.49 6.92 -8.70
CA ALA D 328 -11.18 8.17 -8.35
C ALA D 328 -12.21 8.02 -7.22
N PRO D 329 -13.03 6.97 -7.27
CA PRO D 329 -14.05 6.73 -6.26
C PRO D 329 -13.51 6.52 -4.86
N GLN D 330 -12.29 5.98 -4.78
CA GLN D 330 -11.67 5.73 -3.49
C GLN D 330 -11.52 7.02 -2.69
N SER D 331 -11.28 8.12 -3.39
CA SER D 331 -11.09 9.42 -2.77
C SER D 331 -12.15 9.73 -1.72
N GLU D 332 -13.41 9.46 -2.08
CA GLU D 332 -14.53 9.74 -1.20
C GLU D 332 -14.38 9.09 0.18
N SER D 333 -13.89 7.86 0.20
CA SER D 333 -13.69 7.14 1.45
C SER D 333 -12.89 7.96 2.45
N TYR D 334 -11.73 8.45 2.02
CA TYR D 334 -10.86 9.26 2.86
C TYR D 334 -11.57 10.55 3.28
N ALA D 335 -12.05 11.29 2.31
CA ALA D 335 -12.73 12.55 2.55
C ALA D 335 -13.83 12.45 3.61
N THR D 336 -14.59 11.34 3.59
CA THR D 336 -15.70 11.14 4.53
C THR D 336 -15.24 10.60 5.88
N ARG D 337 -13.93 10.49 6.07
CA ARG D 337 -13.39 9.94 7.29
C ARG D 337 -12.96 11.03 8.28
N VAL D 338 -13.17 12.29 7.92
CA VAL D 338 -12.80 13.40 8.79
C VAL D 338 -13.83 14.52 8.72
N ASP D 339 -14.09 15.17 9.85
CA ASP D 339 -15.07 16.25 9.93
C ASP D 339 -14.72 17.42 9.02
N SER D 340 -13.43 17.67 8.81
CA SER D 340 -13.01 18.78 7.98
C SER D 340 -11.57 18.61 7.52
N THR D 341 -11.11 19.58 6.74
CA THR D 341 -9.75 19.58 6.23
C THR D 341 -8.85 20.31 7.21
N GLU D 342 -9.44 20.75 8.31
CA GLU D 342 -8.72 21.48 9.33
C GLU D 342 -7.73 22.49 8.75
N GLY D 343 -8.27 23.45 8.01
CA GLY D 343 -7.49 24.56 7.47
C GLY D 343 -6.78 24.34 6.15
N VAL D 344 -6.75 23.12 5.67
CA VAL D 344 -6.03 22.83 4.44
C VAL D 344 -6.85 23.08 3.17
N TYR D 345 -6.25 23.83 2.25
CA TYR D 345 -6.87 24.11 0.96
C TYR D 345 -5.95 23.65 -0.19
N VAL D 346 -6.56 23.27 -1.31
CA VAL D 346 -5.85 22.80 -2.49
C VAL D 346 -6.34 23.51 -3.75
N VAL D 347 -5.49 24.38 -4.30
CA VAL D 347 -5.85 25.13 -5.51
C VAL D 347 -5.20 24.47 -6.72
N PRO D 348 -6.00 23.72 -7.49
CA PRO D 348 -5.49 22.97 -8.63
C PRO D 348 -5.28 23.79 -9.88
N ALA D 349 -4.47 24.83 -9.79
CA ALA D 349 -4.16 25.64 -10.94
C ALA D 349 -3.01 24.98 -11.72
N PHE D 350 -3.13 23.68 -11.97
CA PHE D 350 -2.09 22.95 -12.68
C PHE D 350 -1.78 23.57 -14.03
N VAL D 351 -2.78 24.17 -14.64
CA VAL D 351 -2.61 24.83 -15.92
C VAL D 351 -3.20 26.25 -15.86
N GLY D 352 -2.84 26.98 -14.81
CA GLY D 352 -3.32 28.35 -14.62
C GLY D 352 -4.69 28.35 -13.99
N LEU D 353 -5.27 29.54 -13.84
CA LEU D 353 -6.62 29.72 -13.29
C LEU D 353 -7.56 30.27 -14.35
N GLY D 354 -8.73 29.66 -14.50
CA GLY D 354 -9.72 30.12 -15.48
C GLY D 354 -10.69 31.10 -14.83
N THR D 355 -11.97 31.01 -15.21
CA THR D 355 -13.00 31.88 -14.64
C THR D 355 -12.95 31.86 -13.13
N PRO D 356 -12.92 33.04 -12.49
CA PRO D 356 -12.90 34.37 -13.12
C PRO D 356 -11.55 35.05 -13.04
N TYR D 357 -10.54 34.34 -12.55
CA TYR D 357 -9.23 34.93 -12.37
C TYR D 357 -8.48 35.06 -13.69
N TRP D 358 -8.56 34.03 -14.53
CA TRP D 358 -7.83 34.04 -15.79
C TRP D 358 -6.37 34.40 -15.55
N ASP D 359 -5.64 33.44 -15.00
CA ASP D 359 -4.22 33.60 -14.71
C ASP D 359 -3.45 32.40 -15.28
N SER D 360 -2.88 32.57 -16.47
CA SER D 360 -2.13 31.50 -17.15
C SER D 360 -0.86 31.11 -16.40
N GLU D 361 -0.31 32.03 -15.64
CA GLU D 361 0.95 31.80 -14.96
C GLU D 361 0.80 31.10 -13.63
N ALA D 362 -0.41 31.09 -13.09
CA ALA D 362 -0.66 30.44 -11.81
C ALA D 362 -0.50 28.93 -11.93
N ARG D 363 -0.01 28.32 -10.86
CA ARG D 363 0.19 26.87 -10.81
C ARG D 363 -0.35 26.32 -9.51
N GLY D 364 -0.57 25.01 -9.50
CA GLY D 364 -1.12 24.32 -8.34
C GLY D 364 -0.38 24.59 -7.05
N ALA D 365 -1.15 24.83 -5.99
CA ALA D 365 -0.60 25.10 -4.67
C ALA D 365 -1.44 24.44 -3.59
N ILE D 366 -0.86 24.32 -2.40
CA ILE D 366 -1.54 23.73 -1.27
C ILE D 366 -1.21 24.58 -0.07
N PHE D 367 -2.20 24.81 0.80
CA PHE D 367 -2.02 25.68 1.95
C PHE D 367 -2.63 25.15 3.24
N GLY D 368 -2.28 25.81 4.35
CA GLY D 368 -2.81 25.46 5.66
C GLY D 368 -2.30 24.18 6.26
N LEU D 369 -1.20 23.67 5.72
CA LEU D 369 -0.63 22.42 6.19
C LEU D 369 0.00 22.54 7.58
N THR D 370 -0.08 21.47 8.34
CA THR D 370 0.50 21.41 9.68
C THR D 370 0.87 19.96 9.94
N ARG D 371 1.72 19.71 10.93
CA ARG D 371 2.14 18.35 11.24
C ARG D 371 0.95 17.41 11.31
N GLY D 372 -0.16 17.90 11.84
CA GLY D 372 -1.38 17.11 12.00
C GLY D 372 -2.13 16.78 10.71
N THR D 373 -1.75 17.40 9.61
CA THR D 373 -2.40 17.13 8.34
C THR D 373 -2.04 15.74 7.88
N GLU D 374 -3.04 14.99 7.43
CA GLU D 374 -2.82 13.63 6.93
C GLU D 374 -3.66 13.38 5.68
N LYS D 375 -3.42 12.26 5.02
CA LYS D 375 -4.14 11.95 3.78
C LYS D 375 -5.58 12.43 3.79
N GLU D 376 -6.39 11.89 4.70
CA GLU D 376 -7.81 12.27 4.79
C GLU D 376 -8.00 13.76 4.52
N HIS D 377 -7.27 14.61 5.25
CA HIS D 377 -7.38 16.05 5.10
C HIS D 377 -6.94 16.52 3.73
N PHE D 378 -5.80 16.02 3.29
CA PHE D 378 -5.24 16.39 2.00
C PHE D 378 -6.18 16.02 0.84
N ILE D 379 -6.65 14.78 0.83
CA ILE D 379 -7.54 14.31 -0.21
C ILE D 379 -8.88 15.04 -0.15
N ARG D 380 -9.45 15.14 1.05
CA ARG D 380 -10.70 15.85 1.23
C ARG D 380 -10.57 17.25 0.66
N ALA D 381 -9.47 17.92 1.00
CA ALA D 381 -9.20 19.26 0.52
C ALA D 381 -9.27 19.30 -1.01
N THR D 382 -8.68 18.30 -1.65
CA THR D 382 -8.67 18.24 -3.10
C THR D 382 -10.10 18.13 -3.61
N LEU D 383 -10.88 17.22 -3.03
CA LEU D 383 -12.26 17.05 -3.45
C LEU D 383 -13.04 18.35 -3.31
N GLU D 384 -12.82 19.06 -2.20
CA GLU D 384 -13.54 20.31 -1.97
C GLU D 384 -13.24 21.39 -2.99
N SER D 385 -12.07 21.31 -3.64
CA SER D 385 -11.70 22.34 -4.63
C SER D 385 -12.71 22.38 -5.79
N LEU D 386 -13.23 21.23 -6.18
CA LEU D 386 -14.18 21.17 -7.28
C LEU D 386 -15.41 22.01 -6.96
N CYS D 387 -15.67 22.17 -5.66
CA CYS D 387 -16.82 22.89 -5.18
C CYS D 387 -16.54 24.38 -5.03
N TYR D 388 -15.43 24.71 -4.38
CA TYR D 388 -15.06 26.11 -4.20
C TYR D 388 -14.95 26.80 -5.55
N GLN D 389 -14.46 26.09 -6.56
CA GLN D 389 -14.31 26.67 -7.87
C GLN D 389 -15.69 26.90 -8.51
N THR D 390 -16.57 25.92 -8.40
CA THR D 390 -17.91 26.06 -8.94
C THR D 390 -18.58 27.32 -8.37
N ARG D 391 -18.39 27.56 -7.08
CA ARG D 391 -18.95 28.74 -6.45
C ARG D 391 -18.32 30.00 -7.07
N ASP D 392 -17.01 30.00 -7.23
CA ASP D 392 -16.33 31.14 -7.84
C ASP D 392 -17.04 31.59 -9.10
N VAL D 393 -17.28 30.65 -10.01
CA VAL D 393 -17.92 30.96 -11.29
C VAL D 393 -19.41 31.20 -11.11
N GLU D 395 -21.02 32.60 -8.64
CA GLU D 395 -21.28 33.96 -8.23
C GLU D 395 -20.91 34.94 -9.34
N ALA D 396 -19.87 34.61 -10.09
CA ALA D 396 -19.44 35.46 -11.19
C ALA D 396 -20.53 35.56 -12.25
N SER D 398 -23.87 34.81 -11.64
CA SER D 398 -25.06 35.34 -11.01
C SER D 398 -25.08 36.86 -11.12
N LYS D 399 -23.90 37.46 -11.29
CA LYS D 399 -23.76 38.91 -11.40
C LYS D 399 -23.78 39.40 -12.85
N ASP D 400 -23.25 38.61 -13.77
CA ASP D 400 -23.27 38.98 -15.19
C ASP D 400 -24.63 38.70 -15.80
N SER D 401 -25.42 37.89 -15.10
CA SER D 401 -26.76 37.54 -15.57
C SER D 401 -27.82 38.30 -14.80
N GLY D 402 -27.61 38.43 -13.50
CA GLY D 402 -28.60 39.06 -12.62
C GLY D 402 -29.50 37.98 -12.05
N ILE D 403 -29.55 36.84 -12.74
CA ILE D 403 -30.34 35.70 -12.31
C ILE D 403 -29.68 35.05 -11.11
N ASP D 404 -30.48 34.50 -10.21
CA ASP D 404 -29.95 33.86 -9.02
C ASP D 404 -30.38 32.39 -8.96
N VAL D 405 -29.48 31.51 -9.43
CA VAL D 405 -29.75 30.06 -9.46
C VAL D 405 -29.95 29.50 -8.06
N GLN D 406 -30.95 28.64 -7.91
CA GLN D 406 -31.28 28.06 -6.61
C GLN D 406 -31.28 26.53 -6.56
N SER D 407 -31.15 25.90 -7.72
CA SER D 407 -31.10 24.43 -7.82
C SER D 407 -30.42 24.03 -9.11
N LEU D 408 -29.10 23.90 -9.05
CA LEU D 408 -28.28 23.58 -10.21
C LEU D 408 -28.30 22.11 -10.63
N ARG D 409 -28.50 21.89 -11.93
CA ARG D 409 -28.45 20.55 -12.49
C ARG D 409 -27.01 20.21 -12.83
N VAL D 410 -26.55 19.06 -12.38
CA VAL D 410 -25.18 18.68 -12.60
C VAL D 410 -25.05 17.41 -13.43
N ASP D 411 -23.82 17.14 -13.88
CA ASP D 411 -23.52 15.94 -14.67
C ASP D 411 -22.02 15.80 -14.85
N GLY D 412 -21.58 14.65 -15.36
CA GLY D 412 -20.16 14.39 -15.55
C GLY D 412 -19.71 13.18 -14.77
N GLY D 413 -18.43 12.85 -14.88
CA GLY D 413 -17.88 11.69 -14.21
C GLY D 413 -17.90 11.77 -12.70
N ALA D 414 -17.47 12.91 -12.18
CA ALA D 414 -17.36 13.09 -10.73
C ALA D 414 -18.70 13.28 -9.99
N VAL D 415 -19.79 13.50 -10.70
CA VAL D 415 -21.06 13.78 -10.04
C VAL D 415 -21.64 12.61 -9.26
N LYS D 416 -21.06 11.43 -9.41
CA LYS D 416 -21.54 10.26 -8.68
C LYS D 416 -20.92 10.17 -7.30
N ASN D 417 -19.99 11.08 -7.00
CA ASN D 417 -19.34 11.15 -5.70
C ASN D 417 -20.21 12.01 -4.79
N ASN D 418 -20.93 11.36 -3.88
CA ASN D 418 -21.89 12.04 -2.99
C ASN D 418 -21.33 13.16 -2.14
N PHE D 419 -20.13 12.96 -1.60
CA PHE D 419 -19.50 14.01 -0.77
C PHE D 419 -19.32 15.30 -1.56
N ILE D 420 -18.86 15.17 -2.79
CA ILE D 420 -18.66 16.31 -3.65
C ILE D 420 -19.97 17.05 -3.89
N GLN D 422 -22.82 16.92 -1.88
CA GLN D 422 -23.34 17.51 -0.65
C GLN D 422 -22.54 18.76 -0.27
N PHE D 423 -21.21 18.66 -0.37
CA PHE D 423 -20.36 19.79 -0.01
C PHE D 423 -20.59 20.95 -0.96
N GLN D 424 -20.95 20.63 -2.19
CA GLN D 424 -21.23 21.65 -3.17
C GLN D 424 -22.52 22.36 -2.80
N ALA D 425 -23.52 21.58 -2.40
CA ALA D 425 -24.81 22.12 -1.99
C ALA D 425 -24.60 23.04 -0.79
N ASP D 426 -23.83 22.56 0.17
CA ASP D 426 -23.54 23.30 1.37
C ASP D 426 -22.79 24.62 1.07
N ILE D 427 -21.60 24.49 0.48
CA ILE D 427 -20.74 25.65 0.22
C ILE D 427 -21.41 26.77 -0.59
N VAL D 428 -22.43 26.43 -1.37
CA VAL D 428 -23.13 27.42 -2.19
C VAL D 428 -24.51 27.79 -1.65
N ASN D 429 -25.03 26.97 -0.74
CA ASN D 429 -26.35 27.20 -0.16
C ASN D 429 -27.43 27.07 -1.24
N THR D 430 -27.29 26.05 -2.07
CA THR D 430 -28.22 25.80 -3.15
C THR D 430 -28.40 24.29 -3.31
N SER D 431 -29.55 23.87 -3.80
CA SER D 431 -29.80 22.46 -4.01
C SER D 431 -29.12 22.01 -5.28
N VAL D 432 -28.61 20.78 -5.27
CA VAL D 432 -27.95 20.22 -6.44
C VAL D 432 -28.76 19.01 -6.90
N GLU D 433 -29.17 19.02 -8.17
CA GLU D 433 -29.96 17.94 -8.71
C GLU D 433 -29.13 17.06 -9.66
N ARG D 434 -29.02 15.78 -9.31
CA ARG D 434 -28.28 14.82 -10.11
C ARG D 434 -29.26 13.94 -10.88
N PRO D 435 -29.07 13.84 -12.21
CA PRO D 435 -29.94 13.09 -13.09
C PRO D 435 -29.74 11.59 -13.00
N GLU D 436 -30.69 10.85 -13.57
CA GLU D 436 -30.65 9.40 -13.60
C GLU D 436 -29.59 9.00 -14.63
N ILE D 437 -29.64 9.63 -15.79
CA ILE D 437 -28.63 9.44 -16.83
C ILE D 437 -27.71 10.64 -16.71
N GLN D 438 -26.49 10.39 -16.23
CA GLN D 438 -25.54 11.44 -15.98
C GLN D 438 -24.68 11.74 -17.20
N GLU D 439 -24.69 10.83 -18.18
CA GLU D 439 -23.95 11.04 -19.45
C GLU D 439 -24.74 11.92 -20.39
N THR D 440 -24.99 13.15 -19.97
CA THR D 440 -25.77 14.11 -20.76
C THR D 440 -25.04 14.59 -22.03
N THR D 441 -23.72 14.69 -21.97
CA THR D 441 -22.92 15.07 -23.15
C THR D 441 -23.25 14.09 -24.28
N ALA D 442 -23.13 12.80 -23.97
CA ALA D 442 -23.42 11.76 -24.95
C ALA D 442 -24.83 11.89 -25.46
N LEU D 443 -25.77 11.95 -24.51
CA LEU D 443 -27.20 12.08 -24.81
C LEU D 443 -27.46 13.28 -25.70
N GLY D 444 -26.87 14.42 -25.33
CA GLY D 444 -27.01 15.64 -26.11
C GLY D 444 -26.61 15.42 -27.57
N ALA D 445 -25.37 14.97 -27.79
CA ALA D 445 -24.89 14.75 -29.14
C ALA D 445 -25.77 13.75 -29.87
N ALA D 446 -26.22 12.72 -29.16
CA ALA D 446 -27.11 11.70 -29.74
C ALA D 446 -28.38 12.35 -30.31
N PHE D 447 -28.93 13.33 -29.60
CA PHE D 447 -30.12 14.03 -30.08
C PHE D 447 -29.85 14.95 -31.26
N LEU D 448 -28.73 15.66 -31.25
CA LEU D 448 -28.42 16.53 -32.37
C LEU D 448 -28.44 15.68 -33.64
N ALA D 449 -27.98 14.44 -33.53
CA ALA D 449 -27.97 13.52 -34.66
C ALA D 449 -29.35 12.93 -34.90
N GLY D 450 -29.94 12.34 -33.85
CA GLY D 450 -31.25 11.73 -33.96
C GLY D 450 -32.28 12.65 -34.59
N LEU D 451 -32.25 13.91 -34.18
CA LEU D 451 -33.16 14.90 -34.73
C LEU D 451 -32.85 15.18 -36.21
N ALA D 452 -31.57 15.26 -36.54
CA ALA D 452 -31.14 15.53 -37.92
C ALA D 452 -31.55 14.44 -38.90
N VAL D 453 -31.67 13.20 -38.41
CA VAL D 453 -32.07 12.09 -39.26
C VAL D 453 -33.50 11.62 -38.96
N GLY D 454 -34.21 12.38 -38.13
CA GLY D 454 -35.60 12.07 -37.82
C GLY D 454 -35.82 10.89 -36.90
N PHE D 455 -34.84 10.56 -36.07
CA PHE D 455 -34.97 9.45 -35.11
C PHE D 455 -35.93 9.91 -34.01
N TRP D 456 -35.92 11.21 -33.74
CA TRP D 456 -36.83 11.84 -32.80
C TRP D 456 -37.45 13.03 -33.51
N GLU D 457 -38.72 13.29 -33.25
CA GLU D 457 -39.42 14.40 -33.89
C GLU D 457 -39.12 15.75 -33.25
N SER D 458 -38.95 15.76 -31.93
CA SER D 458 -38.73 17.00 -31.20
C SER D 458 -37.74 16.86 -30.05
N LYS D 459 -36.99 17.93 -29.79
CA LYS D 459 -35.98 17.95 -28.74
C LYS D 459 -36.61 17.81 -27.34
N ASP D 460 -37.88 18.16 -27.22
CA ASP D 460 -38.58 18.08 -25.91
C ASP D 460 -38.56 16.69 -25.28
N ASP D 461 -38.38 15.64 -26.08
CA ASP D 461 -38.31 14.28 -25.55
C ASP D 461 -37.24 14.20 -24.46
N ILE D 462 -36.25 15.07 -24.61
CA ILE D 462 -35.13 15.14 -23.68
C ILE D 462 -35.57 15.71 -22.33
N ALA D 463 -36.33 16.80 -22.36
CA ALA D 463 -36.83 17.43 -21.14
C ALA D 463 -37.77 16.48 -20.42
N LYS D 464 -38.57 15.75 -21.20
CA LYS D 464 -39.53 14.82 -20.63
C LYS D 464 -38.88 13.58 -20.02
N ASN D 465 -37.84 13.07 -20.65
CA ASN D 465 -37.17 11.86 -20.13
C ASN D 465 -36.25 12.13 -18.93
N TRP D 466 -35.80 13.36 -18.76
CA TRP D 466 -34.91 13.70 -17.66
C TRP D 466 -35.50 13.23 -16.32
N LYS D 467 -34.77 12.38 -15.63
CA LYS D 467 -35.24 11.84 -14.36
C LYS D 467 -34.26 12.20 -13.24
N LEU D 468 -34.79 12.79 -12.16
CA LEU D 468 -33.94 13.16 -11.03
C LEU D 468 -33.55 11.92 -10.22
N GLU D 469 -32.25 11.66 -10.13
CA GLU D 469 -31.73 10.52 -9.38
C GLU D 469 -31.63 10.88 -7.89
N GLU D 470 -31.16 12.09 -7.60
CA GLU D 470 -31.07 12.55 -6.22
C GLU D 470 -30.73 14.02 -6.11
N LYS D 471 -31.46 14.71 -5.23
CA LYS D 471 -31.24 16.12 -4.97
C LYS D 471 -30.42 16.24 -3.69
N PHE D 472 -29.67 17.33 -3.59
CA PHE D 472 -28.84 17.57 -2.41
C PHE D 472 -29.18 18.96 -1.85
N ASP D 473 -29.56 19.00 -0.58
CA ASP D 473 -29.94 20.25 0.07
C ASP D 473 -28.85 20.77 0.99
N PRO D 474 -28.65 22.10 1.03
CA PRO D 474 -27.64 22.69 1.89
C PRO D 474 -27.84 22.35 3.36
N LYS D 475 -26.75 22.06 4.04
CA LYS D 475 -26.78 21.71 5.46
C LYS D 475 -25.52 22.27 6.12
N ASP D 477 -24.72 26.24 8.14
CA ASP D 477 -25.01 27.65 8.39
C ASP D 477 -23.95 28.58 7.78
N GLU D 478 -24.35 29.84 7.56
CA GLU D 478 -23.45 30.84 6.99
C GLU D 478 -22.14 30.87 7.76
N GLY D 479 -22.24 30.95 9.08
CA GLY D 479 -21.06 30.99 9.92
C GLY D 479 -19.90 30.23 9.32
N GLU D 480 -20.05 28.92 9.19
CA GLU D 480 -19.00 28.08 8.66
C GLU D 480 -18.81 28.27 7.16
N ARG D 481 -19.92 28.41 6.44
CA ARG D 481 -19.87 28.55 4.98
C ARG D 481 -18.90 29.63 4.54
N GLU D 482 -19.13 30.85 4.99
CA GLU D 482 -18.31 31.96 4.54
C GLU D 482 -16.92 31.90 5.11
N LYS D 483 -16.77 31.25 6.24
CA LYS D 483 -15.44 31.08 6.78
C LYS D 483 -14.60 30.27 5.79
N LEU D 484 -15.11 29.10 5.44
CA LEU D 484 -14.43 28.23 4.50
C LEU D 484 -14.14 28.95 3.19
N TYR D 485 -15.14 29.64 2.65
CA TYR D 485 -14.97 30.34 1.39
C TYR D 485 -13.97 31.48 1.54
N ARG D 486 -14.09 32.21 2.64
CA ARG D 486 -13.17 33.29 2.92
C ARG D 486 -11.74 32.77 2.79
N GLY D 487 -11.50 31.56 3.30
CA GLY D 487 -10.16 30.96 3.26
C GLY D 487 -9.74 30.52 1.88
N TRP D 488 -10.67 29.93 1.14
CA TRP D 488 -10.42 29.52 -0.22
C TRP D 488 -9.88 30.69 -1.02
N LYS D 489 -10.56 31.83 -0.89
CA LYS D 489 -10.14 33.03 -1.59
C LYS D 489 -8.72 33.39 -1.22
N LYS D 490 -8.39 33.38 0.07
CA LYS D 490 -7.01 33.69 0.46
C LYS D 490 -6.04 32.70 -0.21
N ALA D 491 -6.41 31.42 -0.22
CA ALA D 491 -5.59 30.40 -0.85
C ALA D 491 -5.35 30.73 -2.31
N VAL D 492 -6.37 31.23 -2.99
CA VAL D 492 -6.23 31.56 -4.41
C VAL D 492 -5.35 32.79 -4.64
N GLU D 493 -5.37 33.75 -3.72
CA GLU D 493 -4.51 34.91 -3.84
C GLU D 493 -3.07 34.44 -3.74
N ALA D 494 -2.76 33.77 -2.63
CA ALA D 494 -1.42 33.28 -2.39
C ALA D 494 -0.89 32.54 -3.61
N THR D 495 -1.77 31.76 -4.24
CA THR D 495 -1.38 31.01 -5.42
C THR D 495 -0.82 31.95 -6.47
N GLN D 496 -1.59 32.98 -6.78
CA GLN D 496 -1.20 33.95 -7.79
C GLN D 496 0.12 34.69 -7.46
N VAL D 497 0.49 34.72 -6.19
CA VAL D 497 1.71 35.40 -5.80
C VAL D 497 2.95 34.62 -6.25
N PHE D 498 2.83 33.29 -6.28
CA PHE D 498 3.95 32.47 -6.69
C PHE D 498 4.09 32.40 -8.20
N LYS D 499 5.03 33.17 -8.73
CA LYS D 499 5.33 33.21 -10.14
C LYS D 499 6.79 33.53 -10.33
N THR D 500 7.40 32.93 -11.35
CA THR D 500 8.82 33.11 -11.61
C THR D 500 9.06 33.69 -13.00
#